data_5I0I
#
_entry.id   5I0I
#
_cell.length_a   113.950
_cell.length_b   173.410
_cell.length_c   178.750
_cell.angle_alpha   90.00
_cell.angle_beta   90.00
_cell.angle_gamma   90.00
#
_symmetry.space_group_name_H-M   'P 21 21 21'
#
loop_
_entity.id
_entity.type
_entity.pdbx_description
1 polymer 'Unconventional myosin-X'
2 polymer Calmodulin
3 polymer Calmodulin
4 polymer Calmodulin
5 polymer Calmodulin
6 non-polymer '3[N-MORPHOLINO]PROPANE SULFONIC ACID'
7 non-polymer 'MAGNESIUM ION'
8 non-polymer 'VANADATE ION'
9 non-polymer "ADENOSINE-5'-DIPHOSPHATE"
10 non-polymer 'SULFATE ION'
11 water water
#
loop_
_entity_poly.entity_id
_entity_poly.type
_entity_poly.pdbx_seq_one_letter_code
_entity_poly.pdbx_strand_id
1 'polypeptide(L)'
;NFFTEGTRVWLRENGQHFPSTVNSCAEGIVVFRTDYGQVFTYKQSTITHQKVTAMHPTNEEGVDDMASLTELHGGSIMYN
LFQRYKRNQIYTYIGSILASVNPYQPIAGLYEPATMEQYSRRHLGELPPHIFAIANECYRCLWKRHDNQCILISGESGAG
KTESTKLILKFLSVISQQSLELSLKEKTSCVERAILESSPIMEAFGNAKTVYNNNSSRFGKFVQLNICQKGNIQGGRIVD
YLLEKNRVVRQNPGERNYHIFYALLAGLEHEEREEFYLSTPENYHYLNQSGCVEDKTISDQESFREVITAMDVMQFSKEE
VREVSRLLAGILHLGNIEFITAGGAQVSFKTALGRSAELLGLDPTQLTDALTQRSMFLRGEEILTPLNVQQAVDSRDSLA
MALYACCFEWVIKKINSRIKGNEDFKSIGILDIFGFENFEVNHFEQFNINYANEKLQEYFNKHIFSLEQLEYSREGLVWE
DIDWIDNGECLDLIEKKLGLLALINEESHFPQATDSTLLEKLHSQHANNHFYVKPRVAVNNFGVKHYAGEVQYDVRGILE
KNRDTFRDDLLNLLRESRFDFIYDLFEHVSSRNNQDTLKCGSKHRRPTVSSQFKDSLHSLMATLSSSNPFFVRCIKPNMQ
KMPDQFDQAVVLNQLRYSGMLETVRIRKAGYAVRRPFQDFYKRYKVLMRNLALPEDVRGKCTSLLQLYDASNSEWQLGKT
KVFLRESLEQKLEKRREEEVSHAAMVIRAHVLGFLARKQYRKVLYCVVIIQKNYRAFLLRRRFLHLKKAAI
;
A,B
2 'polypeptide(L)'
;DQLTEEQIAEFKEAFSLFDKDGDGTITTKELGTVMRSLGQNPTEAELQDMINEVDADGNGTIDFPEFLTMMARKMKDTDS
EEEIREAFRVFDKDGNGYISAAELRHVMTNLGEKLTDEEVDEMIREADIDGDGQVNYEEFVQMMT
;
C
3 'polypeptide(L)'
;DQLTEEQIAEFKEAFSLADKDGDGTITTKELGTVMRSLGQNPTEAELQDMINEVDADGNGTIDFPEFLTMMARKMKDTDS
EEEIREAFRVFDKDGNGYISAAELRHVMTNLGEKLTDEEVDEMIREADIDGDGQVNYEEFVQMMT
;
E
4 'polypeptide(L)' EEIREAFRVFDKDGNGYISAAELRHVMTNLGEKLTDEEVDEMI G
5 'polypeptide(L)' EEIREAFRVFDKDGNGYISAAELRHVMTNLGEKLTDEEVDEMIREADIDGDGQVNYEEFVQMMT I
#
# COMPACT_ATOMS: atom_id res chain seq x y z
N ASN A 1 -49.98 31.10 -30.12
CA ASN A 1 -49.55 29.70 -30.00
C ASN A 1 -49.99 28.82 -31.20
N PHE A 2 -50.36 29.46 -32.33
CA PHE A 2 -50.78 28.78 -33.55
C PHE A 2 -49.57 28.42 -34.41
N PHE A 3 -49.54 27.18 -34.91
CA PHE A 3 -48.47 26.67 -35.76
C PHE A 3 -49.08 25.96 -36.96
N THR A 4 -48.60 26.31 -38.15
CA THR A 4 -49.07 25.79 -39.44
C THR A 4 -48.71 24.31 -39.65
N GLU A 5 -49.42 23.63 -40.58
CA GLU A 5 -49.21 22.22 -40.93
C GLU A 5 -47.74 21.98 -41.30
N GLY A 6 -47.15 20.91 -40.76
CA GLY A 6 -45.76 20.56 -41.00
C GLY A 6 -44.76 21.15 -40.02
N THR A 7 -45.19 22.11 -39.16
CA THR A 7 -44.29 22.75 -38.18
C THR A 7 -43.80 21.74 -37.13
N ARG A 8 -42.48 21.77 -36.83
CA ARG A 8 -41.84 20.93 -35.82
C ARG A 8 -41.98 21.62 -34.47
N VAL A 9 -42.68 20.97 -33.53
CA VAL A 9 -42.97 21.53 -32.19
C VAL A 9 -42.72 20.54 -31.06
N TRP A 10 -42.56 21.07 -29.83
CA TRP A 10 -42.51 20.26 -28.63
C TRP A 10 -43.92 20.37 -28.06
N LEU A 11 -44.60 19.23 -27.94
CA LEU A 11 -45.92 19.20 -27.39
C LEU A 11 -45.84 18.67 -25.97
N ARG A 12 -46.23 19.52 -25.00
CA ARG A 12 -46.21 19.14 -23.59
C ARG A 12 -47.46 18.35 -23.29
N GLU A 13 -47.31 17.05 -23.12
CA GLU A 13 -48.49 16.26 -22.86
C GLU A 13 -48.14 15.55 -21.65
N ASN A 14 -48.65 16.32 -20.66
CA ASN A 14 -48.55 16.41 -19.21
C ASN A 14 -48.00 15.12 -18.68
N GLY A 15 -46.68 15.23 -18.58
CA GLY A 15 -45.71 14.24 -18.20
C GLY A 15 -44.39 14.58 -18.87
N GLN A 16 -44.42 14.99 -20.17
CA GLN A 16 -43.20 15.26 -20.94
C GLN A 16 -43.39 16.10 -22.18
N HIS A 17 -42.26 16.51 -22.82
CA HIS A 17 -42.27 17.23 -24.09
C HIS A 17 -42.06 16.23 -25.21
N PHE A 18 -43.06 16.11 -26.10
CA PHE A 18 -43.02 15.19 -27.24
C PHE A 18 -42.52 15.87 -28.51
N PRO A 19 -41.51 15.25 -29.20
CA PRO A 19 -41.07 15.79 -30.49
C PRO A 19 -42.20 15.51 -31.47
N SER A 20 -42.81 16.57 -32.01
CA SER A 20 -44.01 16.42 -32.83
C SER A 20 -44.04 17.28 -34.08
N THR A 21 -45.00 16.96 -34.97
CA THR A 21 -45.27 17.71 -36.19
C THR A 21 -46.75 18.10 -36.18
N VAL A 22 -47.09 19.33 -36.65
CA VAL A 22 -48.49 19.75 -36.77
C VAL A 22 -49.05 18.98 -37.98
N ASN A 23 -49.98 18.05 -37.71
CA ASN A 23 -50.61 17.21 -38.75
C ASN A 23 -51.72 17.96 -39.51
N SER A 24 -52.56 18.73 -38.78
CA SER A 24 -53.66 19.53 -39.34
C SER A 24 -54.08 20.63 -38.36
N CYS A 25 -54.55 21.76 -38.91
CA CYS A 25 -55.06 22.91 -38.17
C CYS A 25 -56.22 23.54 -38.95
N ALA A 26 -57.44 23.01 -38.72
CA ALA A 26 -58.69 23.42 -39.37
C ALA A 26 -59.89 23.24 -38.44
N GLU A 27 -60.94 24.07 -38.63
CA GLU A 27 -62.21 24.06 -37.87
C GLU A 27 -62.03 24.21 -36.34
N GLY A 28 -60.98 24.95 -35.94
CA GLY A 28 -60.63 25.18 -34.54
C GLY A 28 -60.05 23.97 -33.82
N ILE A 29 -59.61 22.95 -34.58
CA ILE A 29 -59.01 21.71 -34.07
C ILE A 29 -57.56 21.65 -34.56
N VAL A 30 -56.65 21.24 -33.66
CA VAL A 30 -55.25 21.03 -34.02
C VAL A 30 -54.88 19.59 -33.69
N VAL A 31 -54.26 18.90 -34.66
CA VAL A 31 -53.80 17.51 -34.51
C VAL A 31 -52.28 17.49 -34.60
N PHE A 32 -51.62 16.85 -33.61
CA PHE A 32 -50.17 16.69 -33.56
C PHE A 32 -49.82 15.22 -33.66
N ARG A 33 -48.77 14.89 -34.44
CA ARG A 33 -48.26 13.52 -34.57
C ARG A 33 -46.84 13.50 -34.01
N THR A 34 -46.59 12.67 -32.97
CA THR A 34 -45.27 12.60 -32.33
C THR A 34 -44.34 11.70 -33.16
N ASP A 35 -43.03 11.86 -32.99
CA ASP A 35 -42.03 11.01 -33.65
C ASP A 35 -42.06 9.57 -33.11
N TYR A 36 -42.81 9.34 -32.01
CA TYR A 36 -42.99 8.02 -31.43
C TYR A 36 -44.31 7.34 -31.90
N GLY A 37 -45.01 7.99 -32.83
CA GLY A 37 -46.23 7.49 -33.45
C GLY A 37 -47.55 7.82 -32.79
N GLN A 38 -47.53 8.66 -31.75
CA GLN A 38 -48.77 9.02 -31.03
C GLN A 38 -49.46 10.19 -31.70
N VAL A 39 -50.80 10.16 -31.70
CA VAL A 39 -51.59 11.23 -32.27
C VAL A 39 -52.39 11.88 -31.15
N PHE A 40 -52.22 13.20 -30.99
CA PHE A 40 -52.92 13.97 -29.98
C PHE A 40 -53.73 15.09 -30.65
N THR A 41 -55.02 15.18 -30.29
CA THR A 41 -55.99 16.14 -30.84
C THR A 41 -56.48 17.13 -29.78
N TYR A 42 -56.54 18.44 -30.11
CA TYR A 42 -56.98 19.47 -29.17
C TYR A 42 -57.80 20.55 -29.84
N LYS A 43 -58.56 21.30 -29.04
CA LYS A 43 -59.28 22.50 -29.48
C LYS A 43 -58.17 23.55 -29.52
N GLN A 44 -58.02 24.29 -30.64
CA GLN A 44 -56.96 25.29 -30.82
C GLN A 44 -56.94 26.36 -29.70
N SER A 45 -58.12 26.74 -29.19
CA SER A 45 -58.27 27.71 -28.09
C SER A 45 -57.54 27.29 -26.80
N THR A 46 -57.44 25.95 -26.55
CA THR A 46 -56.79 25.37 -25.35
C THR A 46 -55.25 25.36 -25.45
N ILE A 47 -54.70 25.61 -26.64
CA ILE A 47 -53.27 25.61 -26.84
C ILE A 47 -52.68 26.93 -26.43
N THR A 48 -51.76 26.86 -25.47
CA THR A 48 -51.05 28.04 -25.03
C THR A 48 -49.58 27.77 -25.20
N HIS A 49 -48.72 28.81 -25.04
CA HIS A 49 -47.27 28.66 -25.14
C HIS A 49 -46.92 27.67 -24.05
N GLN A 50 -46.28 26.56 -24.49
CA GLN A 50 -45.98 25.34 -23.75
C GLN A 50 -47.17 25.02 -22.82
N LYS A 51 -48.25 24.36 -23.26
CA LYS A 51 -48.57 23.31 -24.22
C LYS A 51 -47.65 23.14 -25.42
N VAL A 52 -47.43 24.17 -26.23
CA VAL A 52 -46.69 24.01 -27.48
C VAL A 52 -45.62 25.07 -27.68
N THR A 53 -44.43 24.64 -28.14
CA THR A 53 -43.29 25.51 -28.43
C THR A 53 -42.62 25.05 -29.69
N ALA A 54 -42.02 25.94 -30.44
CA ALA A 54 -41.34 25.54 -31.65
C ALA A 54 -40.08 24.75 -31.30
N MET A 55 -39.79 23.72 -32.12
CA MET A 55 -38.62 22.85 -32.03
C MET A 55 -37.48 23.56 -32.77
N HIS A 56 -36.33 23.75 -32.10
CA HIS A 56 -35.10 24.40 -32.59
C HIS A 56 -34.64 23.80 -33.91
N PRO A 57 -33.77 24.46 -34.71
CA PRO A 57 -33.39 23.84 -36.00
C PRO A 57 -32.67 22.51 -35.84
N THR A 58 -33.29 21.45 -36.42
CA THR A 58 -32.97 20.02 -36.59
C THR A 58 -32.48 19.25 -35.29
N ASN A 59 -31.95 20.00 -34.31
CA ASN A 59 -31.47 19.62 -32.99
C ASN A 59 -30.24 18.63 -32.94
N GLU A 60 -29.37 18.43 -33.99
CA GLU A 60 -29.31 18.88 -35.40
C GLU A 60 -29.18 17.67 -36.42
N GLU A 61 -29.09 16.44 -35.84
CA GLU A 61 -28.82 15.06 -36.32
C GLU A 61 -28.17 14.50 -35.02
N GLY A 62 -28.32 15.33 -34.00
CA GLY A 62 -27.84 15.17 -32.66
C GLY A 62 -26.80 16.23 -32.32
N VAL A 63 -26.48 16.34 -31.02
CA VAL A 63 -25.43 17.19 -30.45
C VAL A 63 -24.51 16.25 -29.64
N ASP A 64 -23.18 16.40 -29.76
CA ASP A 64 -22.18 15.61 -29.05
C ASP A 64 -22.14 15.89 -27.57
N ASP A 65 -22.34 17.15 -27.18
CA ASP A 65 -22.35 17.56 -25.77
C ASP A 65 -23.69 18.14 -25.48
N MET A 66 -24.42 17.58 -24.53
CA MET A 66 -25.76 18.03 -24.25
C MET A 66 -25.83 19.41 -23.61
N ALA A 67 -24.68 19.96 -23.17
CA ALA A 67 -24.63 21.34 -22.68
C ALA A 67 -24.92 22.32 -23.87
N SER A 68 -24.77 21.84 -25.13
CA SER A 68 -25.03 22.60 -26.36
C SER A 68 -26.51 22.66 -26.68
N LEU A 69 -27.36 21.88 -26.00
CA LEU A 69 -28.80 21.86 -26.32
C LEU A 69 -29.43 23.23 -26.10
N THR A 70 -30.35 23.63 -27.00
CA THR A 70 -31.08 24.90 -26.93
C THR A 70 -32.28 24.76 -25.99
N GLU A 71 -33.04 23.66 -26.17
CA GLU A 71 -34.19 23.34 -25.35
C GLU A 71 -33.76 22.36 -24.26
N LEU A 72 -33.92 22.75 -23.00
CA LEU A 72 -33.50 21.86 -21.93
C LEU A 72 -34.63 21.31 -21.12
N HIS A 73 -35.02 20.12 -21.50
CA HIS A 73 -36.02 19.30 -20.83
C HIS A 73 -35.78 17.84 -21.11
N GLY A 74 -36.46 16.95 -20.39
CA GLY A 74 -36.33 15.51 -20.56
C GLY A 74 -36.56 15.02 -21.99
N GLY A 75 -37.59 15.58 -22.61
CA GLY A 75 -37.94 15.27 -23.99
C GLY A 75 -36.81 15.56 -24.95
N SER A 76 -36.19 16.74 -24.79
CA SER A 76 -35.08 17.21 -25.60
C SER A 76 -33.87 16.30 -25.41
N ILE A 77 -33.49 16.03 -24.15
CA ILE A 77 -32.34 15.18 -23.80
C ILE A 77 -32.51 13.80 -24.41
N MET A 78 -33.71 13.19 -24.23
CA MET A 78 -33.97 11.85 -24.77
C MET A 78 -33.91 11.83 -26.29
N TYR A 79 -34.51 12.83 -26.95
CA TYR A 79 -34.52 12.89 -28.41
C TYR A 79 -33.09 12.94 -28.96
N ASN A 80 -32.21 13.68 -28.28
CA ASN A 80 -30.82 13.75 -28.66
C ASN A 80 -30.20 12.35 -28.61
N LEU A 81 -30.43 11.61 -27.52
CA LEU A 81 -29.88 10.27 -27.37
C LEU A 81 -30.41 9.31 -28.41
N PHE A 82 -31.71 9.46 -28.73
CA PHE A 82 -32.44 8.64 -29.69
C PHE A 82 -31.89 8.78 -31.08
N GLN A 83 -31.75 10.02 -31.54
CA GLN A 83 -31.22 10.33 -32.87
C GLN A 83 -29.81 9.75 -33.04
N ARG A 84 -29.00 9.89 -32.04
CA ARG A 84 -27.64 9.37 -32.02
C ARG A 84 -27.67 7.82 -31.98
N TYR A 85 -28.56 7.21 -31.11
CA TYR A 85 -28.67 5.75 -30.99
C TYR A 85 -28.99 5.14 -32.35
N LYS A 86 -29.93 5.78 -33.10
CA LYS A 86 -30.38 5.35 -34.45
C LYS A 86 -29.24 5.25 -35.45
N ARG A 87 -28.17 6.04 -35.28
CA ARG A 87 -27.01 6.00 -36.18
C ARG A 87 -25.79 5.33 -35.53
N ASN A 88 -26.02 4.54 -34.47
CA ASN A 88 -25.00 3.80 -33.74
C ASN A 88 -23.98 4.69 -33.05
N GLN A 89 -24.42 5.89 -32.67
CA GLN A 89 -23.61 6.76 -31.82
C GLN A 89 -24.18 6.57 -30.41
N ILE A 90 -23.57 5.64 -29.65
CA ILE A 90 -24.07 5.29 -28.31
C ILE A 90 -23.57 6.22 -27.21
N TYR A 91 -22.59 7.07 -27.51
CA TYR A 91 -21.98 7.95 -26.55
C TYR A 91 -22.34 9.41 -26.74
N THR A 92 -22.64 10.09 -25.64
CA THR A 92 -22.96 11.52 -25.64
C THR A 92 -22.35 12.14 -24.38
N TYR A 93 -21.75 13.32 -24.49
CA TYR A 93 -21.20 13.99 -23.31
C TYR A 93 -22.18 14.92 -22.66
N ILE A 94 -21.94 15.20 -21.39
CA ILE A 94 -22.60 16.22 -20.60
C ILE A 94 -21.38 16.83 -19.91
N GLY A 95 -20.68 17.68 -20.65
CA GLY A 95 -19.41 18.16 -20.15
C GLY A 95 -18.46 16.97 -20.21
N SER A 96 -17.78 16.65 -19.09
CA SER A 96 -16.88 15.49 -19.07
C SER A 96 -17.60 14.23 -18.53
N ILE A 97 -18.94 14.32 -18.32
CA ILE A 97 -19.72 13.17 -17.88
C ILE A 97 -20.11 12.44 -19.18
N LEU A 98 -20.16 11.12 -19.15
CA LEU A 98 -20.47 10.36 -20.34
C LEU A 98 -21.75 9.59 -20.21
N ALA A 99 -22.65 9.69 -21.20
CA ALA A 99 -23.87 8.90 -21.26
C ALA A 99 -23.57 7.79 -22.29
N SER A 100 -23.93 6.54 -21.97
CA SER A 100 -23.68 5.38 -22.82
C SER A 100 -24.99 4.59 -22.94
N VAL A 101 -25.57 4.48 -24.15
CA VAL A 101 -26.80 3.71 -24.36
C VAL A 101 -26.39 2.35 -24.91
N ASN A 102 -26.67 1.26 -24.17
CA ASN A 102 -26.30 -0.09 -24.57
C ASN A 102 -26.81 -0.44 -25.96
N PRO A 103 -25.91 -0.69 -26.95
CA PRO A 103 -26.42 -1.02 -28.30
C PRO A 103 -26.95 -2.45 -28.45
N TYR A 104 -26.53 -3.37 -27.55
CA TYR A 104 -26.87 -4.78 -27.55
C TYR A 104 -26.48 -5.45 -28.85
N GLN A 105 -25.38 -4.96 -29.47
CA GLN A 105 -24.85 -5.48 -30.73
C GLN A 105 -23.49 -4.90 -31.01
N PRO A 106 -22.65 -5.61 -31.80
CA PRO A 106 -21.37 -5.02 -32.21
C PRO A 106 -21.60 -3.89 -33.23
N ILE A 107 -20.78 -2.84 -33.11
CA ILE A 107 -20.77 -1.66 -33.97
C ILE A 107 -19.36 -1.68 -34.58
N ALA A 108 -19.28 -1.97 -35.90
CA ALA A 108 -18.03 -2.09 -36.63
C ALA A 108 -17.11 -0.89 -36.43
N GLY A 109 -15.87 -1.20 -36.02
CA GLY A 109 -14.81 -0.22 -35.82
C GLY A 109 -14.80 0.55 -34.51
N LEU A 110 -15.92 0.54 -33.77
CA LEU A 110 -16.07 1.33 -32.55
C LEU A 110 -14.98 1.10 -31.50
N TYR A 111 -14.59 -0.16 -31.26
CA TYR A 111 -13.60 -0.45 -30.22
C TYR A 111 -12.30 -1.07 -30.71
N GLU A 112 -12.04 -0.95 -32.01
CA GLU A 112 -10.83 -1.49 -32.64
C GLU A 112 -9.55 -0.81 -32.13
N PRO A 113 -8.39 -1.49 -32.13
CA PRO A 113 -7.14 -0.84 -31.66
C PRO A 113 -6.74 0.44 -32.42
N ALA A 114 -7.09 0.54 -33.73
CA ALA A 114 -6.86 1.73 -34.54
C ALA A 114 -7.63 2.94 -33.95
N THR A 115 -8.87 2.69 -33.42
CA THR A 115 -9.70 3.71 -32.77
C THR A 115 -9.08 4.10 -31.46
N MET A 116 -8.58 3.12 -30.70
CA MET A 116 -7.91 3.41 -29.42
C MET A 116 -6.72 4.34 -29.63
N GLU A 117 -5.92 4.09 -30.67
CA GLU A 117 -4.75 4.92 -31.00
C GLU A 117 -5.19 6.34 -31.32
N GLN A 118 -6.23 6.49 -32.16
CA GLN A 118 -6.77 7.79 -32.55
C GLN A 118 -7.18 8.62 -31.32
N TYR A 119 -7.90 8.00 -30.35
CA TYR A 119 -8.32 8.67 -29.13
C TYR A 119 -7.18 9.03 -28.19
N SER A 120 -6.11 8.21 -28.16
CA SER A 120 -4.95 8.46 -27.30
C SER A 120 -4.18 9.72 -27.70
N ARG A 121 -4.34 10.18 -28.94
CA ARG A 121 -3.56 11.30 -29.44
C ARG A 121 -4.36 12.60 -29.57
N ARG A 122 -5.62 12.60 -29.09
CA ARG A 122 -6.50 13.78 -29.17
C ARG A 122 -7.00 14.22 -27.79
N HIS A 123 -7.53 15.46 -27.72
CA HIS A 123 -8.13 16.04 -26.53
C HIS A 123 -9.62 15.75 -26.54
N LEU A 124 -10.21 15.84 -25.35
CA LEU A 124 -11.64 15.60 -25.16
C LEU A 124 -12.44 16.59 -26.01
N GLY A 125 -13.29 16.08 -26.87
CA GLY A 125 -14.08 16.94 -27.76
C GLY A 125 -13.59 17.07 -29.18
N GLU A 126 -12.32 16.68 -29.46
CA GLU A 126 -11.75 16.73 -30.82
C GLU A 126 -12.30 15.62 -31.73
N LEU A 127 -12.74 14.50 -31.15
CA LEU A 127 -13.30 13.37 -31.88
C LEU A 127 -14.74 13.12 -31.37
N PRO A 128 -15.53 12.20 -32.01
CA PRO A 128 -16.89 11.93 -31.51
C PRO A 128 -16.86 11.41 -30.06
N PRO A 129 -17.91 11.66 -29.23
CA PRO A 129 -17.88 11.13 -27.85
C PRO A 129 -17.62 9.65 -27.79
N HIS A 130 -16.79 9.23 -26.85
CA HIS A 130 -16.40 7.84 -26.69
C HIS A 130 -15.87 7.58 -25.28
N ILE A 131 -16.10 6.35 -24.78
CA ILE A 131 -15.55 5.94 -23.50
C ILE A 131 -14.00 6.05 -23.52
N PHE A 132 -13.37 5.85 -24.70
CA PHE A 132 -11.90 5.99 -24.81
C PHE A 132 -11.45 7.41 -24.50
N ALA A 133 -12.27 8.43 -24.84
CA ALA A 133 -11.92 9.82 -24.58
C ALA A 133 -11.89 10.13 -23.08
N ILE A 134 -12.82 9.50 -22.32
CA ILE A 134 -12.91 9.64 -20.86
C ILE A 134 -11.71 8.96 -20.21
N ALA A 135 -11.41 7.72 -20.63
CA ALA A 135 -10.24 7.01 -20.10
C ALA A 135 -8.96 7.79 -20.36
N ASN A 136 -8.85 8.44 -21.53
CA ASN A 136 -7.70 9.26 -21.91
C ASN A 136 -7.58 10.52 -21.05
N GLU A 137 -8.72 11.22 -20.82
CA GLU A 137 -8.74 12.44 -20.01
C GLU A 137 -8.31 12.14 -18.59
N CYS A 138 -8.81 11.04 -18.08
CA CYS A 138 -8.52 10.54 -16.77
C CYS A 138 -7.02 10.28 -16.65
N TYR A 139 -6.46 9.58 -17.63
CA TYR A 139 -5.04 9.30 -17.67
C TYR A 139 -4.22 10.62 -17.73
N ARG A 140 -4.60 11.57 -18.61
CA ARG A 140 -3.92 12.86 -18.73
C ARG A 140 -3.92 13.66 -17.41
N CYS A 141 -4.97 13.51 -16.59
CA CYS A 141 -5.08 14.18 -15.30
C CYS A 141 -4.00 13.75 -14.31
N LEU A 142 -3.31 12.61 -14.56
CA LEU A 142 -2.25 12.18 -13.64
C LEU A 142 -1.05 13.14 -13.71
N TRP A 143 -0.96 13.96 -14.77
CA TRP A 143 0.11 14.94 -14.94
C TRP A 143 -0.40 16.39 -14.90
N LYS A 144 -1.72 16.60 -15.07
CA LYS A 144 -2.38 17.91 -15.07
C LYS A 144 -2.87 18.29 -13.66
N ARG A 145 -3.25 17.31 -12.85
CA ARG A 145 -3.77 17.46 -11.49
C ARG A 145 -2.84 16.76 -10.52
N HIS A 146 -2.96 17.11 -9.25
CA HIS A 146 -2.13 16.64 -8.15
C HIS A 146 -2.67 15.40 -7.41
N ASP A 147 -3.87 14.90 -7.77
CA ASP A 147 -4.53 13.78 -7.10
C ASP A 147 -4.68 12.51 -7.93
N ASN A 148 -5.16 11.42 -7.27
CA ASN A 148 -5.47 10.13 -7.90
C ASN A 148 -6.79 10.29 -8.60
N GLN A 149 -7.09 9.44 -9.58
CA GLN A 149 -8.34 9.57 -10.33
C GLN A 149 -9.20 8.32 -10.17
N CYS A 150 -10.49 8.45 -10.38
CA CYS A 150 -11.36 7.29 -10.36
C CYS A 150 -12.44 7.46 -11.38
N ILE A 151 -12.88 6.34 -11.99
CA ILE A 151 -13.95 6.30 -12.98
C ILE A 151 -15.07 5.48 -12.38
N LEU A 152 -16.25 6.11 -12.20
CA LEU A 152 -17.40 5.48 -11.57
C LEU A 152 -18.46 5.31 -12.62
N ILE A 153 -18.91 4.09 -12.79
CA ILE A 153 -19.86 3.71 -13.84
C ILE A 153 -21.16 3.26 -13.20
N SER A 154 -22.27 3.99 -13.49
CA SER A 154 -23.57 3.72 -12.92
C SER A 154 -24.50 3.06 -13.94
N GLY A 155 -25.59 2.44 -13.44
CA GLY A 155 -26.61 1.85 -14.29
C GLY A 155 -27.31 0.66 -13.72
N GLU A 156 -28.52 0.38 -14.21
CA GLU A 156 -29.31 -0.80 -13.81
C GLU A 156 -28.64 -2.07 -14.31
N SER A 157 -29.05 -3.25 -13.76
CA SER A 157 -28.56 -4.52 -14.26
C SER A 157 -28.74 -4.60 -15.81
N GLY A 158 -27.66 -4.91 -16.53
CA GLY A 158 -27.67 -5.01 -17.98
C GLY A 158 -27.41 -3.72 -18.74
N ALA A 159 -27.09 -2.59 -18.04
CA ALA A 159 -26.89 -1.30 -18.74
C ALA A 159 -25.58 -1.18 -19.51
N GLY A 160 -24.56 -1.92 -19.10
CA GLY A 160 -23.27 -1.93 -19.77
C GLY A 160 -22.07 -1.52 -18.93
N LYS A 161 -22.18 -1.59 -17.59
CA LYS A 161 -21.11 -1.23 -16.67
C LYS A 161 -19.86 -2.10 -16.84
N THR A 162 -20.05 -3.42 -16.88
CA THR A 162 -18.96 -4.39 -17.02
C THR A 162 -18.26 -4.21 -18.35
N GLU A 163 -19.02 -4.05 -19.46
CA GLU A 163 -18.42 -3.85 -20.79
C GLU A 163 -17.63 -2.56 -20.83
N SER A 164 -18.17 -1.50 -20.19
CA SER A 164 -17.51 -0.19 -20.06
C SER A 164 -16.18 -0.34 -19.32
N THR A 165 -16.17 -1.07 -18.20
CA THR A 165 -14.97 -1.28 -17.40
C THR A 165 -13.90 -1.96 -18.25
N LYS A 166 -14.29 -3.04 -18.99
CA LYS A 166 -13.33 -3.78 -19.81
C LYS A 166 -12.73 -2.93 -20.88
N LEU A 167 -13.54 -2.03 -21.50
CA LEU A 167 -13.09 -1.10 -22.54
C LEU A 167 -12.06 -0.08 -21.99
N ILE A 168 -12.32 0.45 -20.75
CA ILE A 168 -11.43 1.41 -20.10
C ILE A 168 -10.10 0.69 -19.80
N LEU A 169 -10.18 -0.52 -19.26
CA LEU A 169 -8.98 -1.30 -18.95
C LEU A 169 -8.15 -1.59 -20.19
N LYS A 170 -8.81 -1.96 -21.30
CA LYS A 170 -8.14 -2.25 -22.56
C LYS A 170 -7.44 -0.97 -23.08
N PHE A 171 -8.15 0.17 -23.05
CA PHE A 171 -7.57 1.43 -23.48
C PHE A 171 -6.32 1.82 -22.65
N LEU A 172 -6.43 1.77 -21.31
CA LEU A 172 -5.33 2.12 -20.43
C LEU A 172 -4.13 1.20 -20.61
N SER A 173 -4.37 -0.11 -20.90
CA SER A 173 -3.32 -1.10 -21.12
C SER A 173 -2.53 -0.73 -22.34
N VAL A 174 -3.23 -0.27 -23.38
CA VAL A 174 -2.65 0.15 -24.66
C VAL A 174 -1.81 1.42 -24.49
N ILE A 175 -2.38 2.43 -23.85
CA ILE A 175 -1.73 3.71 -23.54
C ILE A 175 -0.50 3.52 -22.65
N SER A 176 -0.53 2.59 -21.70
CA SER A 176 0.60 2.25 -20.82
C SER A 176 1.80 1.81 -21.67
N GLN A 177 1.55 1.21 -22.86
CA GLN A 177 2.57 0.77 -23.83
C GLN A 177 2.33 1.13 -25.35
N GLN A 178 2.55 2.36 -25.94
CA GLN A 178 3.03 3.73 -25.69
C GLN A 178 3.87 3.75 -24.43
N SER A 179 4.30 4.92 -23.87
CA SER A 179 5.23 5.03 -22.70
C SER A 179 6.41 3.96 -22.76
N LEU A 180 6.83 3.56 -24.01
CA LEU A 180 7.83 2.53 -24.37
C LEU A 180 7.38 1.10 -23.91
N GLU A 181 7.99 -0.02 -24.38
CA GLU A 181 9.19 -0.26 -25.21
C GLU A 181 9.00 -1.42 -26.24
N LEU A 182 7.87 -2.22 -26.12
CA LEU A 182 7.42 -3.39 -26.95
C LEU A 182 8.20 -4.71 -26.67
N SER A 183 8.12 -5.62 -27.66
CA SER A 183 8.55 -7.02 -27.82
C SER A 183 7.34 -7.88 -27.51
N LEU A 184 7.06 -8.88 -28.37
CA LEU A 184 5.91 -9.77 -28.16
C LEU A 184 6.08 -10.63 -26.88
N LYS A 185 7.35 -10.96 -26.51
CA LYS A 185 7.68 -11.67 -25.28
C LYS A 185 7.26 -10.78 -24.07
N GLU A 186 7.61 -9.47 -24.12
CA GLU A 186 7.22 -8.51 -23.09
C GLU A 186 5.69 -8.49 -23.01
N LYS A 187 5.02 -8.25 -24.15
CA LYS A 187 3.59 -8.02 -24.26
C LYS A 187 2.71 -9.24 -23.90
N THR A 188 3.30 -10.44 -23.87
CA THR A 188 2.54 -11.64 -23.48
C THR A 188 2.81 -12.00 -22.01
N SER A 189 3.93 -11.53 -21.44
CA SER A 189 4.30 -11.75 -20.03
C SER A 189 3.70 -10.63 -19.17
N CYS A 190 3.53 -9.47 -19.79
CA CYS A 190 2.95 -8.19 -19.41
C CYS A 190 2.12 -8.14 -18.15
N VAL A 191 2.34 -7.08 -17.28
CA VAL A 191 1.41 -6.84 -16.15
C VAL A 191 0.06 -6.36 -16.72
N GLU A 192 0.10 -5.55 -17.79
CA GLU A 192 -1.14 -5.12 -18.40
C GLU A 192 -1.89 -6.35 -19.01
N ARG A 193 -1.18 -7.36 -19.60
CA ARG A 193 -1.87 -8.57 -20.07
C ARG A 193 -2.55 -9.30 -18.91
N ALA A 194 -1.83 -9.44 -17.78
CA ALA A 194 -2.41 -10.07 -16.60
C ALA A 194 -3.65 -9.32 -16.10
N ILE A 195 -3.59 -7.98 -16.05
CA ILE A 195 -4.74 -7.19 -15.60
C ILE A 195 -5.94 -7.44 -16.50
N LEU A 196 -5.72 -7.49 -17.81
CA LEU A 196 -6.81 -7.73 -18.74
C LEU A 196 -7.40 -9.12 -18.59
N GLU A 197 -6.54 -10.12 -18.33
CA GLU A 197 -6.96 -11.52 -18.18
C GLU A 197 -7.65 -11.78 -16.85
N SER A 198 -7.67 -10.81 -15.93
CA SER A 198 -8.38 -10.99 -14.68
C SER A 198 -9.90 -11.08 -14.93
N SER A 199 -10.41 -10.33 -15.94
CA SER A 199 -11.83 -10.30 -16.32
C SER A 199 -12.41 -11.67 -16.66
N PRO A 200 -11.89 -12.48 -17.61
CA PRO A 200 -12.52 -13.80 -17.86
C PRO A 200 -12.57 -14.72 -16.64
N ILE A 201 -11.54 -14.64 -15.77
CA ILE A 201 -11.51 -15.47 -14.56
C ILE A 201 -12.65 -15.06 -13.61
N MET A 202 -12.68 -13.75 -13.28
CA MET A 202 -13.65 -13.19 -12.36
C MET A 202 -15.05 -13.27 -12.88
N GLU A 203 -15.25 -13.10 -14.20
CA GLU A 203 -16.59 -13.24 -14.76
C GLU A 203 -17.07 -14.68 -14.67
N ALA A 204 -16.19 -15.68 -14.88
CA ALA A 204 -16.61 -17.07 -14.81
C ALA A 204 -17.03 -17.43 -13.41
N PHE A 205 -16.29 -16.98 -12.41
CA PHE A 205 -16.60 -17.30 -11.01
C PHE A 205 -17.63 -16.40 -10.37
N GLY A 206 -17.81 -15.18 -10.87
CA GLY A 206 -18.69 -14.23 -10.21
C GLY A 206 -19.86 -13.73 -11.00
N ASN A 207 -20.02 -14.15 -12.25
CA ASN A 207 -21.15 -13.72 -13.07
C ASN A 207 -22.11 -14.85 -13.33
N ALA A 208 -23.39 -14.55 -13.58
CA ALA A 208 -24.41 -15.57 -13.85
C ALA A 208 -25.56 -14.98 -14.65
N LYS A 209 -26.37 -15.83 -15.27
CA LYS A 209 -27.54 -15.37 -16.02
C LYS A 209 -28.70 -15.00 -15.09
N THR A 210 -29.25 -13.79 -15.21
CA THR A 210 -30.43 -13.33 -14.48
C THR A 210 -31.40 -12.87 -15.53
N VAL A 211 -32.65 -12.55 -15.13
CA VAL A 211 -33.68 -12.10 -16.05
C VAL A 211 -33.26 -10.83 -16.81
N TYR A 212 -32.48 -9.93 -16.17
CA TYR A 212 -32.05 -8.66 -16.77
C TYR A 212 -30.74 -8.71 -17.52
N ASN A 213 -29.89 -9.72 -17.26
CA ASN A 213 -28.57 -9.80 -17.89
C ASN A 213 -28.07 -11.23 -17.94
N ASN A 214 -27.70 -11.73 -19.14
CA ASN A 214 -27.18 -13.11 -19.29
C ASN A 214 -25.80 -13.24 -18.66
N ASN A 215 -25.14 -12.10 -18.41
CA ASN A 215 -23.81 -12.03 -17.81
C ASN A 215 -23.81 -11.06 -16.60
N SER A 216 -24.80 -11.18 -15.73
CA SER A 216 -24.94 -10.30 -14.57
C SER A 216 -23.78 -10.46 -13.60
N SER A 217 -23.18 -9.33 -13.14
CA SER A 217 -22.09 -9.32 -12.18
C SER A 217 -22.70 -9.56 -10.82
N ARG A 218 -22.32 -10.68 -10.16
CA ARG A 218 -22.91 -11.03 -8.85
C ARG A 218 -21.98 -10.69 -7.70
N PHE A 219 -21.12 -9.71 -7.93
CA PHE A 219 -20.17 -9.16 -6.95
C PHE A 219 -19.79 -7.75 -7.48
N GLY A 220 -19.31 -6.93 -6.57
CA GLY A 220 -18.84 -5.58 -6.86
C GLY A 220 -17.33 -5.62 -7.05
N LYS A 221 -16.79 -4.79 -7.93
CA LYS A 221 -15.37 -4.79 -8.22
C LYS A 221 -14.80 -3.38 -8.26
N PHE A 222 -13.67 -3.18 -7.58
CA PHE A 222 -12.92 -1.94 -7.63
C PHE A 222 -11.55 -2.32 -8.11
N VAL A 223 -11.15 -1.83 -9.30
CA VAL A 223 -9.84 -2.12 -9.89
C VAL A 223 -8.99 -0.89 -9.73
N GLN A 224 -7.85 -1.01 -9.06
CA GLN A 224 -6.93 0.10 -8.91
C GLN A 224 -5.68 -0.21 -9.73
N LEU A 225 -5.33 0.72 -10.64
CA LEU A 225 -4.16 0.61 -11.52
C LEU A 225 -3.16 1.59 -11.00
N ASN A 226 -1.96 1.12 -10.65
CA ASN A 226 -0.88 1.98 -10.18
C ASN A 226 -0.03 2.35 -11.37
N ILE A 227 0.07 3.65 -11.61
CA ILE A 227 0.78 4.19 -12.76
C ILE A 227 2.01 4.93 -12.29
N CYS A 228 3.17 4.68 -12.94
CA CYS A 228 4.41 5.34 -12.57
C CYS A 228 4.49 6.73 -13.23
N GLN A 229 5.44 7.58 -12.76
CA GLN A 229 5.62 8.94 -13.26
C GLN A 229 5.84 8.99 -14.76
N LYS A 230 6.51 7.93 -15.32
CA LYS A 230 6.79 7.78 -16.77
C LYS A 230 5.55 7.41 -17.61
N GLY A 231 4.43 7.09 -16.94
CA GLY A 231 3.17 6.80 -17.63
C GLY A 231 2.78 5.36 -17.82
N ASN A 232 3.59 4.43 -17.32
CA ASN A 232 3.18 3.06 -17.48
C ASN A 232 2.59 2.42 -16.20
N ILE A 233 1.75 1.39 -16.39
CA ILE A 233 1.13 0.63 -15.29
C ILE A 233 2.23 -0.22 -14.61
N GLN A 234 2.44 -0.02 -13.29
CA GLN A 234 3.43 -0.74 -12.46
C GLN A 234 2.82 -2.05 -11.94
N GLY A 235 1.50 -2.04 -11.81
CA GLY A 235 0.70 -3.14 -11.28
C GLY A 235 -0.67 -2.65 -10.86
N GLY A 236 -1.36 -3.47 -10.09
CA GLY A 236 -2.69 -3.13 -9.63
C GLY A 236 -3.18 -3.95 -8.46
N ARG A 237 -4.46 -3.72 -8.13
CA ARG A 237 -5.14 -4.40 -7.04
C ARG A 237 -6.59 -4.43 -7.36
N ILE A 238 -7.21 -5.59 -7.16
CA ILE A 238 -8.65 -5.80 -7.37
C ILE A 238 -9.29 -6.07 -6.02
N VAL A 239 -10.37 -5.37 -5.73
CA VAL A 239 -11.11 -5.56 -4.49
C VAL A 239 -12.50 -6.02 -4.87
N ASP A 240 -12.93 -7.16 -4.32
CA ASP A 240 -14.25 -7.72 -4.58
C ASP A 240 -15.21 -7.40 -3.43
N TYR A 241 -16.47 -7.17 -3.77
CA TYR A 241 -17.50 -6.82 -2.81
C TYR A 241 -18.66 -7.75 -2.91
N LEU A 242 -18.99 -8.37 -1.77
CA LEU A 242 -20.15 -9.20 -1.54
C LEU A 242 -20.56 -10.12 -2.67
N LEU A 243 -19.81 -11.20 -2.86
CA LEU A 243 -20.22 -12.18 -3.86
C LEU A 243 -21.55 -12.79 -3.37
N GLU A 244 -22.45 -13.09 -4.31
CA GLU A 244 -23.77 -13.66 -4.02
C GLU A 244 -23.59 -15.19 -3.80
N LYS A 245 -23.07 -15.60 -2.63
CA LYS A 245 -22.76 -16.98 -2.37
C LYS A 245 -24.00 -17.89 -2.40
N ASN A 246 -25.22 -17.37 -2.13
CA ASN A 246 -26.40 -18.23 -2.15
C ASN A 246 -26.77 -18.76 -3.52
N ARG A 247 -26.27 -18.10 -4.58
CA ARG A 247 -26.51 -18.54 -5.97
C ARG A 247 -25.96 -19.94 -6.21
N VAL A 248 -24.89 -20.31 -5.48
CA VAL A 248 -24.24 -21.62 -5.55
C VAL A 248 -25.28 -22.74 -5.29
N VAL A 249 -26.20 -22.54 -4.33
CA VAL A 249 -27.13 -23.58 -3.92
C VAL A 249 -28.57 -23.42 -4.42
N ARG A 250 -28.99 -22.20 -4.80
CA ARG A 250 -30.34 -21.96 -5.31
C ARG A 250 -30.42 -20.77 -6.24
N GLN A 251 -31.27 -20.88 -7.25
CA GLN A 251 -31.48 -19.78 -8.20
C GLN A 251 -32.98 -19.62 -8.47
N ASN A 252 -33.38 -18.38 -8.84
CA ASN A 252 -34.78 -18.08 -9.18
C ASN A 252 -35.09 -18.75 -10.53
N PRO A 253 -36.38 -18.96 -10.88
CA PRO A 253 -36.66 -19.62 -12.17
C PRO A 253 -36.12 -18.82 -13.34
N GLY A 254 -35.54 -19.56 -14.29
CA GLY A 254 -34.96 -18.96 -15.48
C GLY A 254 -33.55 -18.43 -15.36
N GLU A 255 -32.98 -18.39 -14.14
CA GLU A 255 -31.61 -17.96 -13.93
C GLU A 255 -30.65 -19.15 -14.05
N ARG A 256 -29.35 -18.91 -13.94
CA ARG A 256 -28.38 -19.99 -13.92
C ARG A 256 -27.51 -19.79 -12.67
N ASN A 257 -26.71 -20.83 -12.33
CA ASN A 257 -25.71 -20.73 -11.29
C ASN A 257 -24.52 -19.98 -11.98
N TYR A 258 -23.36 -19.84 -11.26
CA TYR A 258 -22.17 -19.21 -11.81
C TYR A 258 -21.70 -19.89 -13.09
N HIS A 259 -21.27 -19.08 -14.06
CA HIS A 259 -20.86 -19.53 -15.36
C HIS A 259 -19.85 -20.67 -15.30
N ILE A 260 -18.88 -20.58 -14.38
CA ILE A 260 -17.77 -21.54 -14.21
C ILE A 260 -18.25 -23.00 -14.14
N PHE A 261 -19.37 -23.31 -13.45
CA PHE A 261 -19.86 -24.69 -13.36
C PHE A 261 -20.21 -25.24 -14.74
N TYR A 262 -20.89 -24.43 -15.57
CA TYR A 262 -21.31 -24.86 -16.88
C TYR A 262 -20.10 -24.94 -17.80
N ALA A 263 -19.13 -23.97 -17.65
CA ALA A 263 -17.90 -23.93 -18.44
C ALA A 263 -17.08 -25.18 -18.13
N LEU A 264 -16.95 -25.56 -16.84
CA LEU A 264 -16.21 -26.74 -16.39
C LEU A 264 -16.82 -27.99 -17.03
N LEU A 265 -18.12 -28.19 -16.90
CA LEU A 265 -18.77 -29.38 -17.45
C LEU A 265 -18.72 -29.47 -18.97
N ALA A 266 -18.73 -28.31 -19.67
CA ALA A 266 -18.70 -28.23 -21.13
C ALA A 266 -17.31 -28.31 -21.71
N GLY A 267 -16.34 -27.82 -20.93
CA GLY A 267 -14.95 -27.69 -21.34
C GLY A 267 -13.96 -28.77 -20.98
N LEU A 268 -14.16 -29.49 -19.84
CA LEU A 268 -13.24 -30.54 -19.42
C LEU A 268 -13.16 -31.62 -20.46
N GLU A 269 -11.97 -32.21 -20.62
CA GLU A 269 -11.73 -33.33 -21.53
C GLU A 269 -12.37 -34.58 -20.89
N HIS A 270 -12.75 -35.58 -21.72
CA HIS A 270 -13.38 -36.84 -21.27
C HIS A 270 -12.71 -37.47 -20.05
N GLU A 271 -11.36 -37.55 -20.03
CA GLU A 271 -10.55 -38.14 -18.97
C GLU A 271 -10.71 -37.46 -17.61
N GLU A 272 -10.66 -36.12 -17.58
CA GLU A 272 -10.84 -35.37 -16.33
C GLU A 272 -12.28 -35.39 -15.87
N ARG A 273 -13.20 -35.34 -16.84
CA ARG A 273 -14.63 -35.39 -16.59
C ARG A 273 -14.97 -36.71 -15.85
N GLU A 274 -14.43 -37.85 -16.34
CA GLU A 274 -14.61 -39.18 -15.77
C GLU A 274 -13.93 -39.27 -14.40
N GLU A 275 -12.76 -38.63 -14.25
CA GLU A 275 -12.00 -38.62 -12.99
C GLU A 275 -12.79 -37.96 -11.85
N PHE A 276 -13.53 -36.92 -12.19
CA PHE A 276 -14.30 -36.16 -11.21
C PHE A 276 -15.76 -36.59 -11.15
N TYR A 277 -16.09 -37.69 -11.85
CA TYR A 277 -17.43 -38.29 -11.90
C TYR A 277 -18.47 -37.33 -12.39
N LEU A 278 -18.10 -36.45 -13.33
CA LEU A 278 -18.97 -35.42 -13.85
C LEU A 278 -19.73 -35.83 -15.10
N SER A 279 -20.98 -35.41 -15.19
CA SER A 279 -21.83 -35.63 -16.34
C SER A 279 -22.41 -34.27 -16.68
N THR A 280 -23.53 -34.22 -17.39
CA THR A 280 -24.16 -32.99 -17.83
C THR A 280 -24.74 -32.10 -16.71
N PRO A 281 -24.91 -30.79 -16.94
CA PRO A 281 -25.47 -29.91 -15.90
C PRO A 281 -26.86 -30.30 -15.36
N GLU A 282 -27.71 -30.92 -16.19
CA GLU A 282 -29.06 -31.41 -15.83
C GLU A 282 -29.02 -32.39 -14.69
N ASN A 283 -27.90 -33.12 -14.54
CA ASN A 283 -27.74 -34.12 -13.49
C ASN A 283 -27.47 -33.54 -12.10
N TYR A 284 -27.27 -32.19 -11.98
CA TYR A 284 -26.92 -31.57 -10.71
C TYR A 284 -27.96 -30.62 -10.15
N HIS A 285 -28.37 -30.88 -8.92
CA HIS A 285 -29.37 -30.10 -8.21
C HIS A 285 -28.98 -28.63 -8.18
N TYR A 286 -27.70 -28.34 -7.99
CA TYR A 286 -27.25 -26.94 -7.93
C TYR A 286 -27.28 -26.23 -9.28
N LEU A 287 -27.50 -26.98 -10.38
CA LEU A 287 -27.54 -26.41 -11.74
C LEU A 287 -28.88 -26.59 -12.48
N ASN A 288 -29.71 -27.55 -12.04
CA ASN A 288 -30.92 -27.91 -12.75
C ASN A 288 -32.21 -27.31 -12.22
N GLN A 289 -32.24 -26.85 -10.97
CA GLN A 289 -33.43 -26.36 -10.27
C GLN A 289 -34.16 -25.15 -10.95
N SER A 290 -33.43 -24.28 -11.63
CA SER A 290 -34.03 -23.08 -12.26
C SER A 290 -34.77 -23.38 -13.57
N GLY A 291 -34.53 -24.56 -14.11
CA GLY A 291 -35.10 -25.00 -15.38
C GLY A 291 -34.28 -24.54 -16.57
N CYS A 292 -33.22 -23.73 -16.32
CA CYS A 292 -32.31 -23.18 -17.34
C CYS A 292 -30.82 -23.61 -17.09
N VAL A 293 -30.19 -24.54 -17.91
CA VAL A 293 -30.63 -25.34 -19.09
C VAL A 293 -30.83 -24.36 -20.35
N GLU A 294 -31.78 -24.66 -21.30
CA GLU A 294 -32.13 -23.90 -22.53
C GLU A 294 -30.94 -23.59 -23.51
N ASP A 295 -29.78 -24.28 -23.37
CA ASP A 295 -28.60 -24.05 -24.21
C ASP A 295 -27.90 -25.35 -24.59
N LYS A 296 -27.54 -25.49 -25.89
CA LYS A 296 -26.85 -26.66 -26.44
C LYS A 296 -25.29 -26.60 -26.20
N THR A 297 -24.86 -26.19 -24.95
CA THR A 297 -23.50 -26.02 -24.34
C THR A 297 -22.72 -24.83 -25.01
N ILE A 298 -21.74 -25.12 -25.94
CA ILE A 298 -20.88 -24.37 -26.92
C ILE A 298 -20.30 -22.98 -26.46
N SER A 299 -21.15 -22.05 -26.00
CA SER A 299 -20.75 -20.75 -25.47
C SER A 299 -19.93 -21.02 -24.16
N ASP A 300 -20.40 -22.01 -23.34
CA ASP A 300 -19.76 -22.44 -22.10
C ASP A 300 -18.43 -23.10 -22.42
N GLN A 301 -18.33 -23.85 -23.52
CA GLN A 301 -17.08 -24.48 -23.91
C GLN A 301 -16.04 -23.43 -24.25
N GLU A 302 -16.42 -22.35 -25.00
CA GLU A 302 -15.49 -21.25 -25.33
C GLU A 302 -15.05 -20.52 -24.08
N SER A 303 -15.97 -20.29 -23.12
CA SER A 303 -15.65 -19.64 -21.85
C SER A 303 -14.62 -20.45 -21.09
N PHE A 304 -14.70 -21.79 -21.13
CA PHE A 304 -13.73 -22.63 -20.44
C PHE A 304 -12.35 -22.41 -21.00
N ARG A 305 -12.25 -22.37 -22.34
CA ARG A 305 -10.98 -22.15 -23.02
C ARG A 305 -10.34 -20.81 -22.61
N GLU A 306 -11.14 -19.77 -22.61
CA GLU A 306 -10.80 -18.41 -22.24
C GLU A 306 -10.28 -18.35 -20.79
N VAL A 307 -10.95 -19.06 -19.84
CA VAL A 307 -10.59 -19.14 -18.42
C VAL A 307 -9.24 -19.81 -18.28
N ILE A 308 -9.07 -20.98 -18.93
CA ILE A 308 -7.84 -21.76 -18.88
C ILE A 308 -6.60 -20.92 -19.33
N THR A 309 -6.75 -20.17 -20.45
CA THR A 309 -5.73 -19.28 -20.99
C THR A 309 -5.40 -18.21 -19.99
N ALA A 310 -6.47 -17.58 -19.40
CA ALA A 310 -6.31 -16.50 -18.42
C ALA A 310 -5.61 -17.00 -17.18
N MET A 311 -5.96 -18.21 -16.71
CA MET A 311 -5.33 -18.77 -15.52
C MET A 311 -3.86 -19.06 -15.73
N ASP A 312 -3.49 -19.47 -16.96
CA ASP A 312 -2.10 -19.70 -17.34
C ASP A 312 -1.34 -18.38 -17.26
N VAL A 313 -1.90 -17.28 -17.85
CA VAL A 313 -1.32 -15.92 -17.79
C VAL A 313 -1.15 -15.50 -16.31
N MET A 314 -2.16 -15.79 -15.48
CA MET A 314 -2.21 -15.44 -14.07
C MET A 314 -1.25 -16.24 -13.18
N GLN A 315 -0.49 -17.16 -13.78
CA GLN A 315 0.49 -18.04 -13.11
C GLN A 315 -0.16 -19.05 -12.13
N PHE A 316 -1.35 -19.58 -12.50
CA PHE A 316 -1.96 -20.69 -11.78
C PHE A 316 -1.23 -21.90 -12.41
N SER A 317 -0.69 -22.79 -11.57
CA SER A 317 -0.03 -24.00 -12.06
C SER A 317 -1.08 -24.94 -12.60
N LYS A 318 -0.67 -25.93 -13.42
CA LYS A 318 -1.62 -26.90 -13.96
C LYS A 318 -2.30 -27.67 -12.80
N GLU A 319 -1.56 -27.93 -11.70
CA GLU A 319 -2.12 -28.59 -10.53
C GLU A 319 -3.16 -27.71 -9.84
N GLU A 320 -2.90 -26.39 -9.68
CA GLU A 320 -3.84 -25.44 -9.08
C GLU A 320 -5.15 -25.40 -9.87
N VAL A 321 -5.05 -25.41 -11.21
CA VAL A 321 -6.24 -25.42 -12.06
C VAL A 321 -7.04 -26.71 -11.83
N ARG A 322 -6.35 -27.85 -11.69
CA ARG A 322 -6.99 -29.13 -11.40
C ARG A 322 -7.63 -29.12 -10.00
N GLU A 323 -6.97 -28.49 -9.01
CA GLU A 323 -7.45 -28.40 -7.64
C GLU A 323 -8.75 -27.61 -7.55
N VAL A 324 -8.82 -26.49 -8.30
CA VAL A 324 -10.03 -25.66 -8.38
C VAL A 324 -11.17 -26.50 -9.06
N SER A 325 -10.84 -27.21 -10.17
CA SER A 325 -11.76 -28.07 -10.89
C SER A 325 -12.30 -29.15 -9.93
N ARG A 326 -11.41 -29.76 -9.11
CA ARG A 326 -11.75 -30.80 -8.15
C ARG A 326 -12.68 -30.27 -7.05
N LEU A 327 -12.46 -29.03 -6.60
CA LEU A 327 -13.30 -28.41 -5.57
C LEU A 327 -14.69 -28.16 -6.15
N LEU A 328 -14.77 -27.58 -7.37
CA LEU A 328 -16.06 -27.30 -8.02
C LEU A 328 -16.83 -28.59 -8.25
N ALA A 329 -16.16 -29.65 -8.68
CA ALA A 329 -16.80 -30.96 -8.87
C ALA A 329 -17.31 -31.47 -7.52
N GLY A 330 -16.55 -31.29 -6.44
CA GLY A 330 -16.91 -31.67 -5.09
C GLY A 330 -18.17 -30.99 -4.64
N ILE A 331 -18.31 -29.68 -4.97
CA ILE A 331 -19.49 -28.87 -4.66
C ILE A 331 -20.72 -29.42 -5.39
N LEU A 332 -20.57 -29.73 -6.70
CA LEU A 332 -21.66 -30.26 -7.51
C LEU A 332 -22.22 -31.56 -6.96
N HIS A 333 -21.34 -32.51 -6.58
CA HIS A 333 -21.76 -33.78 -6.00
C HIS A 333 -22.38 -33.62 -4.66
N LEU A 334 -21.88 -32.67 -3.86
CA LEU A 334 -22.39 -32.32 -2.52
C LEU A 334 -23.89 -31.94 -2.64
N GLY A 335 -24.24 -31.15 -3.66
CA GLY A 335 -25.63 -30.75 -3.91
C GLY A 335 -26.60 -31.87 -4.20
N ASN A 336 -26.06 -33.03 -4.64
CA ASN A 336 -26.87 -34.21 -4.96
C ASN A 336 -27.13 -35.11 -3.75
N ILE A 337 -26.60 -34.75 -2.54
CA ILE A 337 -26.90 -35.49 -1.29
C ILE A 337 -28.39 -35.26 -0.97
N GLU A 338 -29.12 -36.35 -0.77
CA GLU A 338 -30.53 -36.32 -0.41
C GLU A 338 -30.69 -36.94 0.97
N PHE A 339 -31.67 -36.44 1.73
CA PHE A 339 -31.93 -36.91 3.06
C PHE A 339 -33.36 -37.41 3.19
N ILE A 340 -33.54 -38.34 4.11
CA ILE A 340 -34.82 -38.90 4.48
C ILE A 340 -34.92 -38.83 6.02
N THR A 341 -36.13 -38.95 6.59
CA THR A 341 -36.33 -38.95 8.03
C THR A 341 -36.50 -40.39 8.51
N ALA A 342 -35.60 -40.83 9.40
CA ALA A 342 -35.57 -42.14 10.05
C ALA A 342 -34.81 -41.95 11.37
N GLY A 343 -35.43 -41.14 12.25
CA GLY A 343 -34.93 -40.69 13.54
C GLY A 343 -33.49 -40.18 13.57
N GLY A 344 -33.21 -38.99 13.00
CA GLY A 344 -34.06 -38.13 12.20
C GLY A 344 -33.46 -38.13 10.80
N ALA A 345 -32.74 -37.05 10.40
CA ALA A 345 -32.14 -36.97 9.05
C ALA A 345 -31.11 -38.05 8.82
N GLN A 346 -31.23 -38.76 7.68
CA GLN A 346 -30.33 -39.83 7.26
C GLN A 346 -30.07 -39.66 5.78
N VAL A 347 -28.82 -39.87 5.34
CA VAL A 347 -28.46 -39.78 3.93
C VAL A 347 -29.12 -40.98 3.25
N SER A 348 -29.91 -40.75 2.17
CA SER A 348 -30.65 -41.82 1.49
C SER A 348 -29.73 -42.71 0.61
N PHE A 349 -29.17 -42.16 -0.49
CA PHE A 349 -28.30 -42.94 -1.34
C PHE A 349 -26.83 -42.48 -1.22
N LYS A 350 -25.98 -43.48 -1.16
CA LYS A 350 -24.57 -43.32 -0.87
C LYS A 350 -23.68 -42.79 -2.02
N THR A 351 -24.13 -42.86 -3.27
CA THR A 351 -23.28 -42.47 -4.41
C THR A 351 -22.82 -41.02 -4.38
N ALA A 352 -23.75 -40.02 -4.35
CA ALA A 352 -23.33 -38.61 -4.37
C ALA A 352 -22.48 -38.28 -3.17
N LEU A 353 -22.84 -38.86 -1.99
CA LEU A 353 -22.02 -38.66 -0.80
C LEU A 353 -20.58 -39.16 -0.99
N GLY A 354 -20.44 -40.37 -1.51
CA GLY A 354 -19.13 -40.98 -1.75
C GLY A 354 -18.25 -40.17 -2.70
N ARG A 355 -18.85 -39.66 -3.81
CA ARG A 355 -18.15 -38.86 -4.82
C ARG A 355 -17.71 -37.55 -4.21
N SER A 356 -18.63 -36.85 -3.48
CA SER A 356 -18.29 -35.56 -2.87
C SER A 356 -17.22 -35.71 -1.80
N ALA A 357 -17.35 -36.73 -0.91
CA ALA A 357 -16.35 -36.99 0.12
C ALA A 357 -14.97 -37.27 -0.49
N GLU A 358 -14.92 -38.05 -1.58
CA GLU A 358 -13.67 -38.35 -2.26
C GLU A 358 -13.01 -37.10 -2.82
N LEU A 359 -13.78 -36.28 -3.54
CA LEU A 359 -13.27 -35.06 -4.18
C LEU A 359 -12.86 -34.00 -3.17
N LEU A 360 -13.51 -33.99 -2.00
CA LEU A 360 -13.22 -32.99 -0.97
C LEU A 360 -12.15 -33.48 0.02
N GLY A 361 -11.70 -34.71 -0.15
CA GLY A 361 -10.69 -35.32 0.70
C GLY A 361 -11.20 -35.65 2.09
N LEU A 362 -12.48 -35.95 2.22
CA LEU A 362 -13.12 -36.28 3.49
C LEU A 362 -13.53 -37.75 3.55
N ASP A 363 -13.66 -38.28 4.78
CA ASP A 363 -14.09 -39.66 4.95
C ASP A 363 -15.61 -39.66 4.81
N PRO A 364 -16.20 -40.57 4.00
CA PRO A 364 -17.65 -40.54 3.79
C PRO A 364 -18.51 -40.68 5.06
N THR A 365 -18.10 -41.52 6.02
CA THR A 365 -18.88 -41.67 7.25
C THR A 365 -18.76 -40.41 8.10
N GLN A 366 -17.58 -39.75 8.11
CA GLN A 366 -17.41 -38.47 8.81
C GLN A 366 -18.31 -37.38 8.17
N LEU A 367 -18.38 -37.34 6.82
CA LEU A 367 -19.23 -36.36 6.11
C LEU A 367 -20.71 -36.59 6.41
N THR A 368 -21.15 -37.88 6.36
CA THR A 368 -22.52 -38.27 6.67
C THR A 368 -22.88 -37.83 8.08
N ASP A 369 -21.99 -38.12 9.06
CA ASP A 369 -22.20 -37.77 10.46
C ASP A 369 -22.31 -36.25 10.66
N ALA A 370 -21.43 -35.46 10.00
CA ALA A 370 -21.45 -34.00 10.11
C ALA A 370 -22.71 -33.35 9.56
N LEU A 371 -23.25 -33.92 8.47
CA LEU A 371 -24.46 -33.37 7.83
C LEU A 371 -25.73 -33.76 8.56
N THR A 372 -25.73 -34.90 9.28
CA THR A 372 -26.93 -35.44 9.92
C THR A 372 -26.96 -35.36 11.44
N GLN A 373 -25.83 -34.98 12.08
CA GLN A 373 -25.74 -34.89 13.55
C GLN A 373 -24.97 -33.69 14.05
N ARG A 374 -25.29 -33.23 15.25
CA ARG A 374 -24.56 -32.15 15.91
C ARG A 374 -23.83 -32.66 17.14
N SER A 375 -22.60 -32.15 17.35
CA SER A 375 -21.74 -32.53 18.45
C SER A 375 -21.69 -31.48 19.54
N MET A 376 -21.63 -31.96 20.79
CA MET A 376 -21.48 -31.19 22.03
C MET A 376 -20.61 -32.03 22.96
N PHE A 377 -19.71 -31.40 23.71
CA PHE A 377 -18.89 -32.12 24.69
C PHE A 377 -19.27 -31.63 26.07
N LEU A 378 -19.59 -32.56 26.98
CA LEU A 378 -19.88 -32.19 28.35
C LEU A 378 -19.00 -32.94 29.32
N ARG A 379 -18.09 -32.20 29.98
CA ARG A 379 -17.13 -32.56 31.05
C ARG A 379 -16.72 -34.07 31.18
N GLY A 380 -16.06 -34.66 30.18
CA GLY A 380 -15.77 -34.09 28.86
C GLY A 380 -16.02 -35.13 27.81
N GLU A 381 -17.27 -35.63 27.75
CA GLU A 381 -17.68 -36.67 26.80
C GLU A 381 -18.57 -36.09 25.70
N GLU A 382 -18.45 -36.63 24.47
CA GLU A 382 -19.21 -36.18 23.30
C GLU A 382 -20.65 -36.67 23.35
N ILE A 383 -21.56 -35.77 23.03
CA ILE A 383 -22.99 -36.02 22.96
C ILE A 383 -23.42 -35.68 21.51
N LEU A 384 -23.76 -36.72 20.73
CA LEU A 384 -24.25 -36.56 19.36
C LEU A 384 -25.79 -36.53 19.31
N THR A 385 -26.32 -35.48 18.69
CA THR A 385 -27.75 -35.24 18.59
C THR A 385 -28.14 -35.23 17.12
N PRO A 386 -29.23 -35.91 16.73
CA PRO A 386 -29.62 -35.88 15.33
C PRO A 386 -30.20 -34.54 14.88
N LEU A 387 -29.93 -34.22 13.61
CA LEU A 387 -30.47 -33.05 12.96
C LEU A 387 -31.68 -33.55 12.18
N ASN A 388 -32.63 -32.66 11.91
CA ASN A 388 -33.80 -32.99 11.08
C ASN A 388 -33.40 -32.73 9.61
N VAL A 389 -34.24 -33.13 8.64
CA VAL A 389 -33.93 -33.00 7.22
C VAL A 389 -33.69 -31.54 6.81
N GLN A 390 -34.46 -30.56 7.34
CA GLN A 390 -34.23 -29.15 6.99
C GLN A 390 -32.83 -28.71 7.43
N GLN A 391 -32.45 -29.07 8.66
CA GLN A 391 -31.14 -28.75 9.24
C GLN A 391 -30.00 -29.40 8.45
N ALA A 392 -30.23 -30.65 7.96
CA ALA A 392 -29.23 -31.39 7.18
C ALA A 392 -29.05 -30.72 5.80
N VAL A 393 -30.16 -30.28 5.19
CA VAL A 393 -30.13 -29.58 3.91
C VAL A 393 -29.41 -28.25 4.10
N ASP A 394 -29.74 -27.50 5.18
CA ASP A 394 -29.08 -26.23 5.46
C ASP A 394 -27.58 -26.42 5.69
N SER A 395 -27.16 -27.54 6.35
CA SER A 395 -25.75 -27.87 6.58
C SER A 395 -25.05 -28.14 5.27
N ARG A 396 -25.64 -29.00 4.42
CA ARG A 396 -25.10 -29.35 3.10
C ARG A 396 -24.87 -28.07 2.29
N ASP A 397 -25.91 -27.22 2.18
CA ASP A 397 -25.84 -25.98 1.43
C ASP A 397 -24.85 -24.99 2.04
N SER A 398 -24.72 -24.93 3.41
CA SER A 398 -23.75 -24.00 4.01
C SER A 398 -22.33 -24.40 3.69
N LEU A 399 -22.10 -25.74 3.58
CA LEU A 399 -20.81 -26.33 3.24
C LEU A 399 -20.45 -25.97 1.79
N ALA A 400 -21.44 -26.12 0.86
CA ALA A 400 -21.25 -25.81 -0.55
C ALA A 400 -20.90 -24.34 -0.72
N MET A 401 -21.61 -23.44 0.00
CA MET A 401 -21.36 -22.00 -0.10
C MET A 401 -20.01 -21.63 0.46
N ALA A 402 -19.59 -22.26 1.59
CA ALA A 402 -18.30 -21.96 2.24
C ALA A 402 -17.15 -22.32 1.30
N LEU A 403 -17.25 -23.50 0.67
CA LEU A 403 -16.24 -23.97 -0.27
C LEU A 403 -16.11 -23.00 -1.44
N TYR A 404 -17.24 -22.63 -2.05
CA TYR A 404 -17.22 -21.74 -3.19
C TYR A 404 -16.66 -20.37 -2.84
N ALA A 405 -17.17 -19.75 -1.74
CA ALA A 405 -16.76 -18.43 -1.31
C ALA A 405 -15.28 -18.37 -1.00
N CYS A 406 -14.72 -19.42 -0.35
CA CYS A 406 -13.29 -19.51 -0.06
C CYS A 406 -12.47 -19.69 -1.30
N CYS A 407 -12.97 -20.49 -2.25
CA CYS A 407 -12.29 -20.70 -3.51
C CYS A 407 -12.24 -19.38 -4.29
N PHE A 408 -13.38 -18.65 -4.35
CA PHE A 408 -13.43 -17.35 -5.02
C PHE A 408 -12.41 -16.37 -4.40
N GLU A 409 -12.34 -16.36 -3.05
CA GLU A 409 -11.41 -15.50 -2.32
C GLU A 409 -9.95 -15.84 -2.67
N TRP A 410 -9.66 -17.14 -2.81
CA TRP A 410 -8.34 -17.63 -3.18
C TRP A 410 -8.00 -17.22 -4.60
N VAL A 411 -8.95 -17.37 -5.53
CA VAL A 411 -8.76 -16.97 -6.92
C VAL A 411 -8.41 -15.48 -6.99
N ILE A 412 -9.15 -14.61 -6.24
CA ILE A 412 -8.89 -13.16 -6.20
C ILE A 412 -7.47 -12.92 -5.64
N LYS A 413 -7.06 -13.69 -4.58
CA LYS A 413 -5.73 -13.60 -3.99
C LYS A 413 -4.68 -13.87 -5.06
N LYS A 414 -4.91 -14.92 -5.87
CA LYS A 414 -3.99 -15.30 -6.93
C LYS A 414 -3.85 -14.24 -8.00
N ILE A 415 -4.98 -13.62 -8.39
CA ILE A 415 -5.01 -12.56 -9.40
C ILE A 415 -4.19 -11.39 -8.85
N ASN A 416 -4.46 -11.02 -7.57
CA ASN A 416 -3.80 -9.91 -6.92
C ASN A 416 -2.30 -10.13 -6.77
N SER A 417 -1.91 -11.37 -6.49
CA SER A 417 -0.52 -11.75 -6.34
C SER A 417 0.21 -11.50 -7.68
N ARG A 418 -0.41 -11.91 -8.81
CA ARG A 418 0.13 -11.79 -10.18
C ARG A 418 0.31 -10.34 -10.62
N ILE A 419 -0.66 -9.47 -10.26
CA ILE A 419 -0.64 -8.09 -10.70
C ILE A 419 0.00 -7.14 -9.67
N LYS A 420 0.53 -7.69 -8.54
CA LYS A 420 1.20 -6.89 -7.50
C LYS A 420 2.40 -6.16 -8.09
N GLY A 421 2.53 -4.89 -7.73
CA GLY A 421 3.60 -4.01 -8.16
C GLY A 421 3.80 -2.87 -7.22
N ASN A 422 4.72 -1.98 -7.56
CA ASN A 422 5.01 -0.80 -6.75
C ASN A 422 3.90 0.24 -6.85
N GLU A 423 3.87 1.18 -5.91
CA GLU A 423 2.96 2.32 -5.84
C GLU A 423 3.89 3.55 -5.63
N ASP A 424 4.54 3.98 -6.70
CA ASP A 424 5.50 5.07 -6.66
C ASP A 424 4.96 6.43 -6.99
N PHE A 425 3.85 6.52 -7.75
CA PHE A 425 3.32 7.80 -8.19
C PHE A 425 1.83 8.05 -7.91
N LYS A 426 0.94 7.62 -8.82
CA LYS A 426 -0.50 7.84 -8.70
C LYS A 426 -1.26 6.62 -9.16
N SER A 427 -2.59 6.65 -9.03
CA SER A 427 -3.45 5.54 -9.39
C SER A 427 -4.73 5.99 -10.04
N ILE A 428 -5.33 5.08 -10.81
CA ILE A 428 -6.62 5.25 -11.46
C ILE A 428 -7.44 4.08 -10.91
N GLY A 429 -8.57 4.38 -10.29
CA GLY A 429 -9.47 3.36 -9.77
C GLY A 429 -10.70 3.28 -10.66
N ILE A 430 -11.20 2.07 -10.94
CA ILE A 430 -12.39 1.92 -11.77
C ILE A 430 -13.39 1.09 -10.98
N LEU A 431 -14.60 1.62 -10.75
CA LEU A 431 -15.63 0.95 -10.00
C LEU A 431 -16.69 0.35 -10.90
N ASP A 432 -16.86 -1.00 -10.81
CA ASP A 432 -17.86 -1.78 -11.53
C ASP A 432 -18.74 -2.49 -10.48
N ILE A 433 -19.82 -1.84 -10.03
CA ILE A 433 -20.68 -2.53 -9.06
C ILE A 433 -21.77 -3.34 -9.75
N PHE A 434 -22.42 -4.22 -8.97
CA PHE A 434 -23.60 -4.92 -9.46
C PHE A 434 -24.67 -3.81 -9.55
N GLY A 435 -25.41 -3.80 -10.65
CA GLY A 435 -26.41 -2.77 -10.90
C GLY A 435 -27.72 -2.97 -10.20
N PHE A 436 -28.47 -1.89 -10.16
CA PHE A 436 -29.79 -1.84 -9.57
C PHE A 436 -30.67 -2.90 -10.17
N GLU A 437 -31.35 -3.67 -9.29
CA GLU A 437 -32.25 -4.71 -9.80
C GLU A 437 -33.51 -4.85 -8.99
N ASN A 438 -34.64 -4.88 -9.70
CA ASN A 438 -35.96 -5.01 -9.09
C ASN A 438 -36.66 -6.18 -9.77
N PHE A 439 -36.58 -7.37 -9.16
CA PHE A 439 -37.18 -8.60 -9.64
C PHE A 439 -38.63 -8.70 -9.22
N GLU A 440 -39.38 -9.71 -9.75
CA GLU A 440 -40.78 -9.96 -9.34
C GLU A 440 -40.79 -10.21 -7.81
N VAL A 441 -39.80 -11.00 -7.34
CA VAL A 441 -39.58 -11.27 -5.91
C VAL A 441 -38.14 -10.91 -5.56
N ASN A 442 -38.01 -9.96 -4.62
CA ASN A 442 -36.72 -9.47 -4.12
C ASN A 442 -36.45 -9.95 -2.72
N HIS A 443 -35.23 -10.41 -2.51
CA HIS A 443 -34.79 -10.93 -1.22
C HIS A 443 -33.61 -10.12 -0.74
N PHE A 444 -32.98 -10.59 0.34
CA PHE A 444 -31.89 -9.86 0.94
C PHE A 444 -30.79 -9.50 -0.04
N GLU A 445 -30.53 -10.38 -1.02
CA GLU A 445 -29.48 -10.16 -2.04
C GLU A 445 -29.72 -8.86 -2.77
N GLN A 446 -31.00 -8.63 -3.21
CA GLN A 446 -31.40 -7.41 -3.92
C GLN A 446 -31.31 -6.20 -3.00
N PHE A 447 -31.63 -6.37 -1.70
CA PHE A 447 -31.57 -5.29 -0.74
C PHE A 447 -30.15 -4.73 -0.68
N ASN A 448 -29.14 -5.62 -0.56
CA ASN A 448 -27.74 -5.21 -0.50
C ASN A 448 -27.24 -4.59 -1.79
N ILE A 449 -27.59 -5.20 -2.92
CA ILE A 449 -27.20 -4.65 -4.22
C ILE A 449 -27.78 -3.22 -4.41
N ASN A 450 -29.09 -3.05 -4.14
CA ASN A 450 -29.76 -1.77 -4.32
C ASN A 450 -29.22 -0.71 -3.36
N TYR A 451 -28.81 -1.12 -2.16
CA TYR A 451 -28.21 -0.24 -1.17
C TYR A 451 -26.86 0.33 -1.76
N ALA A 452 -26.03 -0.54 -2.34
CA ALA A 452 -24.76 -0.10 -2.91
C ALA A 452 -25.01 0.91 -4.04
N ASN A 453 -26.06 0.66 -4.86
CA ASN A 453 -26.44 1.55 -5.96
C ASN A 453 -26.88 2.90 -5.42
N GLU A 454 -27.62 2.86 -4.31
CA GLU A 454 -28.10 4.05 -3.65
C GLU A 454 -26.88 4.87 -3.13
N LYS A 455 -25.91 4.18 -2.51
CA LYS A 455 -24.71 4.79 -1.94
C LYS A 455 -23.87 5.45 -3.03
N LEU A 456 -23.77 4.81 -4.20
CA LEU A 456 -23.02 5.38 -5.32
C LEU A 456 -23.72 6.64 -5.88
N GLN A 457 -25.10 6.61 -5.96
CA GLN A 457 -25.91 7.74 -6.47
C GLN A 457 -25.70 8.93 -5.54
N GLU A 458 -25.60 8.68 -4.23
CA GLU A 458 -25.33 9.73 -3.26
C GLU A 458 -23.94 10.36 -3.56
N TYR A 459 -22.90 9.53 -3.91
CA TYR A 459 -21.56 10.06 -4.22
C TYR A 459 -21.68 10.93 -5.45
N PHE A 460 -22.37 10.43 -6.52
CA PHE A 460 -22.58 11.16 -7.76
C PHE A 460 -23.18 12.53 -7.44
N ASN A 461 -24.26 12.61 -6.65
CA ASN A 461 -24.91 13.89 -6.29
C ASN A 461 -24.04 14.81 -5.47
N LYS A 462 -23.26 14.23 -4.54
CA LYS A 462 -22.37 14.97 -3.66
C LYS A 462 -21.33 15.71 -4.50
N HIS A 463 -20.77 15.04 -5.51
CA HIS A 463 -19.73 15.60 -6.35
C HIS A 463 -20.22 16.48 -7.48
N ILE A 464 -21.30 16.10 -8.13
CA ILE A 464 -21.86 16.84 -9.26
C ILE A 464 -22.59 18.12 -8.79
N PHE A 465 -23.36 18.03 -7.70
CA PHE A 465 -24.16 19.13 -7.25
C PHE A 465 -23.80 19.78 -5.95
N SER A 466 -23.74 18.98 -4.85
CA SER A 466 -23.57 19.47 -3.49
C SER A 466 -22.25 20.21 -3.25
N LEU A 467 -21.12 19.50 -3.36
CA LEU A 467 -19.79 20.07 -3.13
C LEU A 467 -19.48 21.14 -4.16
N GLU A 468 -19.92 20.89 -5.40
CA GLU A 468 -19.69 21.80 -6.50
C GLU A 468 -20.27 23.19 -6.21
N GLN A 469 -21.56 23.26 -5.85
CA GLN A 469 -22.22 24.53 -5.62
C GLN A 469 -21.78 25.18 -4.33
N LEU A 470 -21.28 24.35 -3.39
CA LEU A 470 -20.77 24.88 -2.14
C LEU A 470 -19.47 25.64 -2.39
N GLU A 471 -18.61 25.06 -3.28
CA GLU A 471 -17.35 25.67 -3.71
C GLU A 471 -17.61 27.02 -4.40
N TYR A 472 -18.63 27.09 -5.29
CA TYR A 472 -18.99 28.32 -5.98
C TYR A 472 -19.39 29.38 -4.96
N SER A 473 -20.14 28.98 -3.91
CA SER A 473 -20.59 29.89 -2.86
C SER A 473 -19.42 30.43 -2.06
N ARG A 474 -18.52 29.53 -1.60
CA ARG A 474 -17.33 29.85 -0.80
C ARG A 474 -16.40 30.80 -1.57
N GLU A 475 -16.26 30.58 -2.88
CA GLU A 475 -15.41 31.39 -3.74
C GLU A 475 -16.09 32.70 -4.19
N GLY A 476 -17.36 32.87 -3.83
CA GLY A 476 -18.11 34.08 -4.14
C GLY A 476 -18.39 34.32 -5.61
N LEU A 477 -18.64 33.26 -6.37
CA LEU A 477 -18.96 33.39 -7.80
C LEU A 477 -20.38 33.92 -8.00
N VAL A 478 -20.64 34.52 -9.19
CA VAL A 478 -21.98 34.95 -9.60
C VAL A 478 -22.64 33.63 -10.02
N TRP A 479 -23.60 33.17 -9.21
CA TRP A 479 -24.18 31.85 -9.45
C TRP A 479 -25.61 31.74 -8.99
N GLU A 480 -26.47 31.13 -9.80
CA GLU A 480 -27.86 30.86 -9.44
C GLU A 480 -27.91 29.38 -9.10
N ASP A 481 -28.29 29.02 -7.86
CA ASP A 481 -28.31 27.63 -7.47
C ASP A 481 -29.25 26.80 -8.30
N ILE A 482 -28.79 25.59 -8.65
CA ILE A 482 -29.52 24.59 -9.42
C ILE A 482 -30.01 23.55 -8.43
N ASP A 483 -31.34 23.32 -8.39
CA ASP A 483 -31.93 22.31 -7.52
C ASP A 483 -31.72 20.94 -8.16
N TRP A 484 -31.75 19.90 -7.34
CA TRP A 484 -31.55 18.51 -7.73
C TRP A 484 -32.19 17.62 -6.69
N ILE A 485 -32.67 16.40 -7.12
CA ILE A 485 -33.35 15.42 -6.22
C ILE A 485 -32.29 14.62 -5.43
N ASP A 486 -32.20 14.91 -4.14
CA ASP A 486 -31.25 14.33 -3.22
C ASP A 486 -31.82 13.04 -2.60
N ASN A 487 -31.04 11.94 -2.67
CA ASN A 487 -31.44 10.66 -2.09
C ASN A 487 -30.86 10.40 -0.69
N GLY A 488 -30.30 11.42 -0.07
CA GLY A 488 -29.68 11.30 1.24
C GLY A 488 -30.56 10.72 2.32
N GLU A 489 -31.85 11.06 2.30
CA GLU A 489 -32.81 10.59 3.27
C GLU A 489 -33.11 9.09 3.12
N CYS A 490 -32.96 8.54 1.89
CA CYS A 490 -33.17 7.11 1.65
C CYS A 490 -32.02 6.38 2.29
N LEU A 491 -30.78 6.91 2.16
CA LEU A 491 -29.63 6.28 2.81
C LEU A 491 -29.70 6.39 4.32
N ASP A 492 -30.28 7.49 4.81
CA ASP A 492 -30.48 7.71 6.22
C ASP A 492 -31.41 6.58 6.75
N LEU A 493 -32.51 6.28 6.02
CA LEU A 493 -33.45 5.22 6.38
C LEU A 493 -32.74 3.90 6.47
N ILE A 494 -31.82 3.63 5.53
CA ILE A 494 -31.09 2.36 5.50
C ILE A 494 -30.00 2.29 6.56
N GLU A 495 -29.19 3.35 6.67
CA GLU A 495 -27.98 3.40 7.48
C GLU A 495 -28.04 3.92 8.90
N LYS A 496 -28.87 4.97 9.22
CA LYS A 496 -28.97 5.59 10.53
C LYS A 496 -29.21 4.61 11.68
N LYS A 497 -29.01 5.07 12.93
CA LYS A 497 -29.32 4.30 14.13
C LYS A 497 -30.85 4.15 14.07
N LEU A 498 -31.36 2.95 14.34
CA LEU A 498 -32.80 2.63 14.25
C LEU A 498 -33.28 2.50 12.79
N GLY A 499 -32.34 2.58 11.85
CA GLY A 499 -32.60 2.39 10.43
C GLY A 499 -32.80 0.95 10.04
N LEU A 500 -33.00 0.67 8.75
CA LEU A 500 -33.29 -0.71 8.30
C LEU A 500 -32.20 -1.72 8.63
N LEU A 501 -30.95 -1.39 8.31
CA LEU A 501 -29.82 -2.26 8.63
C LEU A 501 -29.68 -2.44 10.14
N ALA A 502 -29.83 -1.34 10.92
CA ALA A 502 -29.71 -1.39 12.39
C ALA A 502 -30.69 -2.37 13.01
N LEU A 503 -31.96 -2.31 12.56
CA LEU A 503 -33.03 -3.19 13.05
C LEU A 503 -32.81 -4.63 12.62
N ILE A 504 -32.34 -4.82 11.34
CA ILE A 504 -32.04 -6.16 10.81
C ILE A 504 -30.92 -6.78 11.66
N ASN A 505 -29.87 -6.01 11.93
CA ASN A 505 -28.74 -6.49 12.71
C ASN A 505 -29.12 -6.78 14.14
N GLU A 506 -29.95 -5.91 14.76
CA GLU A 506 -30.36 -6.10 16.14
C GLU A 506 -31.18 -7.37 16.29
N GLU A 507 -32.16 -7.60 15.39
CA GLU A 507 -32.98 -8.82 15.39
C GLU A 507 -32.14 -10.07 15.13
N SER A 508 -31.07 -9.96 14.30
CA SER A 508 -30.17 -11.07 13.96
C SER A 508 -29.47 -11.63 15.19
N HIS A 509 -29.17 -10.73 16.15
CA HIS A 509 -28.46 -11.05 17.39
C HIS A 509 -29.34 -11.72 18.45
N PHE A 510 -30.66 -11.75 18.24
CA PHE A 510 -31.63 -12.36 19.14
C PHE A 510 -32.02 -13.73 18.61
N PRO A 511 -31.62 -14.83 19.29
CA PRO A 511 -31.93 -16.18 18.77
C PRO A 511 -33.41 -16.52 18.64
N GLN A 512 -34.25 -15.91 19.53
CA GLN A 512 -35.70 -16.06 19.61
C GLN A 512 -36.42 -15.37 18.45
N ALA A 513 -35.78 -14.34 17.82
CA ALA A 513 -36.31 -13.53 16.71
C ALA A 513 -36.54 -14.28 15.42
N THR A 514 -37.60 -13.91 14.71
CA THR A 514 -37.98 -14.50 13.43
C THR A 514 -38.10 -13.40 12.38
N ASP A 515 -38.31 -13.77 11.10
CA ASP A 515 -38.48 -12.77 10.07
C ASP A 515 -39.77 -11.98 10.33
N SER A 516 -40.80 -12.65 10.92
CA SER A 516 -42.07 -11.97 11.22
C SER A 516 -41.95 -10.93 12.32
N THR A 517 -41.15 -11.22 13.38
CA THR A 517 -40.89 -10.27 14.48
C THR A 517 -40.06 -9.10 13.94
N LEU A 518 -39.15 -9.38 12.98
CA LEU A 518 -38.34 -8.34 12.35
C LEU A 518 -39.26 -7.38 11.59
N LEU A 519 -40.16 -7.92 10.74
CA LEU A 519 -41.04 -7.11 9.93
C LEU A 519 -41.91 -6.21 10.78
N GLU A 520 -42.37 -6.70 11.94
CA GLU A 520 -43.18 -5.93 12.88
C GLU A 520 -42.38 -4.70 13.34
N LYS A 521 -41.09 -4.90 13.65
CA LYS A 521 -40.22 -3.81 14.11
C LYS A 521 -39.97 -2.80 13.01
N LEU A 522 -39.72 -3.27 11.77
CA LEU A 522 -39.48 -2.42 10.61
C LEU A 522 -40.70 -1.53 10.37
N HIS A 523 -41.90 -2.12 10.30
CA HIS A 523 -43.15 -1.42 10.08
C HIS A 523 -43.40 -0.42 11.20
N SER A 524 -43.27 -0.84 12.48
CA SER A 524 -43.50 0.03 13.65
C SER A 524 -42.61 1.26 13.64
N GLN A 525 -41.32 1.08 13.36
CA GLN A 525 -40.37 2.16 13.39
C GLN A 525 -40.45 3.09 12.18
N HIS A 526 -40.71 2.54 10.96
CA HIS A 526 -40.60 3.33 9.72
C HIS A 526 -41.85 3.56 8.86
N ALA A 527 -43.05 3.14 9.31
CA ALA A 527 -44.29 3.30 8.53
C ALA A 527 -44.48 4.72 8.00
N ASN A 528 -44.09 5.74 8.81
CA ASN A 528 -44.24 7.15 8.47
C ASN A 528 -43.07 7.76 7.71
N ASN A 529 -41.96 7.02 7.49
CA ASN A 529 -40.78 7.54 6.76
C ASN A 529 -41.12 7.61 5.29
N HIS A 530 -40.88 8.78 4.65
CA HIS A 530 -41.24 9.02 3.25
C HIS A 530 -40.67 8.03 2.27
N PHE A 531 -39.51 7.46 2.62
CA PHE A 531 -38.77 6.50 1.79
C PHE A 531 -39.07 5.02 2.10
N TYR A 532 -39.94 4.77 3.06
CA TYR A 532 -40.36 3.42 3.46
C TYR A 532 -41.79 3.16 3.04
N VAL A 533 -42.08 1.91 2.67
CA VAL A 533 -43.43 1.55 2.24
C VAL A 533 -43.95 0.36 3.04
N LYS A 534 -45.03 0.56 3.81
CA LYS A 534 -45.68 -0.52 4.54
C LYS A 534 -46.78 -1.00 3.57
N PRO A 535 -46.62 -2.18 2.90
CA PRO A 535 -47.65 -2.62 1.94
C PRO A 535 -49.04 -2.73 2.58
N ARG A 536 -50.10 -2.37 1.84
CA ARG A 536 -51.48 -2.42 2.35
C ARG A 536 -52.03 -3.84 2.50
N VAL A 537 -51.56 -4.82 1.68
CA VAL A 537 -52.02 -6.22 1.73
C VAL A 537 -50.86 -7.22 1.93
N ALA A 538 -49.72 -7.08 1.19
CA ALA A 538 -48.55 -7.97 1.24
C ALA A 538 -47.90 -8.02 2.63
N VAL A 539 -48.38 -8.98 3.45
CA VAL A 539 -47.98 -9.20 4.83
C VAL A 539 -46.50 -9.58 5.03
N ASN A 540 -45.77 -10.08 3.99
CA ASN A 540 -44.35 -10.50 4.14
C ASN A 540 -43.34 -9.52 3.62
N ASN A 541 -43.83 -8.36 3.13
CA ASN A 541 -43.01 -7.38 2.47
C ASN A 541 -42.89 -6.04 3.14
N PHE A 542 -41.80 -5.34 2.80
CA PHE A 542 -41.59 -3.95 3.10
C PHE A 542 -41.01 -3.34 1.82
N GLY A 543 -41.29 -2.07 1.58
CA GLY A 543 -40.77 -1.39 0.41
C GLY A 543 -39.83 -0.25 0.75
N VAL A 544 -38.90 0.06 -0.17
CA VAL A 544 -37.93 1.16 -0.05
C VAL A 544 -38.06 2.00 -1.33
N LYS A 545 -38.23 3.32 -1.20
CA LYS A 545 -38.35 4.20 -2.37
C LYS A 545 -36.93 4.56 -2.80
N HIS A 546 -36.28 3.62 -3.52
CA HIS A 546 -34.92 3.83 -4.01
C HIS A 546 -34.91 4.90 -5.08
N TYR A 547 -33.75 5.52 -5.35
CA TYR A 547 -33.62 6.56 -6.37
C TYR A 547 -34.13 6.05 -7.71
N ALA A 548 -33.88 4.75 -8.01
CA ALA A 548 -34.23 4.11 -9.26
C ALA A 548 -35.63 3.50 -9.29
N GLY A 549 -36.36 3.66 -8.18
CA GLY A 549 -37.72 3.17 -8.07
C GLY A 549 -38.04 2.45 -6.78
N GLU A 550 -39.31 2.31 -6.47
CA GLU A 550 -39.74 1.60 -5.26
C GLU A 550 -39.53 0.09 -5.46
N VAL A 551 -38.85 -0.56 -4.50
CA VAL A 551 -38.58 -1.98 -4.55
C VAL A 551 -39.24 -2.61 -3.32
N GLN A 552 -39.99 -3.72 -3.52
CA GLN A 552 -40.60 -4.43 -2.40
C GLN A 552 -39.74 -5.64 -2.10
N TYR A 553 -39.37 -5.83 -0.81
CA TYR A 553 -38.55 -6.92 -0.34
C TYR A 553 -39.36 -7.89 0.50
N ASP A 554 -39.22 -9.19 0.20
CA ASP A 554 -39.83 -10.25 0.99
C ASP A 554 -38.88 -10.45 2.17
N VAL A 555 -39.39 -10.33 3.43
CA VAL A 555 -38.53 -10.52 4.63
C VAL A 555 -38.11 -11.94 4.86
N ARG A 556 -38.89 -12.89 4.34
CA ARG A 556 -38.60 -14.29 4.56
C ARG A 556 -37.21 -14.66 4.04
N GLY A 557 -36.33 -15.00 4.98
CA GLY A 557 -34.95 -15.35 4.69
C GLY A 557 -33.90 -14.36 5.17
N ILE A 558 -34.32 -13.10 5.48
CA ILE A 558 -33.41 -12.01 5.88
C ILE A 558 -32.54 -12.35 7.11
N LEU A 559 -33.14 -12.82 8.21
CA LEU A 559 -32.33 -13.08 9.40
C LEU A 559 -31.28 -14.14 9.16
N GLU A 560 -31.67 -15.25 8.50
CA GLU A 560 -30.72 -16.32 8.26
C GLU A 560 -29.62 -15.94 7.31
N LYS A 561 -29.96 -15.12 6.30
CA LYS A 561 -29.00 -14.62 5.35
C LYS A 561 -28.04 -13.61 5.97
N ASN A 562 -28.55 -12.74 6.82
CA ASN A 562 -27.73 -11.74 7.50
C ASN A 562 -26.81 -12.37 8.56
N ARG A 563 -27.31 -13.42 9.28
CA ARG A 563 -26.55 -14.11 10.31
C ARG A 563 -25.40 -14.85 9.66
N ASP A 564 -25.69 -15.51 8.53
CA ASP A 564 -24.73 -16.27 7.73
C ASP A 564 -23.94 -17.25 8.58
N THR A 565 -24.66 -18.06 9.38
CA THR A 565 -24.11 -19.06 10.29
C THR A 565 -23.42 -20.20 9.52
N PHE A 566 -22.29 -20.69 10.07
CA PHE A 566 -21.58 -21.85 9.55
C PHE A 566 -21.17 -22.64 10.76
N ARG A 567 -21.71 -23.84 10.88
CA ARG A 567 -21.46 -24.73 12.02
C ARG A 567 -19.99 -25.04 12.22
N ASP A 568 -19.54 -24.97 13.49
CA ASP A 568 -18.18 -25.34 13.89
C ASP A 568 -17.91 -26.79 13.58
N ASP A 569 -18.97 -27.64 13.63
CA ASP A 569 -18.89 -29.06 13.27
C ASP A 569 -18.41 -29.21 11.84
N LEU A 570 -18.88 -28.35 10.94
CA LEU A 570 -18.51 -28.37 9.52
C LEU A 570 -17.09 -27.81 9.31
N LEU A 571 -16.73 -26.75 10.05
CA LEU A 571 -15.40 -26.15 9.93
C LEU A 571 -14.36 -27.18 10.42
N ASN A 572 -14.66 -27.87 11.55
CA ASN A 572 -13.80 -28.90 12.08
C ASN A 572 -13.65 -30.05 11.07
N LEU A 573 -14.76 -30.44 10.39
CA LEU A 573 -14.77 -31.49 9.35
C LEU A 573 -13.85 -31.09 8.20
N LEU A 574 -14.01 -29.86 7.67
CA LEU A 574 -13.17 -29.39 6.57
C LEU A 574 -11.67 -29.42 6.90
N ARG A 575 -11.31 -29.15 8.16
CA ARG A 575 -9.93 -29.16 8.58
C ARG A 575 -9.35 -30.59 8.61
N GLU A 576 -10.23 -31.62 8.49
CA GLU A 576 -9.82 -33.02 8.41
C GLU A 576 -9.44 -33.42 6.94
N SER A 577 -9.74 -32.54 5.95
CA SER A 577 -9.47 -32.84 4.55
C SER A 577 -8.06 -33.28 4.30
N ARG A 578 -7.91 -34.38 3.53
CA ARG A 578 -6.62 -34.93 3.13
C ARG A 578 -6.08 -34.14 1.91
N PHE A 579 -6.97 -33.33 1.23
CA PHE A 579 -6.69 -32.49 0.05
C PHE A 579 -6.22 -31.13 0.62
N ASP A 580 -4.89 -30.88 0.54
CA ASP A 580 -4.20 -29.70 1.07
C ASP A 580 -4.85 -28.42 0.64
N PHE A 581 -5.32 -28.32 -0.63
CA PHE A 581 -5.97 -27.13 -1.16
C PHE A 581 -7.17 -26.74 -0.27
N ILE A 582 -8.01 -27.73 0.10
CA ILE A 582 -9.19 -27.51 0.97
C ILE A 582 -8.73 -27.14 2.37
N TYR A 583 -7.76 -27.88 2.94
CA TYR A 583 -7.28 -27.56 4.28
C TYR A 583 -6.78 -26.11 4.31
N ASP A 584 -5.96 -25.73 3.33
CA ASP A 584 -5.39 -24.39 3.27
C ASP A 584 -6.44 -23.30 3.27
N LEU A 585 -7.61 -23.55 2.64
CA LEU A 585 -8.71 -22.58 2.58
C LEU A 585 -9.35 -22.36 3.93
N PHE A 586 -9.41 -23.41 4.78
CA PHE A 586 -10.09 -23.33 6.06
C PHE A 586 -9.16 -23.33 7.30
N GLU A 587 -7.85 -23.36 7.06
CA GLU A 587 -6.82 -23.41 8.09
C GLU A 587 -7.02 -22.41 9.25
N HIS A 588 -7.25 -21.12 8.92
CA HIS A 588 -7.34 -20.02 9.88
C HIS A 588 -8.68 -19.27 9.83
N VAL A 589 -9.68 -19.80 9.12
CA VAL A 589 -11.02 -19.22 8.99
C VAL A 589 -11.62 -19.02 10.39
N SER A 590 -12.22 -17.84 10.64
CA SER A 590 -12.87 -17.51 11.90
C SER A 590 -14.17 -18.25 12.04
N SER A 591 -14.50 -18.68 13.26
CA SER A 591 -15.75 -19.40 13.53
C SER A 591 -16.97 -18.52 13.28
N ARG A 592 -18.04 -19.11 12.72
CA ARG A 592 -19.31 -18.40 12.47
C ARG A 592 -20.48 -19.19 13.03
N ASN A 593 -20.24 -19.92 14.14
CA ASN A 593 -21.26 -20.74 14.77
C ASN A 593 -22.36 -19.88 15.38
N ASN A 594 -23.55 -20.44 15.47
CA ASN A 594 -24.70 -19.80 16.12
C ASN A 594 -24.39 -19.59 17.64
N GLN A 595 -24.47 -18.36 18.13
CA GLN A 595 -24.21 -18.04 19.55
C GLN A 595 -25.51 -18.09 20.37
N ASP A 596 -25.39 -18.42 21.67
CA ASP A 596 -26.56 -18.50 22.57
C ASP A 596 -26.22 -17.92 23.97
N THR A 597 -25.86 -16.60 23.97
CA THR A 597 -25.45 -15.72 25.08
C THR A 597 -24.46 -16.53 26.03
N LEU A 598 -24.58 -16.63 27.39
CA LEU A 598 -25.58 -16.13 28.37
C LEU A 598 -25.24 -14.72 28.88
N LYS A 599 -26.25 -13.81 28.89
CA LYS A 599 -26.15 -12.39 29.31
C LYS A 599 -25.10 -11.60 28.50
N CYS A 600 -24.81 -12.08 27.27
CA CYS A 600 -23.83 -11.50 26.36
C CYS A 600 -24.39 -10.33 25.51
N GLY A 601 -25.30 -9.54 26.10
CA GLY A 601 -25.92 -8.36 25.47
C GLY A 601 -24.95 -7.21 25.27
N SER A 602 -23.66 -7.48 25.55
CA SER A 602 -22.51 -6.60 25.43
C SER A 602 -22.37 -6.07 24.00
N LYS A 603 -22.18 -4.73 23.91
CA LYS A 603 -22.08 -3.85 22.75
C LYS A 603 -21.46 -4.41 21.43
N HIS A 604 -20.56 -5.42 21.51
CA HIS A 604 -19.86 -5.97 20.31
C HIS A 604 -20.79 -6.63 19.25
N ARG A 605 -21.37 -7.84 19.57
CA ARG A 605 -22.22 -8.68 18.69
C ARG A 605 -21.37 -9.23 17.53
N ARG A 606 -21.67 -10.45 17.04
CA ARG A 606 -20.91 -11.08 15.95
C ARG A 606 -21.13 -10.33 14.62
N PRO A 607 -20.11 -10.19 13.72
CA PRO A 607 -20.36 -9.43 12.48
C PRO A 607 -21.33 -10.15 11.59
N THR A 608 -22.25 -9.39 10.99
CA THR A 608 -23.27 -9.94 10.10
C THR A 608 -22.89 -9.56 8.66
N VAL A 609 -23.62 -10.09 7.67
CA VAL A 609 -23.42 -9.74 6.26
C VAL A 609 -23.56 -8.23 6.09
N SER A 610 -24.64 -7.63 6.65
CA SER A 610 -24.98 -6.22 6.63
C SER A 610 -23.90 -5.36 7.22
N SER A 611 -23.40 -5.71 8.42
CA SER A 611 -22.38 -4.91 9.09
C SER A 611 -21.05 -4.92 8.32
N GLN A 612 -20.65 -6.10 7.78
CA GLN A 612 -19.41 -6.21 6.99
C GLN A 612 -19.53 -5.43 5.71
N PHE A 613 -20.71 -5.50 5.05
CA PHE A 613 -20.97 -4.79 3.79
C PHE A 613 -21.03 -3.28 3.98
N LYS A 614 -21.72 -2.79 5.03
CA LYS A 614 -21.80 -1.37 5.32
C LYS A 614 -20.36 -0.83 5.51
N ASP A 615 -19.49 -1.57 6.23
CA ASP A 615 -18.10 -1.19 6.46
C ASP A 615 -17.32 -1.10 5.19
N SER A 616 -17.36 -2.13 4.33
CA SER A 616 -16.65 -2.15 3.04
C SER A 616 -17.06 -0.98 2.18
N LEU A 617 -18.39 -0.68 2.06
CA LEU A 617 -18.88 0.45 1.27
C LEU A 617 -18.36 1.76 1.80
N HIS A 618 -18.36 1.91 3.13
CA HIS A 618 -17.90 3.12 3.77
C HIS A 618 -16.40 3.30 3.48
N SER A 619 -15.60 2.22 3.58
CA SER A 619 -14.15 2.21 3.29
C SER A 619 -13.89 2.63 1.84
N LEU A 620 -14.68 2.06 0.92
CA LEU A 620 -14.62 2.36 -0.51
C LEU A 620 -14.92 3.83 -0.79
N MET A 621 -16.08 4.36 -0.31
CA MET A 621 -16.50 5.74 -0.54
C MET A 621 -15.48 6.71 0.00
N ALA A 622 -14.77 6.35 1.11
CA ALA A 622 -13.75 7.17 1.71
C ALA A 622 -12.55 7.25 0.78
N THR A 623 -12.16 6.10 0.13
CA THR A 623 -11.08 6.06 -0.86
C THR A 623 -11.48 6.93 -2.06
N LEU A 624 -12.72 6.77 -2.57
CA LEU A 624 -13.21 7.52 -3.72
C LEU A 624 -13.30 9.01 -3.46
N SER A 625 -13.61 9.37 -2.23
CA SER A 625 -13.78 10.76 -1.82
C SER A 625 -12.48 11.57 -1.96
N SER A 626 -11.29 10.92 -1.88
CA SER A 626 -9.96 11.54 -2.01
C SER A 626 -9.38 11.55 -3.46
N SER A 627 -10.11 10.93 -4.42
CA SER A 627 -9.75 10.87 -5.84
C SER A 627 -10.60 11.82 -6.63
N ASN A 628 -10.12 12.26 -7.78
CA ASN A 628 -10.91 13.11 -8.67
C ASN A 628 -11.77 12.16 -9.54
N PRO A 629 -13.11 12.30 -9.52
CA PRO A 629 -13.95 11.36 -10.27
C PRO A 629 -14.37 11.73 -11.69
N PHE A 630 -14.54 10.69 -12.53
CA PHE A 630 -15.12 10.75 -13.87
C PHE A 630 -16.35 9.87 -13.82
N PHE A 631 -17.48 10.37 -14.33
CA PHE A 631 -18.73 9.62 -14.24
C PHE A 631 -19.20 9.13 -15.60
N VAL A 632 -19.60 7.86 -15.66
CA VAL A 632 -20.16 7.23 -16.86
C VAL A 632 -21.57 6.76 -16.44
N ARG A 633 -22.61 7.17 -17.19
CA ARG A 633 -24.01 6.82 -16.91
C ARG A 633 -24.47 5.88 -18.00
N CYS A 634 -24.62 4.60 -17.68
CA CYS A 634 -25.07 3.60 -18.63
C CYS A 634 -26.59 3.55 -18.66
N ILE A 635 -27.17 3.58 -19.86
CA ILE A 635 -28.61 3.56 -20.07
C ILE A 635 -29.07 2.29 -20.85
N LYS A 636 -30.08 1.59 -20.34
CA LYS A 636 -30.64 0.42 -21.00
C LYS A 636 -31.69 0.94 -21.96
N PRO A 637 -31.58 0.68 -23.28
CA PRO A 637 -32.60 1.20 -24.19
C PRO A 637 -33.93 0.44 -24.09
N ASN A 638 -33.91 -0.83 -23.62
CA ASN A 638 -35.08 -1.70 -23.54
C ASN A 638 -34.87 -2.83 -22.54
N MET A 639 -35.93 -3.54 -22.18
CA MET A 639 -35.85 -4.64 -21.20
C MET A 639 -35.81 -6.03 -21.87
N GLN A 640 -35.53 -6.07 -23.17
CA GLN A 640 -35.54 -7.31 -23.95
C GLN A 640 -34.20 -7.72 -24.48
N LYS A 641 -33.14 -7.03 -24.07
CA LYS A 641 -31.76 -7.30 -24.51
C LYS A 641 -31.63 -7.18 -26.04
N MET A 642 -32.46 -6.32 -26.66
CA MET A 642 -32.53 -6.16 -28.10
C MET A 642 -31.72 -5.02 -28.69
N PRO A 643 -31.09 -5.24 -29.87
CA PRO A 643 -30.43 -4.12 -30.57
C PRO A 643 -31.48 -3.32 -31.34
N ASP A 644 -31.16 -2.08 -31.75
CA ASP A 644 -32.05 -1.21 -32.55
C ASP A 644 -33.50 -1.14 -32.00
N GLN A 645 -33.66 -1.01 -30.67
CA GLN A 645 -34.98 -0.93 -30.04
C GLN A 645 -34.87 0.03 -28.87
N PHE A 646 -35.20 1.30 -29.14
CA PHE A 646 -35.14 2.34 -28.15
C PHE A 646 -36.55 2.52 -27.54
N ASP A 647 -36.81 1.99 -26.31
CA ASP A 647 -38.12 2.16 -25.63
C ASP A 647 -38.07 3.49 -24.95
N GLN A 648 -38.72 4.51 -25.52
CA GLN A 648 -38.74 5.88 -25.00
C GLN A 648 -39.19 5.92 -23.51
N ALA A 649 -40.20 5.13 -23.11
CA ALA A 649 -40.64 5.14 -21.71
C ALA A 649 -39.56 4.62 -20.75
N VAL A 650 -38.83 3.55 -21.17
CA VAL A 650 -37.76 2.89 -20.42
C VAL A 650 -36.57 3.87 -20.26
N VAL A 651 -36.18 4.51 -21.36
CA VAL A 651 -35.08 5.47 -21.41
C VAL A 651 -35.41 6.70 -20.56
N LEU A 652 -36.60 7.31 -20.79
CA LEU A 652 -37.01 8.50 -20.05
C LEU A 652 -36.97 8.30 -18.54
N ASN A 653 -37.41 7.13 -18.08
CA ASN A 653 -37.38 6.81 -16.67
C ASN A 653 -35.95 6.92 -16.09
N GLN A 654 -34.97 6.36 -16.78
CA GLN A 654 -33.59 6.38 -16.34
C GLN A 654 -33.03 7.80 -16.36
N LEU A 655 -33.35 8.58 -17.38
CA LEU A 655 -32.89 9.98 -17.48
C LEU A 655 -33.46 10.80 -16.34
N ARG A 656 -34.71 10.45 -15.96
CA ARG A 656 -35.42 11.20 -14.94
C ARG A 656 -34.84 10.91 -13.52
N TYR A 657 -34.82 9.65 -13.15
CA TYR A 657 -34.42 9.27 -11.81
C TYR A 657 -32.93 9.47 -11.53
N SER A 658 -32.09 9.43 -12.57
CA SER A 658 -30.66 9.60 -12.41
C SER A 658 -30.27 11.10 -12.33
N GLY A 659 -31.21 11.98 -12.65
CA GLY A 659 -30.99 13.42 -12.61
C GLY A 659 -30.20 13.99 -13.76
N MET A 660 -30.39 13.43 -14.96
CA MET A 660 -29.67 13.85 -16.16
C MET A 660 -30.02 15.24 -16.53
N LEU A 661 -31.29 15.62 -16.36
CA LEU A 661 -31.69 16.98 -16.70
C LEU A 661 -30.92 18.02 -15.88
N GLU A 662 -30.87 17.84 -14.55
CA GLU A 662 -30.19 18.76 -13.64
C GLU A 662 -28.69 18.73 -13.91
N THR A 663 -28.16 17.54 -14.27
CA THR A 663 -26.73 17.36 -14.57
C THR A 663 -26.35 18.23 -15.77
N VAL A 664 -27.19 18.20 -16.83
CA VAL A 664 -26.96 18.99 -18.04
C VAL A 664 -26.95 20.48 -17.67
N ARG A 665 -27.89 20.90 -16.80
CA ARG A 665 -28.01 22.28 -16.35
C ARG A 665 -26.76 22.76 -15.67
N ILE A 666 -26.23 21.98 -14.73
CA ILE A 666 -25.04 22.40 -13.99
C ILE A 666 -23.75 22.30 -14.84
N ARG A 667 -23.68 21.36 -15.78
CA ARG A 667 -22.48 21.29 -16.62
C ARG A 667 -22.50 22.38 -17.71
N LYS A 668 -23.69 22.87 -18.09
CA LYS A 668 -23.82 23.92 -19.09
C LYS A 668 -23.45 25.28 -18.47
N ALA A 669 -23.90 25.51 -17.22
CA ALA A 669 -23.74 26.77 -16.52
C ALA A 669 -22.52 26.87 -15.64
N GLY A 670 -22.09 25.75 -15.10
CA GLY A 670 -21.01 25.66 -14.13
C GLY A 670 -19.62 25.75 -14.67
N TYR A 671 -18.64 25.65 -13.73
CA TYR A 671 -17.22 25.80 -14.01
C TYR A 671 -16.51 24.66 -13.33
N ALA A 672 -16.48 23.46 -13.96
CA ALA A 672 -15.90 22.26 -13.36
C ALA A 672 -14.41 22.32 -13.13
N VAL A 673 -13.68 23.22 -13.80
CA VAL A 673 -12.21 23.35 -13.62
C VAL A 673 -11.88 24.60 -12.83
N ARG A 674 -10.93 24.49 -11.90
CA ARG A 674 -10.46 25.65 -11.13
C ARG A 674 -9.04 25.49 -10.63
N ARG A 675 -8.31 26.59 -10.61
CA ARG A 675 -6.93 26.63 -10.15
C ARG A 675 -6.69 27.92 -9.42
N PRO A 676 -5.90 27.91 -8.31
CA PRO A 676 -5.49 29.18 -7.69
C PRO A 676 -4.88 30.12 -8.74
N PHE A 677 -5.03 31.45 -8.57
CA PHE A 677 -4.55 32.42 -9.56
C PHE A 677 -3.11 32.16 -10.00
N GLN A 678 -2.17 32.01 -9.06
CA GLN A 678 -0.75 31.77 -9.42
C GLN A 678 -0.54 30.45 -10.14
N ASP A 679 -1.30 29.42 -9.79
CA ASP A 679 -1.20 28.11 -10.41
C ASP A 679 -1.63 28.21 -11.86
N PHE A 680 -2.76 28.92 -12.11
CA PHE A 680 -3.29 29.15 -13.45
C PHE A 680 -2.25 29.94 -14.27
N TYR A 681 -1.75 31.05 -13.70
CA TYR A 681 -0.76 31.89 -14.36
C TYR A 681 0.51 31.12 -14.67
N LYS A 682 1.05 30.34 -13.72
CA LYS A 682 2.27 29.55 -13.92
C LYS A 682 2.09 28.46 -14.98
N ARG A 683 0.90 27.83 -15.05
CA ARG A 683 0.65 26.81 -16.06
C ARG A 683 0.53 27.39 -17.45
N TYR A 684 -0.23 28.50 -17.58
CA TYR A 684 -0.53 29.09 -18.89
C TYR A 684 0.29 30.33 -19.25
N LYS A 685 1.43 30.57 -18.55
CA LYS A 685 2.34 31.70 -18.81
C LYS A 685 2.78 31.74 -20.28
N VAL A 686 3.02 30.55 -20.91
CA VAL A 686 3.42 30.36 -22.33
C VAL A 686 2.45 31.04 -23.28
N LEU A 687 1.15 31.02 -22.93
CA LEU A 687 0.06 31.57 -23.72
C LEU A 687 -0.11 33.10 -23.53
N MET A 688 0.67 33.68 -22.64
CA MET A 688 0.60 35.11 -22.36
C MET A 688 1.82 35.91 -22.89
N ARG A 689 2.76 35.23 -23.61
CA ARG A 689 3.99 35.81 -24.17
C ARG A 689 3.80 37.06 -25.00
N ASN A 690 2.69 37.16 -25.75
CA ASN A 690 2.44 38.29 -26.64
C ASN A 690 1.46 39.31 -26.05
N LEU A 691 1.22 39.26 -24.74
CA LEU A 691 0.29 40.16 -24.03
C LEU A 691 1.00 41.17 -23.14
N ALA A 692 0.45 42.40 -23.06
CA ALA A 692 0.87 43.48 -22.18
C ALA A 692 0.19 43.19 -20.83
N LEU A 693 0.90 42.51 -19.90
CA LEU A 693 0.31 42.06 -18.63
C LEU A 693 0.34 43.07 -17.49
N PRO A 694 -0.72 43.11 -16.64
CA PRO A 694 -0.67 43.99 -15.45
C PRO A 694 0.18 43.37 -14.34
N GLU A 695 0.49 44.15 -13.30
CA GLU A 695 1.34 43.69 -12.20
C GLU A 695 0.67 42.59 -11.32
N ASP A 696 -0.67 42.64 -11.15
CA ASP A 696 -1.40 41.70 -10.31
C ASP A 696 -1.79 40.43 -11.02
N VAL A 697 -1.72 39.29 -10.30
CA VAL A 697 -2.01 37.97 -10.87
C VAL A 697 -3.46 37.84 -11.37
N ARG A 698 -4.44 38.41 -10.64
CA ARG A 698 -5.84 38.37 -11.06
C ARG A 698 -5.98 39.00 -12.48
N GLY A 699 -5.28 40.13 -12.68
CA GLY A 699 -5.24 40.85 -13.95
C GLY A 699 -4.60 40.04 -15.07
N LYS A 700 -3.52 39.28 -14.73
CA LYS A 700 -2.80 38.42 -15.66
C LYS A 700 -3.72 37.31 -16.16
N CYS A 701 -4.48 36.69 -15.23
CA CYS A 701 -5.45 35.64 -15.56
C CYS A 701 -6.54 36.22 -16.47
N THR A 702 -7.07 37.41 -16.10
CA THR A 702 -8.10 38.09 -16.85
C THR A 702 -7.67 38.35 -18.29
N SER A 703 -6.42 38.82 -18.49
CA SER A 703 -5.86 39.12 -19.81
C SER A 703 -5.94 37.95 -20.76
N LEU A 704 -5.57 36.75 -20.29
CA LEU A 704 -5.63 35.56 -21.13
C LEU A 704 -7.08 35.14 -21.39
N LEU A 705 -7.89 35.11 -20.32
CA LEU A 705 -9.26 34.63 -20.40
C LEU A 705 -10.15 35.52 -21.26
N GLN A 706 -9.89 36.83 -21.25
CA GLN A 706 -10.62 37.80 -22.04
C GLN A 706 -10.44 37.57 -23.54
N LEU A 707 -9.30 36.99 -23.95
CA LEU A 707 -9.01 36.67 -25.36
C LEU A 707 -9.91 35.51 -25.78
N TYR A 708 -10.12 34.54 -24.86
CA TYR A 708 -10.93 33.36 -25.13
C TYR A 708 -12.44 33.60 -25.05
N ASP A 709 -12.87 34.51 -24.17
CA ASP A 709 -14.27 34.85 -23.94
C ASP A 709 -14.39 36.21 -23.26
N ALA A 710 -14.56 37.26 -24.07
CA ALA A 710 -14.69 38.63 -23.57
C ALA A 710 -15.96 38.89 -22.72
N SER A 711 -17.04 38.08 -22.93
CA SER A 711 -18.31 38.16 -22.19
C SER A 711 -18.17 37.81 -20.72
N ASN A 712 -17.05 37.19 -20.31
CA ASN A 712 -16.80 36.77 -18.93
C ASN A 712 -17.77 35.67 -18.49
N SER A 713 -18.41 34.95 -19.45
CA SER A 713 -19.37 33.90 -19.13
C SER A 713 -18.81 32.46 -19.04
N GLU A 714 -17.67 32.13 -19.69
CA GLU A 714 -17.07 30.77 -19.66
C GLU A 714 -16.04 30.60 -18.53
N TRP A 715 -15.78 31.70 -17.82
CA TRP A 715 -14.82 31.75 -16.71
C TRP A 715 -15.22 32.81 -15.71
N GLN A 716 -14.74 32.69 -14.50
CA GLN A 716 -15.01 33.66 -13.45
C GLN A 716 -13.83 33.66 -12.51
N LEU A 717 -13.56 34.80 -11.85
CA LEU A 717 -12.52 34.83 -10.84
C LEU A 717 -13.23 34.78 -9.49
N GLY A 718 -12.80 33.85 -8.66
CA GLY A 718 -13.32 33.71 -7.31
C GLY A 718 -12.42 34.43 -6.34
N LYS A 719 -12.51 34.08 -5.04
CA LYS A 719 -11.70 34.68 -3.98
C LYS A 719 -10.24 34.29 -4.11
N THR A 720 -9.99 32.99 -4.38
CA THR A 720 -8.62 32.45 -4.51
C THR A 720 -8.32 31.78 -5.85
N LYS A 721 -9.37 31.41 -6.61
CA LYS A 721 -9.21 30.63 -7.82
C LYS A 721 -9.84 31.19 -9.07
N VAL A 722 -9.27 30.76 -10.21
CA VAL A 722 -9.78 30.98 -11.57
C VAL A 722 -10.72 29.77 -11.81
N PHE A 723 -11.99 30.05 -12.14
CA PHE A 723 -12.96 29.01 -12.44
C PHE A 723 -13.18 29.06 -13.92
N LEU A 724 -13.23 27.89 -14.59
CA LEU A 724 -13.46 27.88 -16.02
C LEU A 724 -14.18 26.60 -16.48
N ARG A 725 -14.97 26.70 -17.56
CA ARG A 725 -15.73 25.57 -18.12
C ARG A 725 -14.77 24.55 -18.67
N GLU A 726 -15.14 23.24 -18.68
CA GLU A 726 -14.29 22.15 -19.21
C GLU A 726 -13.86 22.47 -20.67
N SER A 727 -14.81 22.97 -21.51
CA SER A 727 -14.56 23.33 -22.92
C SER A 727 -13.44 24.36 -23.06
N LEU A 728 -13.41 25.40 -22.17
CA LEU A 728 -12.39 26.44 -22.17
C LEU A 728 -11.06 25.86 -21.72
N GLU A 729 -11.06 25.01 -20.67
CA GLU A 729 -9.84 24.38 -20.17
C GLU A 729 -9.22 23.50 -21.26
N GLN A 730 -10.06 22.79 -22.01
CA GLN A 730 -9.64 21.90 -23.09
C GLN A 730 -8.99 22.74 -24.22
N LYS A 731 -9.57 23.94 -24.49
CA LYS A 731 -9.09 24.89 -25.47
C LYS A 731 -7.69 25.41 -25.05
N LEU A 732 -7.51 25.67 -23.73
CA LEU A 732 -6.25 26.16 -23.15
C LEU A 732 -5.18 25.08 -23.11
N GLU A 733 -5.57 23.83 -22.79
CA GLU A 733 -4.63 22.71 -22.72
C GLU A 733 -4.10 22.36 -24.10
N LYS A 734 -4.95 22.44 -25.16
CA LYS A 734 -4.57 22.17 -26.56
C LYS A 734 -3.53 23.19 -27.00
N ARG A 735 -3.75 24.48 -26.72
CA ARG A 735 -2.81 25.54 -27.09
C ARG A 735 -1.50 25.49 -26.32
N ARG A 736 -1.54 25.10 -25.04
CA ARG A 736 -0.34 24.99 -24.21
C ARG A 736 0.57 23.90 -24.81
N GLU A 737 -0.01 22.73 -25.16
CA GLU A 737 0.64 21.57 -25.75
C GLU A 737 1.37 21.98 -27.05
N GLU A 738 0.71 22.77 -27.90
CA GLU A 738 1.21 23.29 -29.17
C GLU A 738 2.40 24.21 -29.01
N GLU A 739 2.44 25.02 -27.94
CA GLU A 739 3.53 25.98 -27.69
C GLU A 739 4.69 25.29 -27.01
N VAL A 740 4.39 24.39 -26.10
CA VAL A 740 5.39 23.62 -25.39
C VAL A 740 6.18 22.80 -26.41
N SER A 741 5.48 22.14 -27.36
CA SER A 741 6.04 21.34 -28.42
C SER A 741 6.91 22.18 -29.37
N HIS A 742 6.47 23.41 -29.66
CA HIS A 742 7.16 24.34 -30.53
C HIS A 742 8.45 24.82 -29.88
N ALA A 743 8.45 24.97 -28.56
CA ALA A 743 9.59 25.38 -27.74
C ALA A 743 10.62 24.26 -27.66
N ALA A 744 10.16 22.99 -27.58
CA ALA A 744 11.00 21.80 -27.55
C ALA A 744 11.72 21.67 -28.90
N MET A 745 11.08 22.12 -29.99
CA MET A 745 11.65 22.09 -31.34
C MET A 745 12.73 23.12 -31.48
N VAL A 746 12.51 24.29 -30.88
CA VAL A 746 13.49 25.38 -30.89
C VAL A 746 14.74 24.93 -30.13
N ILE A 747 14.58 24.25 -28.97
CA ILE A 747 15.75 23.84 -28.21
C ILE A 747 16.35 22.57 -28.82
N ARG A 748 15.52 21.58 -29.25
CA ARG A 748 16.03 20.37 -29.92
C ARG A 748 16.96 20.73 -31.14
N ALA A 749 16.58 21.78 -31.89
CA ALA A 749 17.32 22.27 -33.04
C ALA A 749 18.60 23.03 -32.64
N HIS A 750 18.57 23.72 -31.48
CA HIS A 750 19.72 24.50 -31.03
C HIS A 750 20.78 23.65 -30.39
N VAL A 751 20.37 22.60 -29.66
CA VAL A 751 21.34 21.70 -29.03
C VAL A 751 21.96 20.79 -30.10
N LEU A 752 21.17 20.35 -31.10
CA LEU A 752 21.73 19.51 -32.16
C LEU A 752 22.79 20.25 -32.98
N GLY A 753 22.63 21.57 -33.09
CA GLY A 753 23.54 22.46 -33.77
C GLY A 753 24.74 22.88 -32.95
N PHE A 754 24.69 22.55 -31.63
CA PHE A 754 25.75 22.80 -30.65
C PHE A 754 26.67 21.59 -30.71
N LEU A 755 26.08 20.37 -30.54
CA LEU A 755 26.77 19.06 -30.59
C LEU A 755 27.54 18.84 -31.89
N ALA A 756 26.89 19.13 -33.04
CA ALA A 756 27.50 18.98 -34.35
C ALA A 756 28.58 20.01 -34.56
N ARG A 757 28.39 21.26 -34.04
CA ARG A 757 29.37 22.35 -34.19
C ARG A 757 30.61 22.06 -33.36
N LYS A 758 30.40 21.50 -32.12
CA LYS A 758 31.45 21.12 -31.16
C LYS A 758 32.36 20.09 -31.80
N GLN A 759 31.79 18.97 -32.29
CA GLN A 759 32.55 17.91 -32.92
C GLN A 759 33.16 18.31 -34.27
N TYR A 760 32.52 19.25 -35.02
CA TYR A 760 33.11 19.67 -36.29
C TYR A 760 34.32 20.56 -36.05
N ARG A 761 34.28 21.39 -34.99
CA ARG A 761 35.38 22.28 -34.59
C ARG A 761 36.55 21.45 -33.99
N LYS A 762 36.20 20.34 -33.26
CA LYS A 762 37.14 19.38 -32.64
C LYS A 762 37.95 18.64 -33.70
N VAL A 763 37.27 18.10 -34.75
CA VAL A 763 37.89 17.39 -35.87
C VAL A 763 38.78 18.36 -36.65
N LEU A 764 38.30 19.60 -36.88
CA LEU A 764 39.06 20.64 -37.58
C LEU A 764 40.30 21.07 -36.79
N TYR A 765 40.27 20.91 -35.45
CA TYR A 765 41.39 21.24 -34.57
C TYR A 765 42.38 20.07 -34.50
N CYS A 766 41.86 18.83 -34.29
CA CYS A 766 42.66 17.60 -34.20
C CYS A 766 43.51 17.35 -35.47
N VAL A 767 42.99 17.76 -36.65
CA VAL A 767 43.68 17.61 -37.93
C VAL A 767 44.75 18.66 -38.13
N VAL A 768 44.48 19.93 -37.78
CA VAL A 768 45.43 21.02 -37.94
C VAL A 768 46.66 20.83 -37.01
N ILE A 769 46.48 20.09 -35.87
CA ILE A 769 47.60 19.79 -34.96
C ILE A 769 48.42 18.60 -35.50
N ILE A 770 47.77 17.64 -36.23
CA ILE A 770 48.47 16.49 -36.83
C ILE A 770 49.14 16.90 -38.15
N GLN A 771 48.53 17.84 -38.89
CA GLN A 771 49.04 18.36 -40.16
C GLN A 771 50.28 19.22 -39.94
N LYS A 772 50.32 20.01 -38.84
CA LYS A 772 51.45 20.86 -38.47
C LYS A 772 52.63 20.00 -37.99
N ASN A 773 52.34 18.94 -37.20
CA ASN A 773 53.30 17.97 -36.65
C ASN A 773 53.91 17.10 -37.75
N TYR A 774 53.09 16.67 -38.74
CA TYR A 774 53.57 15.89 -39.89
C TYR A 774 54.39 16.77 -40.84
N ARG A 775 54.02 18.07 -40.98
CA ARG A 775 54.74 19.05 -41.81
C ARG A 775 56.16 19.28 -41.28
N ALA A 776 56.34 19.08 -39.95
CA ALA A 776 57.59 19.20 -39.22
C ALA A 776 58.39 17.88 -39.27
N PHE A 777 57.75 16.74 -38.88
CA PHE A 777 58.32 15.38 -38.85
C PHE A 777 58.84 14.91 -40.20
N LEU A 778 58.18 15.34 -41.29
CA LEU A 778 58.61 14.99 -42.64
C LEU A 778 59.68 15.95 -43.17
N LEU A 779 59.72 17.21 -42.66
CA LEU A 779 60.74 18.20 -43.06
C LEU A 779 62.10 17.82 -42.46
N ARG A 780 62.11 17.22 -41.25
CA ARG A 780 63.33 16.74 -40.57
C ARG A 780 63.84 15.49 -41.29
N ARG A 781 62.91 14.56 -41.62
CA ARG A 781 63.18 13.30 -42.32
C ARG A 781 63.68 13.52 -43.75
N ARG A 782 63.37 14.69 -44.36
CA ARG A 782 63.80 15.11 -45.71
C ARG A 782 65.27 15.52 -45.65
N PHE A 783 65.70 16.10 -44.50
CA PHE A 783 67.07 16.53 -44.22
C PHE A 783 67.96 15.33 -43.85
N LEU A 784 67.36 14.27 -43.25
CA LEU A 784 67.94 13.00 -42.78
C LEU A 784 69.19 13.22 -41.90
N ASN B 1 -5.53 -14.58 64.22
CA ASN B 1 -4.94 -13.47 63.49
C ASN B 1 -3.75 -12.81 64.22
N PHE B 2 -3.18 -13.51 65.23
CA PHE B 2 -2.03 -13.04 66.01
C PHE B 2 -0.72 -13.39 65.30
N PHE B 3 0.19 -12.42 65.22
CA PHE B 3 1.50 -12.57 64.60
C PHE B 3 2.57 -11.99 65.53
N THR B 4 3.63 -12.77 65.77
CA THR B 4 4.75 -12.44 66.65
C THR B 4 5.62 -11.31 66.10
N GLU B 5 6.42 -10.66 66.99
CA GLU B 5 7.33 -9.57 66.65
C GLU B 5 8.29 -10.02 65.51
N GLY B 6 8.45 -9.16 64.51
CA GLY B 6 9.30 -9.42 63.35
C GLY B 6 8.62 -10.10 62.17
N THR B 7 7.36 -10.58 62.35
CA THR B 7 6.61 -11.26 61.27
C THR B 7 6.28 -10.29 60.13
N ARG B 8 6.50 -10.74 58.87
CA ARG B 8 6.21 -9.99 57.66
C ARG B 8 4.75 -10.23 57.27
N VAL B 9 3.94 -9.14 57.27
CA VAL B 9 2.50 -9.21 57.00
C VAL B 9 2.02 -8.14 56.01
N TRP B 10 0.83 -8.34 55.43
CA TRP B 10 0.13 -7.35 54.62
C TRP B 10 -0.92 -6.74 55.55
N LEU B 11 -0.96 -5.41 55.67
CA LEU B 11 -1.96 -4.77 56.51
C LEU B 11 -2.91 -3.96 55.65
N ARG B 12 -4.16 -4.42 55.52
CA ARG B 12 -5.20 -3.73 54.74
C ARG B 12 -5.71 -2.49 55.51
N GLU B 13 -5.04 -1.32 55.30
CA GLU B 13 -5.40 -0.05 55.95
C GLU B 13 -5.82 0.99 54.88
N ASN B 14 -6.76 1.93 55.19
CA ASN B 14 -7.20 3.02 54.28
C ASN B 14 -7.66 2.56 52.86
N GLY B 15 -7.76 1.25 52.65
CA GLY B 15 -8.17 0.69 51.37
C GLY B 15 -7.02 0.16 50.53
N GLN B 16 -5.80 0.01 51.12
CA GLN B 16 -4.64 -0.56 50.41
C GLN B 16 -3.79 -1.43 51.32
N HIS B 17 -3.33 -2.59 50.81
CA HIS B 17 -2.50 -3.52 51.57
C HIS B 17 -1.08 -2.97 51.66
N PHE B 18 -0.56 -2.84 52.90
CA PHE B 18 0.78 -2.33 53.20
C PHE B 18 1.78 -3.43 53.54
N PRO B 19 2.96 -3.43 52.87
CA PRO B 19 4.01 -4.41 53.24
C PRO B 19 4.54 -3.96 54.60
N SER B 20 4.34 -4.80 55.63
CA SER B 20 4.65 -4.40 57.00
C SER B 20 5.37 -5.47 57.83
N THR B 21 5.89 -5.05 58.98
CA THR B 21 6.53 -5.90 59.97
C THR B 21 5.85 -5.67 61.32
N VAL B 22 5.64 -6.75 62.12
CA VAL B 22 5.06 -6.63 63.46
C VAL B 22 6.17 -6.02 64.33
N ASN B 23 5.98 -4.77 64.78
CA ASN B 23 6.94 -4.02 65.60
C ASN B 23 6.88 -4.44 67.08
N SER B 24 5.66 -4.64 67.63
CA SER B 24 5.41 -5.07 69.01
C SER B 24 4.01 -5.64 69.17
N CYS B 25 3.86 -6.60 70.09
CA CYS B 25 2.59 -7.26 70.45
C CYS B 25 2.56 -7.58 71.95
N ALA B 26 2.13 -6.57 72.75
CA ALA B 26 2.05 -6.64 74.22
C ALA B 26 0.88 -5.80 74.75
N GLU B 27 0.31 -6.22 75.91
CA GLU B 27 -0.79 -5.56 76.63
C GLU B 27 -2.07 -5.36 75.76
N GLY B 28 -2.30 -6.30 74.85
CA GLY B 28 -3.44 -6.28 73.94
C GLY B 28 -3.35 -5.26 72.83
N ILE B 29 -2.15 -4.70 72.60
CA ILE B 29 -1.86 -3.70 71.56
C ILE B 29 -0.89 -4.30 70.55
N VAL B 30 -1.15 -4.07 69.25
CA VAL B 30 -0.26 -4.51 68.18
C VAL B 30 0.17 -3.27 67.37
N VAL B 31 1.49 -3.14 67.13
CA VAL B 31 2.07 -2.04 66.35
C VAL B 31 2.71 -2.63 65.10
N PHE B 32 2.37 -2.06 63.93
CA PHE B 32 2.92 -2.47 62.63
C PHE B 32 3.72 -1.31 62.02
N ARG B 33 4.89 -1.62 61.43
CA ARG B 33 5.72 -0.63 60.74
C ARG B 33 5.78 -1.01 59.26
N THR B 34 5.31 -0.11 58.36
CA THR B 34 5.29 -0.39 56.92
C THR B 34 6.67 -0.14 56.30
N ASP B 35 6.93 -0.75 55.13
CA ASP B 35 8.17 -0.54 54.39
C ASP B 35 8.26 0.89 53.80
N TYR B 36 7.15 1.65 53.88
CA TYR B 36 7.10 3.03 53.43
C TYR B 36 7.28 4.03 54.60
N GLY B 37 7.57 3.50 55.79
CA GLY B 37 7.85 4.28 57.01
C GLY B 37 6.70 4.64 57.92
N GLN B 38 5.49 4.15 57.61
CA GLN B 38 4.30 4.45 58.41
C GLN B 38 4.15 3.52 59.60
N VAL B 39 3.67 4.05 60.71
CA VAL B 39 3.45 3.27 61.92
C VAL B 39 1.96 3.25 62.22
N PHE B 40 1.37 2.05 62.31
CA PHE B 40 -0.05 1.86 62.60
C PHE B 40 -0.21 1.04 63.88
N THR B 41 -1.04 1.53 64.82
CA THR B 41 -1.29 0.91 66.12
C THR B 41 -2.77 0.49 66.27
N TYR B 42 -3.02 -0.73 66.78
CA TYR B 42 -4.37 -1.27 66.95
C TYR B 42 -4.52 -2.08 68.23
N LYS B 43 -5.77 -2.28 68.66
CA LYS B 43 -6.13 -3.17 69.75
C LYS B 43 -6.10 -4.55 69.07
N GLN B 44 -5.40 -5.53 69.66
CA GLN B 44 -5.24 -6.88 69.09
C GLN B 44 -6.60 -7.57 68.78
N SER B 45 -7.63 -7.33 69.62
CA SER B 45 -8.98 -7.86 69.45
C SER B 45 -9.64 -7.45 68.12
N THR B 46 -9.31 -6.23 67.62
CA THR B 46 -9.84 -5.66 66.36
C THR B 46 -9.20 -6.26 65.10
N ILE B 47 -8.07 -6.98 65.25
CA ILE B 47 -7.38 -7.60 64.12
C ILE B 47 -8.09 -8.90 63.78
N THR B 48 -8.96 -8.83 62.75
CA THR B 48 -9.81 -9.95 62.32
C THR B 48 -9.02 -10.96 61.49
N HIS B 49 -9.55 -12.19 61.36
CA HIS B 49 -8.95 -13.27 60.58
C HIS B 49 -8.93 -12.95 59.08
N GLN B 50 -7.92 -12.15 58.67
CA GLN B 50 -7.64 -11.67 57.32
C GLN B 50 -8.78 -10.84 56.68
N LYS B 51 -8.75 -9.46 56.68
CA LYS B 51 -7.86 -8.43 57.27
C LYS B 51 -6.33 -8.63 57.03
N VAL B 52 -5.55 -8.87 58.12
CA VAL B 52 -4.09 -9.04 58.12
C VAL B 52 -3.70 -10.42 57.56
N THR B 53 -3.22 -10.43 56.31
CA THR B 53 -2.78 -11.65 55.61
C THR B 53 -1.26 -11.74 55.71
N ALA B 54 -0.75 -12.88 56.20
CA ALA B 54 0.69 -13.13 56.34
C ALA B 54 1.34 -13.22 54.96
N MET B 55 2.63 -12.81 54.86
CA MET B 55 3.36 -12.86 53.60
C MET B 55 3.74 -14.29 53.19
N HIS B 56 2.76 -14.97 52.53
CA HIS B 56 2.83 -16.32 51.93
C HIS B 56 4.19 -16.37 51.18
N PRO B 57 5.06 -17.41 51.36
CA PRO B 57 6.38 -17.44 50.70
C PRO B 57 6.74 -16.14 49.96
N THR B 58 7.17 -15.16 50.81
CA THR B 58 7.45 -13.73 50.64
C THR B 58 8.03 -13.33 49.26
N ASN B 59 9.24 -13.84 48.88
CA ASN B 59 9.95 -13.47 47.65
C ASN B 59 10.18 -11.94 47.70
N GLU B 60 10.91 -11.48 48.75
CA GLU B 60 11.24 -10.07 49.03
C GLU B 60 12.16 -9.45 47.96
N GLU B 61 12.28 -10.11 46.79
CA GLU B 61 13.04 -9.68 45.64
C GLU B 61 12.13 -9.70 44.41
N GLY B 62 12.73 -9.66 43.23
CA GLY B 62 11.97 -9.69 42.00
C GLY B 62 11.21 -10.96 41.72
N VAL B 63 10.06 -10.79 41.04
CA VAL B 63 9.17 -11.82 40.49
C VAL B 63 8.98 -11.28 39.08
N ASP B 64 9.73 -11.87 38.12
CA ASP B 64 9.83 -11.43 36.72
C ASP B 64 8.49 -11.34 35.99
N ASP B 65 7.58 -12.28 36.26
CA ASP B 65 6.24 -12.27 35.69
C ASP B 65 5.26 -12.17 36.82
N MET B 66 4.42 -11.14 36.81
CA MET B 66 3.50 -10.93 37.91
C MET B 66 2.38 -11.97 38.00
N ALA B 67 2.21 -12.81 36.96
CA ALA B 67 1.25 -13.93 37.02
C ALA B 67 1.73 -14.96 38.08
N SER B 68 3.04 -14.92 38.46
CA SER B 68 3.67 -15.78 39.46
C SER B 68 3.39 -15.32 40.87
N LEU B 69 2.84 -14.11 41.06
CA LEU B 69 2.56 -13.60 42.41
C LEU B 69 1.58 -14.50 43.17
N THR B 70 1.85 -14.72 44.47
CA THR B 70 0.98 -15.54 45.34
C THR B 70 -0.20 -14.70 45.85
N GLU B 71 0.11 -13.48 46.31
CA GLU B 71 -0.88 -12.53 46.80
C GLU B 71 -1.23 -11.55 45.67
N LEU B 72 -2.50 -11.51 45.27
CA LEU B 72 -2.86 -10.62 44.18
C LEU B 72 -3.73 -9.47 44.59
N HIS B 73 -3.07 -8.33 44.77
CA HIS B 73 -3.67 -7.05 45.11
C HIS B 73 -2.73 -5.94 44.66
N GLY B 74 -3.25 -4.71 44.65
CA GLY B 74 -2.48 -3.53 44.28
C GLY B 74 -1.20 -3.38 45.07
N GLY B 75 -1.28 -3.61 46.38
CA GLY B 75 -0.15 -3.57 47.30
C GLY B 75 0.97 -4.50 46.88
N SER B 76 0.59 -5.75 46.58
CA SER B 76 1.49 -6.80 46.15
C SER B 76 2.16 -6.45 44.83
N ILE B 77 1.35 -6.06 43.82
CA ILE B 77 1.82 -5.68 42.48
C ILE B 77 2.81 -4.52 42.57
N MET B 78 2.47 -3.46 43.35
CA MET B 78 3.36 -2.30 43.53
C MET B 78 4.65 -2.66 44.21
N TYR B 79 4.58 -3.47 45.29
CA TYR B 79 5.77 -3.88 46.03
C TYR B 79 6.75 -4.63 45.12
N ASN B 80 6.21 -5.47 44.23
CA ASN B 80 7.04 -6.18 43.26
C ASN B 80 7.77 -5.18 42.39
N LEU B 81 7.08 -4.17 41.87
CA LEU B 81 7.69 -3.15 41.00
C LEU B 81 8.73 -2.34 41.74
N PHE B 82 8.45 -2.04 43.00
CA PHE B 82 9.31 -1.24 43.88
C PHE B 82 10.63 -1.91 44.14
N GLN B 83 10.58 -3.19 44.56
CA GLN B 83 11.78 -3.99 44.84
C GLN B 83 12.67 -4.08 43.62
N ARG B 84 12.07 -4.28 42.47
CA ARG B 84 12.76 -4.36 41.20
C ARG B 84 13.33 -2.97 40.82
N TYR B 85 12.54 -1.87 40.99
CA TYR B 85 12.98 -0.50 40.67
C TYR B 85 14.22 -0.17 41.46
N LYS B 86 14.25 -0.53 42.77
CA LYS B 86 15.37 -0.29 43.70
C LYS B 86 16.69 -0.91 43.21
N ARG B 87 16.63 -2.02 42.46
CA ARG B 87 17.83 -2.68 41.93
C ARG B 87 18.02 -2.44 40.43
N ASN B 88 17.38 -1.38 39.90
CA ASN B 88 17.43 -0.95 38.50
C ASN B 88 16.89 -2.00 37.54
N GLN B 89 15.90 -2.77 38.01
CA GLN B 89 15.16 -3.66 37.13
C GLN B 89 13.85 -2.92 36.84
N ILE B 90 13.81 -2.18 35.72
CA ILE B 90 12.65 -1.33 35.40
C ILE B 90 11.54 -2.08 34.67
N TYR B 91 11.83 -3.31 34.21
CA TYR B 91 10.89 -4.12 33.43
C TYR B 91 10.34 -5.30 34.19
N THR B 92 9.03 -5.53 34.05
CA THR B 92 8.33 -6.66 34.66
C THR B 92 7.26 -7.15 33.69
N TYR B 93 7.09 -8.47 33.54
CA TYR B 93 6.06 -8.99 32.65
C TYR B 93 4.77 -9.25 33.38
N ILE B 94 3.67 -9.30 32.62
CA ILE B 94 2.35 -9.74 33.03
C ILE B 94 1.99 -10.60 31.84
N GLY B 95 2.53 -11.82 31.82
CA GLY B 95 2.41 -12.65 30.64
C GLY B 95 3.29 -12.00 29.58
N SER B 96 2.74 -11.76 28.39
CA SER B 96 3.52 -11.10 27.35
C SER B 96 3.32 -9.55 27.34
N ILE B 97 2.61 -9.01 28.36
CA ILE B 97 2.41 -7.57 28.52
C ILE B 97 3.63 -7.08 29.30
N LEU B 98 4.12 -5.86 29.00
CA LEU B 98 5.30 -5.35 29.69
C LEU B 98 5.03 -4.11 30.51
N ALA B 99 5.50 -4.08 31.75
CA ALA B 99 5.42 -2.89 32.62
C ALA B 99 6.82 -2.28 32.61
N SER B 100 6.91 -0.94 32.46
CA SER B 100 8.16 -0.22 32.40
C SER B 100 8.11 0.98 33.37
N VAL B 101 8.94 1.01 34.42
CA VAL B 101 8.96 2.15 35.36
C VAL B 101 10.12 3.04 34.97
N ASN B 102 9.83 4.30 34.57
CA ASN B 102 10.84 5.26 34.13
C ASN B 102 11.97 5.43 35.16
N PRO B 103 13.23 5.04 34.84
CA PRO B 103 14.30 5.20 35.84
C PRO B 103 14.79 6.63 36.01
N TYR B 104 14.58 7.50 34.99
CA TYR B 104 15.01 8.89 34.94
C TYR B 104 16.52 9.00 35.10
N GLN B 105 17.25 7.98 34.60
CA GLN B 105 18.71 7.89 34.65
C GLN B 105 19.22 6.74 33.79
N PRO B 106 20.48 6.82 33.33
CA PRO B 106 21.05 5.68 32.60
C PRO B 106 21.36 4.52 33.55
N ILE B 107 21.16 3.30 33.06
CA ILE B 107 21.43 2.04 33.76
C ILE B 107 22.46 1.33 32.89
N ALA B 108 23.71 1.24 33.40
CA ALA B 108 24.85 0.63 32.73
C ALA B 108 24.53 -0.75 32.11
N GLY B 109 24.79 -0.87 30.80
CA GLY B 109 24.62 -2.09 30.04
C GLY B 109 23.23 -2.48 29.59
N LEU B 110 22.18 -1.84 30.16
CA LEU B 110 20.78 -2.17 29.87
C LEU B 110 20.42 -2.15 28.39
N TYR B 111 20.86 -1.14 27.63
CA TYR B 111 20.48 -1.04 26.22
C TYR B 111 21.63 -1.16 25.22
N GLU B 112 22.76 -1.71 25.67
CA GLU B 112 23.95 -1.90 24.84
C GLU B 112 23.72 -2.90 23.70
N PRO B 113 24.44 -2.78 22.55
CA PRO B 113 24.22 -3.74 21.44
C PRO B 113 24.47 -5.21 21.79
N ALA B 114 25.38 -5.47 22.76
CA ALA B 114 25.68 -6.81 23.26
C ALA B 114 24.40 -7.41 23.89
N THR B 115 23.61 -6.56 24.62
CA THR B 115 22.34 -6.93 25.24
C THR B 115 21.32 -7.22 24.17
N MET B 116 21.27 -6.37 23.13
CA MET B 116 20.33 -6.59 22.01
C MET B 116 20.57 -7.96 21.35
N GLU B 117 21.87 -8.37 21.15
CA GLU B 117 22.20 -9.67 20.55
C GLU B 117 21.72 -10.81 21.43
N GLN B 118 21.99 -10.69 22.75
CA GLN B 118 21.60 -11.70 23.72
C GLN B 118 20.08 -11.96 23.66
N TYR B 119 19.26 -10.89 23.60
CA TYR B 119 17.79 -11.01 23.52
C TYR B 119 17.30 -11.58 22.21
N SER B 120 18.00 -11.28 21.10
CA SER B 120 17.65 -11.77 19.77
C SER B 120 17.72 -13.29 19.61
N ARG B 121 18.57 -13.98 20.40
CA ARG B 121 18.71 -15.44 20.27
C ARG B 121 17.89 -16.27 21.28
N ARG B 122 17.20 -15.61 22.24
CA ARG B 122 16.43 -16.31 23.29
C ARG B 122 14.91 -16.19 23.13
N HIS B 123 14.16 -17.08 23.83
CA HIS B 123 12.69 -17.07 23.89
C HIS B 123 12.27 -16.18 25.06
N LEU B 124 11.02 -15.72 24.99
CA LEU B 124 10.43 -14.87 26.02
C LEU B 124 10.43 -15.60 27.36
N GLY B 125 11.06 -14.98 28.37
CA GLY B 125 11.17 -15.56 29.69
C GLY B 125 12.49 -16.23 30.02
N GLU B 126 13.36 -16.48 29.00
CA GLU B 126 14.66 -17.10 29.20
C GLU B 126 15.67 -16.11 29.84
N LEU B 127 15.47 -14.80 29.63
CA LEU B 127 16.32 -13.75 30.19
C LEU B 127 15.49 -12.81 31.09
N PRO B 128 16.11 -11.84 31.82
CA PRO B 128 15.31 -10.91 32.64
C PRO B 128 14.34 -10.11 31.79
N PRO B 129 13.16 -9.69 32.31
CA PRO B 129 12.22 -8.91 31.48
C PRO B 129 12.86 -7.68 30.85
N HIS B 130 12.54 -7.43 29.58
CA HIS B 130 13.12 -6.33 28.82
C HIS B 130 12.25 -5.97 27.63
N ILE B 131 12.25 -4.68 27.26
CA ILE B 131 11.56 -4.21 26.08
C ILE B 131 12.09 -4.96 24.82
N PHE B 132 13.39 -5.35 24.81
CA PHE B 132 13.97 -6.09 23.69
C PHE B 132 13.32 -7.45 23.52
N ALA B 133 12.89 -8.09 24.62
CA ALA B 133 12.24 -9.40 24.55
C ALA B 133 10.88 -9.34 23.87
N ILE B 134 10.14 -8.21 24.09
CA ILE B 134 8.83 -7.93 23.49
C ILE B 134 9.03 -7.69 22.01
N ALA B 135 9.98 -6.80 21.64
CA ALA B 135 10.27 -6.51 20.25
C ALA B 135 10.63 -7.81 19.49
N ASN B 136 11.38 -8.71 20.16
CA ASN B 136 11.79 -9.99 19.59
C ASN B 136 10.61 -10.94 19.39
N GLU B 137 9.71 -11.05 20.39
CA GLU B 137 8.55 -11.93 20.30
C GLU B 137 7.63 -11.48 19.18
N CYS B 138 7.48 -10.15 19.05
CA CYS B 138 6.72 -9.44 18.03
C CYS B 138 7.25 -9.84 16.67
N TYR B 139 8.56 -9.72 16.50
CA TYR B 139 9.24 -10.09 15.28
C TYR B 139 9.09 -11.57 14.96
N ARG B 140 9.31 -12.47 15.94
CA ARG B 140 9.14 -13.92 15.75
C ARG B 140 7.74 -14.33 15.28
N CYS B 141 6.70 -13.58 15.72
CA CYS B 141 5.31 -13.82 15.34
C CYS B 141 5.07 -13.62 13.85
N LEU B 142 5.97 -12.91 13.13
CA LEU B 142 5.80 -12.72 11.69
C LEU B 142 5.93 -14.07 10.94
N TRP B 143 6.54 -15.11 11.59
CA TRP B 143 6.71 -16.43 11.01
C TRP B 143 5.93 -17.53 11.78
N LYS B 144 5.45 -17.23 13.01
CA LYS B 144 4.69 -18.16 13.86
C LYS B 144 3.16 -17.99 13.68
N ARG B 145 2.74 -16.74 13.37
CA ARG B 145 1.36 -16.30 13.14
C ARG B 145 1.20 -15.81 11.73
N HIS B 146 -0.04 -15.80 11.26
CA HIS B 146 -0.44 -15.46 9.90
C HIS B 146 -0.78 -13.98 9.67
N ASP B 147 -0.78 -13.14 10.72
CA ASP B 147 -1.15 -11.72 10.65
C ASP B 147 -0.01 -10.72 10.91
N ASN B 148 -0.32 -9.42 10.71
CA ASN B 148 0.60 -8.31 10.99
C ASN B 148 0.62 -8.08 12.50
N GLN B 149 1.64 -7.40 13.02
CA GLN B 149 1.80 -7.17 14.46
C GLN B 149 1.88 -5.70 14.78
N CYS B 150 1.55 -5.34 16.03
CA CYS B 150 1.70 -3.95 16.45
C CYS B 150 2.10 -3.87 17.91
N ILE B 151 2.83 -2.81 18.28
CA ILE B 151 3.26 -2.58 19.66
C ILE B 151 2.66 -1.26 20.10
N LEU B 152 1.87 -1.34 21.18
CA LEU B 152 1.16 -0.20 21.72
C LEU B 152 1.71 0.18 23.08
N ILE B 153 2.20 1.42 23.17
CA ILE B 153 2.83 1.91 24.39
C ILE B 153 1.98 2.98 25.03
N SER B 154 1.52 2.73 26.25
CA SER B 154 0.64 3.62 26.99
C SER B 154 1.38 4.34 28.14
N GLY B 155 0.80 5.44 28.62
CA GLY B 155 1.37 6.17 29.75
C GLY B 155 1.11 7.67 29.76
N GLU B 156 1.21 8.28 30.97
CA GLU B 156 1.05 9.71 31.16
C GLU B 156 2.22 10.47 30.54
N SER B 157 2.10 11.80 30.44
CA SER B 157 3.13 12.72 29.95
C SER B 157 4.42 12.49 30.74
N GLY B 158 5.44 11.99 30.07
CA GLY B 158 6.75 11.73 30.68
C GLY B 158 6.98 10.33 31.25
N ALA B 159 6.10 9.37 30.95
CA ALA B 159 6.25 7.99 31.45
C ALA B 159 7.35 7.17 30.77
N GLY B 160 7.69 7.52 29.52
CA GLY B 160 8.76 6.83 28.78
C GLY B 160 8.35 6.20 27.46
N LYS B 161 7.21 6.63 26.87
CA LYS B 161 6.68 6.10 25.62
C LYS B 161 7.64 6.33 24.44
N THR B 162 8.13 7.56 24.29
CA THR B 162 9.04 7.93 23.21
C THR B 162 10.35 7.16 23.31
N GLU B 163 10.92 7.06 24.53
CA GLU B 163 12.18 6.33 24.74
C GLU B 163 11.99 4.85 24.42
N SER B 164 10.82 4.29 24.82
CA SER B 164 10.45 2.91 24.54
C SER B 164 10.38 2.65 23.03
N THR B 165 9.76 3.58 22.30
CA THR B 165 9.62 3.47 20.85
C THR B 165 11.02 3.43 20.20
N LYS B 166 11.91 4.35 20.62
CA LYS B 166 13.25 4.42 20.07
C LYS B 166 14.01 3.14 20.29
N LEU B 167 13.85 2.52 21.49
CA LEU B 167 14.51 1.26 21.85
C LEU B 167 14.02 0.08 21.00
N ILE B 168 12.69 0.02 20.72
CA ILE B 168 12.08 -1.02 19.89
C ILE B 168 12.62 -0.87 18.47
N LEU B 169 12.65 0.38 17.96
CA LEU B 169 13.14 0.67 16.63
C LEU B 169 14.60 0.26 16.48
N LYS B 170 15.44 0.58 17.49
CA LYS B 170 16.85 0.23 17.52
C LYS B 170 17.02 -1.29 17.48
N PHE B 171 16.27 -2.01 18.33
CA PHE B 171 16.32 -3.46 18.35
C PHE B 171 15.93 -4.09 17.00
N LEU B 172 14.79 -3.68 16.43
CA LEU B 172 14.30 -4.20 15.17
C LEU B 172 15.25 -3.92 14.02
N SER B 173 15.89 -2.72 13.99
CA SER B 173 16.84 -2.38 12.94
C SER B 173 18.07 -3.27 12.99
N VAL B 174 18.50 -3.66 14.21
CA VAL B 174 19.63 -4.55 14.46
C VAL B 174 19.30 -5.99 14.01
N ILE B 175 18.17 -6.56 14.49
CA ILE B 175 17.72 -7.91 14.18
C ILE B 175 17.44 -8.09 12.69
N SER B 176 17.19 -6.96 11.99
CA SER B 176 16.96 -6.90 10.54
C SER B 176 18.28 -7.15 9.86
N GLN B 177 19.34 -6.41 10.24
CA GLN B 177 20.70 -6.52 9.69
C GLN B 177 21.28 -7.93 9.85
N GLN B 178 20.68 -8.75 10.74
CA GLN B 178 21.12 -10.12 10.98
C GLN B 178 20.82 -11.00 9.77
N SER B 179 19.60 -10.89 9.22
CA SER B 179 19.16 -11.67 8.05
C SER B 179 19.74 -11.13 6.72
N LEU B 180 20.49 -10.01 6.77
CA LEU B 180 21.15 -9.43 5.61
C LEU B 180 22.66 -9.57 5.84
N GLU B 181 23.41 -10.09 4.85
CA GLU B 181 24.87 -10.29 4.96
C GLU B 181 25.62 -8.96 4.83
N LEU B 182 25.45 -8.10 5.87
CA LEU B 182 25.98 -6.74 6.11
C LEU B 182 26.72 -6.11 4.95
N SER B 183 26.11 -5.07 4.36
CA SER B 183 26.64 -4.32 3.22
C SER B 183 28.08 -3.77 3.40
N LEU B 184 28.54 -3.55 4.67
CA LEU B 184 29.84 -2.95 5.04
C LEU B 184 29.90 -1.46 4.62
N LYS B 185 28.87 -1.02 3.89
CA LYS B 185 28.66 0.34 3.40
C LYS B 185 27.91 1.09 4.50
N GLU B 186 28.71 1.68 5.40
CA GLU B 186 28.22 2.46 6.54
C GLU B 186 27.93 3.90 6.09
N LYS B 187 27.72 4.84 7.05
CA LYS B 187 27.33 6.25 6.83
C LYS B 187 25.90 6.27 6.27
N THR B 188 25.44 5.08 5.94
CA THR B 188 24.13 4.73 5.43
C THR B 188 23.92 3.27 5.77
N SER B 189 22.64 2.93 5.61
CA SER B 189 21.92 1.68 5.66
C SER B 189 20.66 2.15 5.09
N CYS B 190 20.40 1.72 3.86
CA CYS B 190 19.14 2.05 3.23
C CYS B 190 18.10 1.54 4.24
N VAL B 191 17.01 2.31 4.41
CA VAL B 191 15.96 2.01 5.35
C VAL B 191 16.59 2.05 6.79
N GLU B 192 16.78 0.91 7.52
CA GLU B 192 17.27 0.75 8.91
C GLU B 192 17.88 2.02 9.56
N ARG B 193 18.95 2.60 8.98
CA ARG B 193 19.62 3.80 9.51
C ARG B 193 18.72 5.03 9.41
N ALA B 194 18.23 5.32 8.18
CA ALA B 194 17.32 6.41 7.87
C ALA B 194 16.15 6.39 8.85
N ILE B 195 15.45 5.23 8.99
CA ILE B 195 14.34 5.05 9.95
C ILE B 195 14.73 5.59 11.34
N LEU B 196 15.90 5.21 11.85
CA LEU B 196 16.40 5.63 13.15
C LEU B 196 16.70 7.12 13.21
N GLU B 197 17.13 7.73 12.08
CA GLU B 197 17.43 9.15 12.07
C GLU B 197 16.17 10.04 11.89
N SER B 198 14.95 9.45 11.80
CA SER B 198 13.72 10.23 11.74
C SER B 198 13.48 10.88 13.12
N SER B 199 13.69 10.06 14.19
CA SER B 199 13.56 10.37 15.60
C SER B 199 14.16 11.75 15.99
N PRO B 200 15.45 12.08 15.70
CA PRO B 200 15.93 13.44 16.06
C PRO B 200 15.28 14.58 15.26
N ILE B 201 14.91 14.33 13.99
CA ILE B 201 14.26 15.34 13.16
C ILE B 201 12.87 15.66 13.71
N MET B 202 12.05 14.63 13.87
CA MET B 202 10.70 14.73 14.37
C MET B 202 10.62 15.24 15.79
N GLU B 203 11.57 14.87 16.65
CA GLU B 203 11.60 15.39 18.01
C GLU B 203 11.92 16.88 18.03
N ALA B 204 12.85 17.34 17.15
CA ALA B 204 13.21 18.76 17.11
C ALA B 204 12.01 19.60 16.69
N PHE B 205 11.26 19.14 15.67
CA PHE B 205 10.11 19.88 15.15
C PHE B 205 8.83 19.64 15.93
N GLY B 206 8.69 18.50 16.61
CA GLY B 206 7.47 18.15 17.32
C GLY B 206 7.49 18.08 18.84
N ASN B 207 8.67 17.95 19.48
CA ASN B 207 8.72 17.90 20.94
C ASN B 207 8.94 19.28 21.53
N ALA B 208 8.58 19.47 22.82
CA ALA B 208 8.69 20.74 23.53
C ALA B 208 8.71 20.54 25.02
N LYS B 209 9.31 21.49 25.75
CA LYS B 209 9.36 21.39 27.21
C LYS B 209 8.00 21.75 27.80
N THR B 210 7.43 20.80 28.56
CA THR B 210 6.22 21.01 29.36
C THR B 210 6.65 20.81 30.81
N VAL B 211 5.72 21.02 31.75
CA VAL B 211 5.99 20.87 33.17
C VAL B 211 6.28 19.40 33.56
N TYR B 212 5.80 18.43 32.75
CA TYR B 212 5.95 16.99 32.98
C TYR B 212 7.12 16.33 32.23
N ASN B 213 7.43 16.83 31.05
CA ASN B 213 8.49 16.25 30.25
C ASN B 213 9.19 17.38 29.55
N ASN B 214 10.51 17.45 29.74
CA ASN B 214 11.31 18.45 29.05
C ASN B 214 11.38 18.19 27.56
N ASN B 215 11.00 16.97 27.13
CA ASN B 215 11.01 16.51 25.75
C ASN B 215 9.63 15.92 25.39
N SER B 216 8.58 16.66 25.75
CA SER B 216 7.21 16.22 25.52
C SER B 216 6.86 16.19 24.02
N SER B 217 6.42 15.01 23.51
CA SER B 217 6.01 14.86 22.12
C SER B 217 4.69 15.62 21.99
N ARG B 218 4.60 16.57 21.05
CA ARG B 218 3.39 17.39 20.88
C ARG B 218 2.61 16.97 19.65
N PHE B 219 2.80 15.71 19.28
CA PHE B 219 2.16 15.05 18.15
C PHE B 219 2.16 13.53 18.41
N GLY B 220 1.23 12.83 17.76
CA GLY B 220 1.11 11.40 17.82
C GLY B 220 1.84 10.79 16.64
N LYS B 221 2.44 9.62 16.85
CA LYS B 221 3.23 8.97 15.82
C LYS B 221 2.91 7.50 15.70
N PHE B 222 2.70 7.05 14.46
CA PHE B 222 2.53 5.64 14.17
C PHE B 222 3.60 5.30 13.18
N VAL B 223 4.54 4.41 13.55
CA VAL B 223 5.62 3.99 12.67
C VAL B 223 5.31 2.60 12.17
N GLN B 224 5.22 2.41 10.86
CA GLN B 224 4.99 1.11 10.28
C GLN B 224 6.27 0.65 9.58
N LEU B 225 6.77 -0.53 9.97
CA LEU B 225 7.98 -1.13 9.40
C LEU B 225 7.54 -2.27 8.54
N ASN B 226 7.89 -2.24 7.25
CA ASN B 226 7.54 -3.31 6.32
C ASN B 226 8.70 -4.29 6.29
N ILE B 227 8.42 -5.54 6.66
CA ILE B 227 9.44 -6.58 6.76
C ILE B 227 9.21 -7.61 5.68
N CYS B 228 10.29 -8.01 4.97
CA CYS B 228 10.18 -9.00 3.91
C CYS B 228 10.23 -10.42 4.49
N GLN B 229 9.86 -11.44 3.67
CA GLN B 229 9.80 -12.84 4.08
C GLN B 229 11.13 -13.33 4.66
N LYS B 230 12.27 -12.81 4.14
CA LYS B 230 13.64 -13.12 4.57
C LYS B 230 14.00 -12.52 5.94
N GLY B 231 13.16 -11.63 6.47
CA GLY B 231 13.35 -11.05 7.79
C GLY B 231 13.94 -9.66 7.87
N ASN B 232 14.19 -9.03 6.73
CA ASN B 232 14.75 -7.70 6.84
C ASN B 232 13.70 -6.58 6.56
N ILE B 233 13.95 -5.38 7.10
CA ILE B 233 13.11 -4.20 6.89
C ILE B 233 13.31 -3.72 5.43
N GLN B 234 12.22 -3.66 4.63
CA GLN B 234 12.18 -3.21 3.22
C GLN B 234 12.05 -1.68 3.14
N GLY B 235 11.44 -1.13 4.18
CA GLY B 235 11.15 0.28 4.33
C GLY B 235 10.08 0.50 5.37
N GLY B 236 9.54 1.71 5.37
CA GLY B 236 8.50 2.05 6.32
C GLY B 236 7.69 3.28 5.95
N ARG B 237 6.83 3.66 6.90
CA ARG B 237 5.96 4.81 6.78
C ARG B 237 5.68 5.34 8.14
N ILE B 238 5.77 6.65 8.29
CA ILE B 238 5.48 7.36 9.51
C ILE B 238 4.23 8.20 9.31
N VAL B 239 3.30 8.11 10.26
CA VAL B 239 2.06 8.87 10.21
C VAL B 239 2.04 9.75 11.46
N ASP B 240 1.86 11.05 11.26
CA ASP B 240 1.81 12.02 12.35
C ASP B 240 0.35 12.41 12.66
N TYR B 241 0.08 12.63 13.93
CA TYR B 241 -1.25 12.98 14.40
C TYR B 241 -1.23 14.23 15.22
N LEU B 242 -2.10 15.16 14.90
CA LEU B 242 -2.38 16.40 15.61
C LEU B 242 -1.17 17.10 16.20
N LEU B 243 -0.49 17.93 15.39
CA LEU B 243 0.62 18.76 15.90
C LEU B 243 -0.04 19.95 16.62
N GLU B 244 0.41 20.24 17.84
CA GLU B 244 -0.06 21.35 18.65
C GLU B 244 0.51 22.63 18.00
N LYS B 245 -0.06 23.03 16.83
CA LYS B 245 0.43 24.17 16.07
C LYS B 245 0.35 25.50 16.86
N ASN B 246 -0.56 25.62 17.85
CA ASN B 246 -0.64 26.87 18.62
C ASN B 246 0.57 27.13 19.47
N ARG B 247 1.41 26.10 19.71
CA ARG B 247 2.64 26.20 20.51
C ARG B 247 3.65 27.14 19.84
N VAL B 248 3.54 27.25 18.52
CA VAL B 248 4.38 28.13 17.71
C VAL B 248 4.22 29.60 18.16
N VAL B 249 3.00 30.02 18.49
CA VAL B 249 2.71 31.42 18.78
C VAL B 249 2.54 31.75 20.28
N ARG B 250 2.20 30.76 21.14
CA ARG B 250 2.04 30.98 22.57
C ARG B 250 2.28 29.71 23.37
N GLN B 251 2.83 29.87 24.58
CA GLN B 251 3.10 28.77 25.48
C GLN B 251 2.68 29.13 26.91
N ASN B 252 2.29 28.11 27.69
CA ASN B 252 1.93 28.26 29.09
C ASN B 252 3.18 28.64 29.89
N PRO B 253 3.04 29.22 31.11
CA PRO B 253 4.24 29.59 31.87
C PRO B 253 5.12 28.40 32.15
N GLY B 254 6.42 28.63 32.02
CA GLY B 254 7.44 27.62 32.27
C GLY B 254 7.73 26.68 31.13
N GLU B 255 6.87 26.68 30.09
CA GLU B 255 7.00 25.83 28.90
C GLU B 255 7.81 26.54 27.80
N ARG B 256 8.39 25.77 26.85
CA ARG B 256 9.15 26.34 25.73
C ARG B 256 8.38 26.12 24.44
N ASN B 257 8.79 26.79 23.36
CA ASN B 257 8.27 26.55 22.02
C ASN B 257 9.00 25.25 21.55
N TYR B 258 8.79 24.83 20.28
CA TYR B 258 9.45 23.65 19.72
C TYR B 258 10.96 23.76 19.79
N HIS B 259 11.60 22.62 20.10
CA HIS B 259 13.05 22.54 20.28
C HIS B 259 13.84 23.16 19.15
N ILE B 260 13.39 22.89 17.90
CA ILE B 260 14.04 23.33 16.66
C ILE B 260 14.38 24.83 16.66
N PHE B 261 13.51 25.73 17.17
CA PHE B 261 13.79 27.17 17.21
C PHE B 261 15.02 27.48 18.05
N TYR B 262 15.13 26.84 19.21
CA TYR B 262 16.25 27.07 20.11
C TYR B 262 17.49 26.43 19.54
N ALA B 263 17.30 25.24 18.91
CA ALA B 263 18.37 24.48 18.27
C ALA B 263 18.99 25.31 17.14
N LEU B 264 18.13 25.92 16.28
CA LEU B 264 18.51 26.78 15.16
C LEU B 264 19.34 27.96 15.65
N LEU B 265 18.82 28.72 16.64
CA LEU B 265 19.50 29.89 17.18
C LEU B 265 20.86 29.57 17.83
N ALA B 266 20.97 28.39 18.47
CA ALA B 266 22.18 27.94 19.16
C ALA B 266 23.20 27.26 18.24
N GLY B 267 22.70 26.66 17.15
CA GLY B 267 23.52 25.89 16.22
C GLY B 267 23.95 26.51 14.91
N LEU B 268 23.26 27.54 14.41
CA LEU B 268 23.66 28.18 13.15
C LEU B 268 25.01 28.84 13.30
N GLU B 269 25.80 28.84 12.22
CA GLU B 269 27.10 29.50 12.17
C GLU B 269 26.86 31.01 12.09
N HIS B 270 27.82 31.83 12.55
CA HIS B 270 27.73 33.30 12.57
C HIS B 270 27.21 33.92 11.26
N GLU B 271 27.72 33.44 10.10
CA GLU B 271 27.37 33.91 8.75
C GLU B 271 25.90 33.72 8.40
N GLU B 272 25.35 32.52 8.67
CA GLU B 272 23.94 32.23 8.41
C GLU B 272 23.03 32.95 9.39
N ARG B 273 23.47 33.03 10.65
CA ARG B 273 22.76 33.73 11.71
C ARG B 273 22.54 35.21 11.31
N GLU B 274 23.62 35.85 10.81
CA GLU B 274 23.61 37.25 10.35
C GLU B 274 22.77 37.40 9.09
N GLU B 275 22.80 36.40 8.19
CA GLU B 275 22.02 36.38 6.95
C GLU B 275 20.51 36.39 7.22
N PHE B 276 20.09 35.68 8.26
CA PHE B 276 18.69 35.57 8.62
C PHE B 276 18.27 36.54 9.70
N TYR B 277 19.18 37.50 10.05
CA TYR B 277 18.96 38.56 11.04
C TYR B 277 18.60 38.01 12.41
N LEU B 278 19.16 36.85 12.76
CA LEU B 278 18.88 36.16 14.01
C LEU B 278 19.78 36.53 15.15
N SER B 279 19.21 36.62 16.35
CA SER B 279 19.92 36.89 17.59
C SER B 279 19.46 35.84 18.58
N THR B 280 19.58 36.10 19.88
CA THR B 280 19.22 35.17 20.94
C THR B 280 17.71 34.91 21.09
N PRO B 281 17.31 33.76 21.69
CA PRO B 281 15.87 33.48 21.86
C PRO B 281 15.05 34.53 22.65
N GLU B 282 15.68 35.24 23.61
CA GLU B 282 15.07 36.31 24.42
C GLU B 282 14.51 37.42 23.57
N ASN B 283 15.09 37.63 22.38
CA ASN B 283 14.68 38.68 21.45
C ASN B 283 13.40 38.38 20.67
N TYR B 284 12.84 37.15 20.79
CA TYR B 284 11.67 36.74 20.02
C TYR B 284 10.43 36.47 20.85
N HIS B 285 9.35 37.17 20.51
CA HIS B 285 8.05 37.07 21.16
C HIS B 285 7.56 35.62 21.20
N TYR B 286 7.78 34.87 20.13
CA TYR B 286 7.35 33.47 20.07
C TYR B 286 8.18 32.53 20.96
N LEU B 287 9.32 33.03 21.51
CA LEU B 287 10.19 32.23 22.37
C LEU B 287 10.35 32.75 23.79
N ASN B 288 10.09 34.06 24.04
CA ASN B 288 10.34 34.70 25.33
C ASN B 288 9.16 34.84 26.29
N GLN B 289 7.94 35.08 25.77
CA GLN B 289 6.70 35.34 26.51
C GLN B 289 6.43 34.41 27.76
N SER B 290 6.98 33.17 27.77
CA SER B 290 6.82 32.18 28.84
C SER B 290 7.55 32.54 30.14
N GLY B 291 8.80 32.99 30.01
CA GLY B 291 9.66 33.34 31.14
C GLY B 291 10.55 32.19 31.58
N CYS B 292 10.99 31.37 30.61
CA CYS B 292 11.86 30.20 30.82
C CYS B 292 13.30 30.64 31.16
N VAL B 293 13.81 30.28 32.37
CA VAL B 293 15.16 30.63 32.84
C VAL B 293 16.24 29.98 31.96
N GLU B 294 16.14 28.64 31.72
CA GLU B 294 16.96 27.75 30.87
C GLU B 294 18.47 27.88 31.04
N ASP B 295 19.06 29.03 30.61
CA ASP B 295 20.48 29.44 30.66
C ASP B 295 21.37 28.69 29.67
N LYS B 296 21.31 27.35 29.68
CA LYS B 296 22.11 26.50 28.81
C LYS B 296 21.55 26.35 27.40
N THR B 297 22.36 26.83 26.41
CA THR B 297 22.09 26.64 25.00
C THR B 297 22.60 25.20 24.82
N ILE B 298 23.94 24.95 25.00
CA ILE B 298 24.73 23.70 24.99
C ILE B 298 24.00 22.44 24.42
N SER B 299 22.91 21.98 25.10
CA SER B 299 22.04 20.87 24.69
C SER B 299 21.33 21.19 23.36
N ASP B 300 20.86 22.46 23.18
CA ASP B 300 20.22 23.03 21.99
C ASP B 300 21.22 22.98 20.85
N GLN B 301 22.49 23.33 21.14
CA GLN B 301 23.58 23.27 20.17
C GLN B 301 23.85 21.80 19.79
N GLU B 302 23.85 20.85 20.76
CA GLU B 302 24.02 19.42 20.46
C GLU B 302 22.87 18.88 19.62
N SER B 303 21.63 19.29 19.95
CA SER B 303 20.44 18.89 19.23
C SER B 303 20.53 19.36 17.78
N PHE B 304 21.14 20.53 17.53
CA PHE B 304 21.31 21.05 16.17
C PHE B 304 22.18 20.10 15.34
N ARG B 305 23.38 19.75 15.85
CA ARG B 305 24.35 18.83 15.23
C ARG B 305 23.62 17.55 14.84
N GLU B 306 22.86 16.99 15.80
CA GLU B 306 22.09 15.77 15.68
C GLU B 306 21.04 15.84 14.54
N VAL B 307 20.31 16.99 14.45
CA VAL B 307 19.28 17.24 13.41
C VAL B 307 19.95 17.34 12.06
N ILE B 308 21.01 18.16 11.95
CA ILE B 308 21.75 18.36 10.70
C ILE B 308 22.27 17.03 10.13
N THR B 309 22.84 16.18 11.00
CA THR B 309 23.35 14.86 10.65
C THR B 309 22.21 14.00 10.13
N ALA B 310 21.07 13.99 10.86
CA ALA B 310 19.89 13.21 10.51
C ALA B 310 19.32 13.66 9.18
N MET B 311 19.27 14.99 8.92
CA MET B 311 18.75 15.53 7.67
C MET B 311 19.62 15.13 6.50
N ASP B 312 20.95 15.05 6.71
CA ASP B 312 21.90 14.61 5.70
C ASP B 312 21.59 13.14 5.35
N VAL B 313 21.42 12.27 6.39
CA VAL B 313 21.06 10.85 6.21
C VAL B 313 19.73 10.73 5.44
N MET B 314 18.76 11.60 5.78
CA MET B 314 17.42 11.65 5.20
C MET B 314 17.37 12.19 3.76
N GLN B 315 18.54 12.55 3.20
CA GLN B 315 18.74 13.08 1.85
C GLN B 315 18.09 14.47 1.62
N PHE B 316 18.14 15.32 2.67
CA PHE B 316 17.75 16.73 2.53
C PHE B 316 19.02 17.36 1.95
N SER B 317 18.86 18.11 0.85
CA SER B 317 19.98 18.80 0.22
C SER B 317 20.42 19.95 1.13
N LYS B 318 21.63 20.47 0.92
CA LYS B 318 22.11 21.60 1.74
C LYS B 318 21.17 22.80 1.54
N GLU B 319 20.63 22.98 0.31
CA GLU B 319 19.70 24.06 0.02
C GLU B 319 18.38 23.87 0.78
N GLU B 320 17.83 22.63 0.82
CA GLU B 320 16.59 22.31 1.54
C GLU B 320 16.75 22.62 3.02
N VAL B 321 17.91 22.30 3.61
CA VAL B 321 18.18 22.59 5.01
C VAL B 321 18.19 24.10 5.24
N ARG B 322 18.78 24.87 4.30
CA ARG B 322 18.81 26.33 4.36
C ARG B 322 17.39 26.91 4.21
N GLU B 323 16.56 26.29 3.33
CA GLU B 323 15.20 26.74 3.06
C GLU B 323 14.33 26.60 4.29
N VAL B 324 14.48 25.47 5.03
CA VAL B 324 13.77 25.21 6.28
C VAL B 324 14.23 26.26 7.33
N SER B 325 15.56 26.49 7.43
CA SER B 325 16.15 27.47 8.34
C SER B 325 15.58 28.86 8.05
N ARG B 326 15.48 29.22 6.75
CA ARG B 326 14.96 30.51 6.29
C ARG B 326 13.48 30.68 6.66
N LEU B 327 12.69 29.60 6.55
CA LEU B 327 11.27 29.62 6.91
C LEU B 327 11.12 29.82 8.43
N LEU B 328 11.88 29.06 9.24
CA LEU B 328 11.84 29.18 10.70
C LEU B 328 12.25 30.57 11.14
N ALA B 329 13.30 31.14 10.52
CA ALA B 329 13.74 32.51 10.81
C ALA B 329 12.61 33.50 10.45
N GLY B 330 11.94 33.26 9.32
CA GLY B 330 10.81 34.07 8.84
C GLY B 330 9.69 34.09 9.84
N ILE B 331 9.39 32.92 10.46
CA ILE B 331 8.36 32.75 11.51
C ILE B 331 8.74 33.57 12.75
N LEU B 332 9.99 33.47 13.18
CA LEU B 332 10.48 34.19 14.36
C LEU B 332 10.33 35.70 14.23
N HIS B 333 10.71 36.26 13.07
CA HIS B 333 10.59 37.69 12.81
C HIS B 333 9.15 38.12 12.70
N LEU B 334 8.31 37.26 12.13
CA LEU B 334 6.87 37.48 11.98
C LEU B 334 6.24 37.73 13.38
N GLY B 335 6.63 36.95 14.38
CA GLY B 335 6.16 37.10 15.74
C GLY B 335 6.50 38.41 16.42
N ASN B 336 7.52 39.09 15.90
CA ASN B 336 7.94 40.37 16.46
C ASN B 336 7.18 41.57 15.86
N ILE B 337 6.23 41.34 14.89
CA ILE B 337 5.39 42.41 14.33
C ILE B 337 4.47 42.90 15.47
N GLU B 338 4.44 44.20 15.71
CA GLU B 338 3.59 44.82 16.72
C GLU B 338 2.63 45.77 16.01
N PHE B 339 1.43 45.90 16.56
CA PHE B 339 0.41 46.76 15.98
C PHE B 339 -0.06 47.81 16.96
N ILE B 340 -0.52 48.93 16.40
CA ILE B 340 -1.10 50.05 17.13
C ILE B 340 -2.41 50.40 16.44
N THR B 341 -3.31 51.14 17.12
CA THR B 341 -4.58 51.58 16.54
C THR B 341 -4.45 53.03 16.08
N ALA B 342 -4.65 53.26 14.78
CA ALA B 342 -4.62 54.55 14.09
C ALA B 342 -5.49 54.38 12.84
N GLY B 343 -6.79 54.13 13.11
CA GLY B 343 -7.84 53.86 12.13
C GLY B 343 -7.53 52.80 11.07
N GLY B 344 -7.43 51.52 11.41
CA GLY B 344 -7.46 50.90 12.73
C GLY B 344 -6.07 50.32 12.96
N ALA B 345 -5.92 48.98 12.86
CA ALA B 345 -4.60 48.34 13.06
C ALA B 345 -3.57 48.82 12.06
N GLN B 346 -2.38 49.22 12.56
CA GLN B 346 -1.23 49.69 11.78
C GLN B 346 0.04 49.10 12.36
N VAL B 347 1.04 48.80 11.50
CA VAL B 347 2.33 48.22 11.94
C VAL B 347 3.18 49.30 12.57
N SER B 348 3.47 49.16 13.87
CA SER B 348 4.23 50.18 14.59
C SER B 348 5.67 50.32 14.08
N PHE B 349 6.53 49.29 14.28
CA PHE B 349 7.91 49.32 13.80
C PHE B 349 8.09 48.44 12.57
N LYS B 350 8.70 49.01 11.55
CA LYS B 350 8.89 48.38 10.25
C LYS B 350 10.04 47.34 10.16
N THR B 351 10.98 47.30 11.14
CA THR B 351 12.11 46.36 11.11
C THR B 351 11.71 44.89 11.07
N ALA B 352 10.94 44.37 12.07
CA ALA B 352 10.54 42.97 12.10
C ALA B 352 9.74 42.61 10.86
N LEU B 353 8.86 43.54 10.42
CA LEU B 353 8.08 43.30 9.20
C LEU B 353 8.99 43.13 7.98
N GLY B 354 9.96 44.02 7.82
CA GLY B 354 10.90 43.97 6.71
C GLY B 354 11.69 42.68 6.65
N ARG B 355 12.19 42.23 7.82
CA ARG B 355 12.98 40.99 7.97
C ARG B 355 12.13 39.79 7.62
N SER B 356 10.91 39.71 8.19
CA SER B 356 10.01 38.58 7.93
C SER B 356 9.57 38.53 6.46
N ALA B 357 9.20 39.68 5.86
CA ALA B 357 8.82 39.76 4.45
C ALA B 357 9.95 39.29 3.55
N GLU B 358 11.19 39.71 3.86
CA GLU B 358 12.35 39.33 3.08
C GLU B 358 12.58 37.82 3.11
N LEU B 359 12.56 37.23 4.31
CA LEU B 359 12.80 35.81 4.51
C LEU B 359 11.69 34.93 3.94
N LEU B 360 10.45 35.45 3.90
CA LEU B 360 9.30 34.71 3.39
C LEU B 360 9.09 34.93 1.89
N GLY B 361 9.90 35.80 1.29
CA GLY B 361 9.81 36.12 -0.13
C GLY B 361 8.60 36.93 -0.49
N LEU B 362 8.11 37.75 0.44
CA LEU B 362 6.95 38.62 0.23
C LEU B 362 7.36 40.10 0.19
N ASP B 363 6.53 40.92 -0.46
CA ASP B 363 6.79 42.36 -0.52
C ASP B 363 6.30 42.93 0.80
N PRO B 364 7.13 43.78 1.48
CA PRO B 364 6.72 44.30 2.80
C PRO B 364 5.40 45.08 2.85
N THR B 365 5.11 45.89 1.80
CA THR B 365 3.85 46.64 1.79
C THR B 365 2.68 45.68 1.58
N GLN B 366 2.85 44.62 0.76
CA GLN B 366 1.82 43.58 0.58
C GLN B 366 1.56 42.85 1.92
N LEU B 367 2.63 42.50 2.68
CA LEU B 367 2.50 41.83 3.97
C LEU B 367 1.78 42.72 4.99
N THR B 368 2.17 44.00 5.05
CA THR B 368 1.57 45.00 5.94
C THR B 368 0.08 45.09 5.64
N ASP B 369 -0.29 45.23 4.35
CA ASP B 369 -1.69 45.33 3.91
C ASP B 369 -2.50 44.09 4.30
N ALA B 370 -1.94 42.88 4.10
CA ALA B 370 -2.62 41.62 4.41
C ALA B 370 -2.88 41.43 5.91
N LEU B 371 -1.96 41.88 6.75
CA LEU B 371 -2.09 41.75 8.21
C LEU B 371 -3.03 42.79 8.81
N THR B 372 -3.17 43.96 8.17
CA THR B 372 -3.93 45.09 8.70
C THR B 372 -5.26 45.39 7.98
N GLN B 373 -5.51 44.74 6.82
CA GLN B 373 -6.74 44.99 6.06
C GLN B 373 -7.36 43.73 5.46
N ARG B 374 -8.68 43.74 5.25
CA ARG B 374 -9.38 42.64 4.59
C ARG B 374 -9.91 43.08 3.24
N SER B 375 -9.83 42.19 2.24
CA SER B 375 -10.27 42.43 0.88
C SER B 375 -11.57 41.74 0.56
N MET B 376 -12.41 42.43 -0.23
CA MET B 376 -13.69 41.97 -0.78
C MET B 376 -13.85 42.57 -2.15
N PHE B 377 -14.39 41.82 -3.11
CA PHE B 377 -14.60 42.35 -4.44
C PHE B 377 -16.10 42.36 -4.69
N LEU B 378 -16.63 43.50 -5.16
CA LEU B 378 -18.06 43.63 -5.45
C LEU B 378 -18.32 44.35 -6.78
N ARG B 379 -18.87 43.56 -7.74
CA ARG B 379 -19.30 43.88 -9.12
C ARG B 379 -18.71 45.19 -9.76
N GLY B 380 -17.39 45.23 -10.02
CA GLY B 380 -16.40 44.22 -9.67
C GLY B 380 -15.14 44.91 -9.16
N GLU B 381 -15.31 45.75 -8.14
CA GLU B 381 -14.22 46.53 -7.57
C GLU B 381 -13.83 46.04 -6.17
N GLU B 382 -12.54 46.21 -5.81
CA GLU B 382 -11.99 45.82 -4.50
C GLU B 382 -12.36 46.85 -3.42
N ILE B 383 -12.78 46.35 -2.25
CA ILE B 383 -13.19 47.11 -1.07
C ILE B 383 -12.28 46.69 0.10
N LEU B 384 -11.23 47.49 0.37
CA LEU B 384 -10.34 47.23 1.49
C LEU B 384 -10.90 47.81 2.79
N THR B 385 -11.02 46.97 3.81
CA THR B 385 -11.56 47.34 5.11
C THR B 385 -10.49 47.13 6.15
N PRO B 386 -10.31 48.08 7.08
CA PRO B 386 -9.30 47.87 8.12
C PRO B 386 -9.68 46.83 9.17
N LEU B 387 -8.66 46.14 9.65
CA LEU B 387 -8.79 45.17 10.72
C LEU B 387 -8.42 45.91 11.99
N ASN B 388 -8.91 45.44 13.13
CA ASN B 388 -8.53 46.02 14.42
C ASN B 388 -7.27 45.26 14.88
N VAL B 389 -6.63 45.72 15.98
CA VAL B 389 -5.38 45.15 16.47
C VAL B 389 -5.54 43.64 16.84
N GLN B 390 -6.69 43.23 17.44
CA GLN B 390 -6.88 41.81 17.76
C GLN B 390 -6.88 40.97 16.49
N GLN B 391 -7.62 41.42 15.47
CA GLN B 391 -7.72 40.75 14.18
C GLN B 391 -6.35 40.67 13.49
N ALA B 392 -5.52 41.73 13.60
CA ALA B 392 -4.19 41.79 13.00
C ALA B 392 -3.24 40.81 13.70
N VAL B 393 -3.35 40.72 15.04
CA VAL B 393 -2.55 39.79 15.83
C VAL B 393 -2.97 38.38 15.47
N ASP B 394 -4.30 38.15 15.38
CA ASP B 394 -4.80 36.83 15.05
C ASP B 394 -4.34 36.39 13.65
N SER B 395 -4.27 37.35 12.67
CA SER B 395 -3.79 37.13 11.31
C SER B 395 -2.32 36.76 11.31
N ARG B 396 -1.50 37.57 12.01
CA ARG B 396 -0.05 37.32 12.13
C ARG B 396 0.20 35.91 12.68
N ASP B 397 -0.47 35.57 13.78
CA ASP B 397 -0.32 34.27 14.42
C ASP B 397 -0.84 33.13 13.54
N SER B 398 -1.94 33.34 12.77
CA SER B 398 -2.45 32.28 11.90
C SER B 398 -1.47 31.97 10.80
N LEU B 399 -0.76 33.01 10.32
CA LEU B 399 0.27 32.93 9.28
C LEU B 399 1.46 32.14 9.80
N ALA B 400 1.90 32.45 11.03
CA ALA B 400 3.03 31.77 11.66
C ALA B 400 2.73 30.29 11.82
N MET B 401 1.51 29.97 12.29
CA MET B 401 1.11 28.57 12.48
C MET B 401 1.00 27.81 11.17
N ALA B 402 0.47 28.47 10.10
CA ALA B 402 0.30 27.85 8.78
C ALA B 402 1.64 27.44 8.22
N LEU B 403 2.62 28.36 8.30
CA LEU B 403 3.97 28.16 7.81
C LEU B 403 4.62 26.97 8.54
N TYR B 404 4.55 26.97 9.88
CA TYR B 404 5.14 25.90 10.67
C TYR B 404 4.53 24.54 10.35
N ALA B 405 3.18 24.47 10.38
CA ALA B 405 2.43 23.24 10.17
C ALA B 405 2.71 22.64 8.79
N CYS B 406 2.78 23.50 7.75
CA CYS B 406 3.10 23.06 6.40
C CYS B 406 4.55 22.59 6.28
N CYS B 407 5.48 23.29 6.95
CA CYS B 407 6.87 22.90 6.96
C CYS B 407 7.03 21.55 7.65
N PHE B 408 6.36 21.35 8.81
CA PHE B 408 6.40 20.07 9.51
C PHE B 408 5.86 18.92 8.60
N GLU B 409 4.75 19.19 7.86
CA GLU B 409 4.15 18.24 6.94
C GLU B 409 5.14 17.86 5.84
N TRP B 410 5.88 18.86 5.34
CA TRP B 410 6.88 18.68 4.30
C TRP B 410 8.03 17.83 4.83
N VAL B 411 8.50 18.13 6.05
CA VAL B 411 9.58 17.37 6.66
C VAL B 411 9.16 15.88 6.77
N ILE B 412 7.91 15.60 7.23
CA ILE B 412 7.40 14.24 7.34
C ILE B 412 7.38 13.58 5.94
N LYS B 413 6.96 14.34 4.89
CA LYS B 413 6.93 13.88 3.50
C LYS B 413 8.36 13.44 3.11
N LYS B 414 9.37 14.24 3.45
CA LYS B 414 10.77 13.96 3.14
C LYS B 414 11.27 12.71 3.84
N ILE B 415 10.91 12.53 5.11
CA ILE B 415 11.28 11.35 5.89
C ILE B 415 10.68 10.12 5.22
N ASN B 416 9.39 10.22 4.89
CA ASN B 416 8.65 9.14 4.26
C ASN B 416 9.17 8.77 2.89
N SER B 417 9.62 9.78 2.15
CA SER B 417 10.19 9.59 0.82
C SER B 417 11.46 8.75 0.94
N ARG B 418 12.34 9.09 1.91
CA ARG B 418 13.61 8.43 2.19
C ARG B 418 13.46 6.96 2.62
N ILE B 419 12.45 6.67 3.45
CA ILE B 419 12.24 5.33 4.00
C ILE B 419 11.24 4.51 3.17
N LYS B 420 10.74 5.05 2.02
CA LYS B 420 9.79 4.35 1.14
C LYS B 420 10.42 3.06 0.64
N GLY B 421 9.62 2.00 0.63
CA GLY B 421 10.03 0.68 0.17
C GLY B 421 8.84 -0.16 -0.20
N ASN B 422 9.09 -1.40 -0.58
CA ASN B 422 8.02 -2.35 -0.95
C ASN B 422 7.27 -2.84 0.27
N GLU B 423 6.09 -3.44 0.03
CA GLU B 423 5.23 -4.06 1.03
C GLU B 423 4.92 -5.45 0.47
N ASP B 424 5.89 -6.37 0.58
CA ASP B 424 5.79 -7.71 0.01
C ASP B 424 5.31 -8.80 0.97
N PHE B 425 5.50 -8.62 2.28
CA PHE B 425 5.16 -9.67 3.23
C PHE B 425 4.25 -9.25 4.40
N LYS B 426 4.86 -8.74 5.51
CA LYS B 426 4.12 -8.35 6.71
C LYS B 426 4.69 -7.04 7.24
N SER B 427 4.09 -6.51 8.30
CA SER B 427 4.50 -5.26 8.91
C SER B 427 4.43 -5.35 10.42
N ILE B 428 5.13 -4.43 11.09
CA ILE B 428 5.12 -4.21 12.53
C ILE B 428 4.83 -2.71 12.66
N GLY B 429 3.77 -2.37 13.37
CA GLY B 429 3.43 -0.98 13.63
C GLY B 429 3.74 -0.63 15.07
N ILE B 430 4.28 0.57 15.33
CA ILE B 430 4.59 0.99 16.71
C ILE B 430 3.90 2.31 16.95
N LEU B 431 3.02 2.37 17.97
CA LEU B 431 2.28 3.58 18.30
C LEU B 431 2.86 4.32 19.50
N ASP B 432 3.27 5.59 19.26
CA ASP B 432 3.80 6.52 20.26
C ASP B 432 2.88 7.75 20.30
N ILE B 433 1.78 7.67 21.05
CA ILE B 433 0.94 8.86 21.11
C ILE B 433 1.36 9.78 22.25
N PHE B 434 0.96 11.08 22.18
CA PHE B 434 1.19 12.07 23.23
C PHE B 434 0.45 11.55 24.47
N GLY B 435 1.11 11.60 25.63
CA GLY B 435 0.59 11.06 26.87
C GLY B 435 -0.39 11.96 27.59
N PHE B 436 -1.24 11.32 28.42
CA PHE B 436 -2.26 11.93 29.26
C PHE B 436 -1.65 13.06 30.06
N GLU B 437 -2.24 14.26 29.99
CA GLU B 437 -1.72 15.41 30.72
C GLU B 437 -2.81 16.22 31.33
N ASN B 438 -2.59 16.59 32.60
CA ASN B 438 -3.49 17.40 33.41
C ASN B 438 -2.63 18.45 34.08
N PHE B 439 -2.83 19.72 33.73
CA PHE B 439 -2.06 20.86 34.28
C PHE B 439 -2.97 21.72 35.14
N GLU B 440 -2.47 22.91 35.57
CA GLU B 440 -3.33 23.82 36.32
C GLU B 440 -4.47 24.25 35.37
N VAL B 441 -4.14 24.91 34.24
CA VAL B 441 -5.15 25.29 33.24
C VAL B 441 -5.02 24.42 31.98
N ASN B 442 -6.04 23.60 31.72
CA ASN B 442 -6.14 22.68 30.58
C ASN B 442 -7.06 23.30 29.53
N HIS B 443 -6.56 23.40 28.27
CA HIS B 443 -7.27 23.99 27.11
C HIS B 443 -7.62 22.91 26.10
N PHE B 444 -8.07 23.30 24.90
CA PHE B 444 -8.48 22.40 23.85
C PHE B 444 -7.45 21.35 23.52
N GLU B 445 -6.16 21.73 23.53
CA GLU B 445 -5.03 20.84 23.23
C GLU B 445 -5.00 19.63 24.17
N GLN B 446 -5.32 19.83 25.46
CA GLN B 446 -5.32 18.75 26.43
C GLN B 446 -6.53 17.88 26.19
N PHE B 447 -7.71 18.48 25.92
CA PHE B 447 -8.94 17.73 25.63
C PHE B 447 -8.68 16.66 24.60
N ASN B 448 -8.11 17.07 23.45
CA ASN B 448 -7.74 16.21 22.33
C ASN B 448 -6.72 15.15 22.73
N ILE B 449 -5.59 15.56 23.34
CA ILE B 449 -4.53 14.65 23.81
C ILE B 449 -5.11 13.54 24.73
N ASN B 450 -5.99 13.95 25.65
CA ASN B 450 -6.62 13.08 26.62
C ASN B 450 -7.73 12.21 25.98
N TYR B 451 -8.35 12.69 24.90
CA TYR B 451 -9.35 11.89 24.19
C TYR B 451 -8.60 10.72 23.53
N ALA B 452 -7.46 11.03 22.87
CA ALA B 452 -6.60 10.05 22.21
C ALA B 452 -6.16 8.98 23.19
N ASN B 453 -5.72 9.38 24.40
CA ASN B 453 -5.30 8.46 25.46
C ASN B 453 -6.47 7.60 25.91
N GLU B 454 -7.66 8.21 26.02
CA GLU B 454 -8.87 7.52 26.44
C GLU B 454 -9.18 6.42 25.43
N LYS B 455 -9.24 6.80 24.14
CA LYS B 455 -9.51 5.91 23.00
C LYS B 455 -8.57 4.70 23.02
N LEU B 456 -7.27 4.91 23.32
CA LEU B 456 -6.26 3.86 23.38
C LEU B 456 -6.53 2.86 24.51
N GLN B 457 -6.85 3.36 25.73
CA GLN B 457 -7.18 2.51 26.85
C GLN B 457 -8.38 1.60 26.51
N GLU B 458 -9.32 2.09 25.69
CA GLU B 458 -10.50 1.32 25.25
C GLU B 458 -10.07 0.15 24.37
N TYR B 459 -9.03 0.34 23.52
CA TYR B 459 -8.44 -0.71 22.67
C TYR B 459 -7.87 -1.75 23.62
N PHE B 460 -7.01 -1.30 24.56
CA PHE B 460 -6.42 -2.17 25.57
C PHE B 460 -7.51 -3.04 26.21
N ASN B 461 -8.53 -2.45 26.83
CA ASN B 461 -9.59 -3.23 27.47
C ASN B 461 -10.23 -4.21 26.50
N LYS B 462 -10.56 -3.75 25.24
CA LYS B 462 -11.18 -4.53 24.18
C LYS B 462 -10.38 -5.79 23.94
N HIS B 463 -9.07 -5.66 23.75
CA HIS B 463 -8.23 -6.79 23.41
C HIS B 463 -7.77 -7.62 24.58
N ILE B 464 -7.48 -7.01 25.75
CA ILE B 464 -7.00 -7.68 26.96
C ILE B 464 -8.14 -8.41 27.71
N PHE B 465 -9.37 -7.83 27.70
CA PHE B 465 -10.50 -8.40 28.44
C PHE B 465 -11.71 -8.75 27.64
N SER B 466 -12.28 -7.78 26.89
CA SER B 466 -13.55 -7.95 26.21
C SER B 466 -13.56 -9.07 25.19
N LEU B 467 -12.78 -8.92 24.10
CA LEU B 467 -12.68 -9.92 23.03
C LEU B 467 -12.15 -11.23 23.53
N GLU B 468 -11.16 -11.17 24.44
CA GLU B 468 -10.54 -12.35 25.02
C GLU B 468 -11.57 -13.25 25.72
N GLN B 469 -12.36 -12.68 26.62
CA GLN B 469 -13.34 -13.48 27.36
C GLN B 469 -14.53 -13.89 26.52
N LEU B 470 -14.76 -13.14 25.44
CA LEU B 470 -15.85 -13.46 24.55
C LEU B 470 -15.47 -14.72 23.77
N GLU B 471 -14.17 -14.80 23.34
CA GLU B 471 -13.60 -15.97 22.64
C GLU B 471 -13.68 -17.22 23.53
N TYR B 472 -13.37 -17.09 24.85
CA TYR B 472 -13.45 -18.20 25.78
C TYR B 472 -14.90 -18.69 25.86
N SER B 473 -15.86 -17.77 25.88
CA SER B 473 -17.29 -18.08 25.97
C SER B 473 -17.76 -18.83 24.71
N ARG B 474 -17.42 -18.27 23.51
CA ARG B 474 -17.77 -18.84 22.20
C ARG B 474 -17.20 -20.26 22.03
N GLU B 475 -15.96 -20.46 22.50
CA GLU B 475 -15.31 -21.75 22.43
C GLU B 475 -15.73 -22.74 23.52
N GLY B 476 -16.57 -22.26 24.45
CA GLY B 476 -17.11 -23.07 25.54
C GLY B 476 -16.11 -23.57 26.57
N LEU B 477 -15.08 -22.74 26.87
CA LEU B 477 -14.08 -23.10 27.88
C LEU B 477 -14.65 -23.03 29.29
N VAL B 478 -13.99 -23.75 30.25
CA VAL B 478 -14.33 -23.69 31.68
C VAL B 478 -13.68 -22.38 32.11
N TRP B 479 -14.52 -21.37 32.38
CA TRP B 479 -14.02 -20.04 32.65
C TRP B 479 -14.91 -19.24 33.56
N GLU B 480 -14.31 -18.55 34.54
CA GLU B 480 -15.06 -17.66 35.42
C GLU B 480 -14.67 -16.27 34.97
N ASP B 481 -15.67 -15.47 34.58
CA ASP B 481 -15.43 -14.14 34.09
C ASP B 481 -14.74 -13.23 35.10
N ILE B 482 -13.78 -12.47 34.58
CA ILE B 482 -12.99 -11.49 35.31
C ILE B 482 -13.55 -10.12 34.94
N ASP B 483 -13.98 -9.33 35.96
CA ASP B 483 -14.48 -7.98 35.76
C ASP B 483 -13.30 -7.06 35.62
N TRP B 484 -13.54 -5.90 34.99
CA TRP B 484 -12.54 -4.88 34.70
C TRP B 484 -13.28 -3.58 34.60
N ILE B 485 -12.54 -2.46 34.68
CA ILE B 485 -13.14 -1.13 34.62
C ILE B 485 -13.15 -0.61 33.16
N ASP B 486 -14.36 -0.62 32.59
CA ASP B 486 -14.66 -0.21 31.23
C ASP B 486 -14.86 1.29 31.12
N ASN B 487 -14.11 1.93 30.23
CA ASN B 487 -14.27 3.37 30.03
C ASN B 487 -15.21 3.72 28.85
N GLY B 488 -15.92 2.73 28.30
CA GLY B 488 -16.84 2.88 27.18
C GLY B 488 -17.83 4.02 27.31
N GLU B 489 -18.30 4.27 28.56
CA GLU B 489 -19.22 5.34 28.87
C GLU B 489 -18.53 6.71 28.81
N CYS B 490 -17.25 6.81 29.20
CA CYS B 490 -16.55 8.07 29.10
C CYS B 490 -16.37 8.48 27.63
N LEU B 491 -16.17 7.50 26.74
CA LEU B 491 -16.03 7.70 25.29
C LEU B 491 -17.38 7.97 24.62
N ASP B 492 -18.47 7.43 25.21
CA ASP B 492 -19.84 7.68 24.79
C ASP B 492 -20.01 9.21 24.97
N LEU B 493 -19.69 9.75 26.16
CA LEU B 493 -19.80 11.18 26.45
C LEU B 493 -19.02 12.05 25.45
N ILE B 494 -17.91 11.55 24.88
CA ILE B 494 -17.11 12.34 23.94
C ILE B 494 -17.61 12.22 22.51
N GLU B 495 -17.60 10.99 22.01
CA GLU B 495 -17.90 10.63 20.62
C GLU B 495 -19.40 10.47 20.20
N LYS B 496 -20.32 10.19 21.16
CA LYS B 496 -21.75 9.97 20.87
C LYS B 496 -22.41 11.17 20.20
N LYS B 497 -23.56 10.96 19.52
CA LYS B 497 -24.36 12.05 18.97
C LYS B 497 -24.86 12.80 20.20
N LEU B 498 -24.71 14.13 20.22
CA LEU B 498 -25.01 15.00 21.36
C LEU B 498 -23.89 14.94 22.41
N GLY B 499 -22.77 14.32 22.01
CA GLY B 499 -21.54 14.17 22.79
C GLY B 499 -20.67 15.41 22.74
N LEU B 500 -19.71 15.52 23.69
CA LEU B 500 -18.79 16.66 23.82
C LEU B 500 -18.25 17.14 22.47
N LEU B 501 -17.68 16.23 21.64
CA LEU B 501 -17.19 16.58 20.30
C LEU B 501 -18.34 17.05 19.42
N ALA B 502 -19.48 16.34 19.43
CA ALA B 502 -20.65 16.70 18.63
C ALA B 502 -21.11 18.13 18.89
N LEU B 503 -21.22 18.51 20.17
CA LEU B 503 -21.65 19.84 20.62
C LEU B 503 -20.61 20.90 20.25
N ILE B 504 -19.30 20.57 20.40
CA ILE B 504 -18.21 21.49 20.07
C ILE B 504 -18.27 21.80 18.57
N ASN B 505 -18.41 20.75 17.74
CA ASN B 505 -18.49 20.86 16.30
C ASN B 505 -19.71 21.61 15.85
N GLU B 506 -20.86 21.38 16.52
CA GLU B 506 -22.09 22.07 16.16
C GLU B 506 -22.04 23.56 16.49
N GLU B 507 -21.56 23.95 17.69
CA GLU B 507 -21.37 25.36 18.06
C GLU B 507 -20.37 26.08 17.15
N SER B 508 -19.31 25.36 16.69
CA SER B 508 -18.27 25.90 15.80
C SER B 508 -18.84 26.38 14.46
N HIS B 509 -19.89 25.70 13.93
CA HIS B 509 -20.56 26.01 12.66
C HIS B 509 -21.61 27.10 12.75
N PHE B 510 -21.84 27.66 13.96
CA PHE B 510 -22.73 28.80 14.20
C PHE B 510 -21.88 30.04 14.42
N PRO B 511 -21.86 30.99 13.46
CA PRO B 511 -20.98 32.16 13.61
C PRO B 511 -21.31 33.07 14.80
N GLN B 512 -22.59 33.09 15.20
CA GLN B 512 -23.11 33.86 16.32
C GLN B 512 -22.66 33.29 17.70
N ALA B 513 -22.32 31.97 17.75
CA ALA B 513 -21.88 31.25 18.96
C ALA B 513 -20.57 31.72 19.55
N THR B 514 -20.47 31.64 20.88
CA THR B 514 -19.29 32.01 21.64
C THR B 514 -18.83 30.85 22.51
N ASP B 515 -17.65 31.01 23.14
CA ASP B 515 -17.07 30.02 24.04
C ASP B 515 -17.94 29.84 25.29
N SER B 516 -18.78 30.87 25.66
CA SER B 516 -19.73 30.85 26.79
C SER B 516 -21.05 30.17 26.45
N THR B 517 -21.56 30.35 25.21
CA THR B 517 -22.80 29.69 24.74
C THR B 517 -22.52 28.20 24.60
N LEU B 518 -21.26 27.82 24.21
CA LEU B 518 -20.85 26.43 24.09
C LEU B 518 -20.92 25.77 25.46
N LEU B 519 -20.30 26.40 26.48
CA LEU B 519 -20.26 25.85 27.82
C LEU B 519 -21.64 25.60 28.36
N GLU B 520 -22.59 26.53 28.08
CA GLU B 520 -23.99 26.40 28.50
C GLU B 520 -24.59 25.14 27.92
N LYS B 521 -24.30 24.84 26.64
CA LYS B 521 -24.79 23.64 25.98
C LYS B 521 -24.20 22.35 26.56
N LEU B 522 -22.88 22.31 26.84
CA LEU B 522 -22.19 21.14 27.43
C LEU B 522 -22.72 20.84 28.85
N HIS B 523 -22.90 21.92 29.67
CA HIS B 523 -23.45 21.80 31.00
C HIS B 523 -24.89 21.29 30.92
N SER B 524 -25.74 21.91 30.07
CA SER B 524 -27.14 21.54 29.94
C SER B 524 -27.34 20.10 29.51
N GLN B 525 -26.58 19.66 28.53
CA GLN B 525 -26.73 18.32 28.01
C GLN B 525 -26.13 17.22 28.91
N HIS B 526 -24.97 17.50 29.57
CA HIS B 526 -24.23 16.46 30.29
C HIS B 526 -24.03 16.60 31.81
N ALA B 527 -24.63 17.60 32.49
CA ALA B 527 -24.48 17.79 33.94
C ALA B 527 -24.71 16.51 34.75
N ASN B 528 -25.67 15.68 34.31
CA ASN B 528 -26.05 14.44 34.98
C ASN B 528 -25.23 13.22 34.57
N ASN B 529 -24.30 13.34 33.59
CA ASN B 529 -23.48 12.20 33.19
C ASN B 529 -22.52 11.91 34.32
N HIS B 530 -22.32 10.61 34.59
CA HIS B 530 -21.42 10.10 35.63
C HIS B 530 -19.99 10.51 35.35
N PHE B 531 -19.65 10.65 34.06
CA PHE B 531 -18.33 10.99 33.55
C PHE B 531 -18.13 12.50 33.29
N TYR B 532 -19.18 13.32 33.53
CA TYR B 532 -19.11 14.78 33.35
C TYR B 532 -19.16 15.49 34.71
N VAL B 533 -18.41 16.60 34.81
CA VAL B 533 -18.32 17.45 36.01
C VAL B 533 -18.62 18.92 35.69
N LYS B 534 -19.72 19.43 36.23
CA LYS B 534 -20.10 20.83 36.11
C LYS B 534 -19.48 21.50 37.36
N PRO B 535 -18.37 22.29 37.22
CA PRO B 535 -17.72 22.88 38.42
C PRO B 535 -18.51 23.96 39.16
N ARG B 536 -18.70 23.78 40.47
CA ARG B 536 -19.48 24.68 41.34
C ARG B 536 -18.93 26.13 41.44
N VAL B 537 -17.63 26.34 41.15
CA VAL B 537 -17.00 27.67 41.23
C VAL B 537 -16.37 28.12 39.87
N ALA B 538 -15.62 27.23 39.17
CA ALA B 538 -14.95 27.52 37.89
C ALA B 538 -15.98 27.73 36.78
N VAL B 539 -16.39 29.01 36.60
CA VAL B 539 -17.43 29.45 35.66
C VAL B 539 -17.08 29.18 34.19
N ASN B 540 -15.77 29.09 33.93
CA ASN B 540 -15.19 28.88 32.64
C ASN B 540 -14.70 27.45 32.44
N ASN B 541 -14.83 26.59 33.44
CA ASN B 541 -14.35 25.23 33.30
C ASN B 541 -15.43 24.20 33.19
N PHE B 542 -15.02 22.97 32.85
CA PHE B 542 -15.82 21.76 32.74
C PHE B 542 -14.91 20.54 32.87
N GLY B 543 -15.23 19.68 33.81
CA GLY B 543 -14.45 18.47 34.01
C GLY B 543 -14.94 17.27 33.25
N VAL B 544 -14.03 16.31 33.02
CA VAL B 544 -14.35 15.02 32.44
C VAL B 544 -13.67 13.98 33.34
N LYS B 545 -14.39 12.90 33.68
CA LYS B 545 -13.88 11.81 34.52
C LYS B 545 -13.25 10.75 33.58
N HIS B 546 -12.04 11.06 33.10
CA HIS B 546 -11.26 10.19 32.22
C HIS B 546 -10.83 8.94 32.97
N TYR B 547 -10.27 7.95 32.26
CA TYR B 547 -9.76 6.74 32.90
C TYR B 547 -8.62 7.06 33.88
N ALA B 548 -7.74 8.03 33.51
CA ALA B 548 -6.58 8.47 34.30
C ALA B 548 -6.91 9.55 35.35
N GLY B 549 -8.20 9.85 35.53
CA GLY B 549 -8.66 10.85 36.48
C GLY B 549 -9.56 11.91 35.88
N GLU B 550 -10.00 12.86 36.72
CA GLU B 550 -10.88 13.96 36.34
C GLU B 550 -10.05 15.14 35.90
N VAL B 551 -10.26 15.61 34.67
CA VAL B 551 -9.54 16.75 34.10
C VAL B 551 -10.44 17.95 34.00
N GLN B 552 -9.96 19.10 34.47
CA GLN B 552 -10.68 20.37 34.44
C GLN B 552 -10.27 21.23 33.23
N TYR B 553 -11.18 21.35 32.23
CA TYR B 553 -10.98 22.08 30.97
C TYR B 553 -11.59 23.48 30.90
N ASP B 554 -10.77 24.47 30.50
CA ASP B 554 -11.20 25.85 30.27
C ASP B 554 -11.70 26.02 28.80
N VAL B 555 -12.97 26.42 28.64
CA VAL B 555 -13.60 26.58 27.32
C VAL B 555 -13.11 27.73 26.52
N ARG B 556 -12.53 28.73 27.18
CA ARG B 556 -12.07 29.92 26.49
C ARG B 556 -11.02 29.57 25.46
N GLY B 557 -11.44 29.76 24.20
CA GLY B 557 -10.65 29.51 22.99
C GLY B 557 -11.02 28.30 22.17
N ILE B 558 -11.84 27.36 22.71
CA ILE B 558 -12.24 26.12 22.02
C ILE B 558 -12.82 26.40 20.65
N LEU B 559 -13.73 27.37 20.53
CA LEU B 559 -14.39 27.76 19.28
C LEU B 559 -13.39 28.14 18.18
N GLU B 560 -12.49 29.11 18.46
CA GLU B 560 -11.44 29.64 17.58
C GLU B 560 -10.50 28.51 17.15
N LYS B 561 -10.01 27.72 18.15
CA LYS B 561 -9.10 26.58 17.99
C LYS B 561 -9.70 25.45 17.17
N ASN B 562 -10.96 25.13 17.41
CA ASN B 562 -11.67 24.10 16.70
C ASN B 562 -11.97 24.52 15.24
N ARG B 563 -12.33 25.81 15.04
CA ARG B 563 -12.62 26.35 13.71
C ARG B 563 -11.37 26.30 12.84
N ASP B 564 -10.23 26.72 13.44
CA ASP B 564 -8.90 26.77 12.83
C ASP B 564 -8.94 27.50 11.48
N THR B 565 -9.55 28.69 11.48
CA THR B 565 -9.71 29.56 10.31
C THR B 565 -8.34 30.08 9.82
N PHE B 566 -8.20 30.23 8.50
CA PHE B 566 -7.04 30.83 7.87
C PHE B 566 -7.59 31.65 6.73
N ARG B 567 -7.42 32.96 6.82
CA ARG B 567 -7.92 33.92 5.84
C ARG B 567 -7.42 33.66 4.44
N ASP B 568 -8.34 33.71 3.46
CA ASP B 568 -8.02 33.55 2.04
C ASP B 568 -7.08 34.65 1.59
N ASP B 569 -7.18 35.84 2.23
CA ASP B 569 -6.29 36.97 1.97
C ASP B 569 -4.84 36.58 2.23
N LEU B 570 -4.60 35.80 3.31
CA LEU B 570 -3.27 35.31 3.68
C LEU B 570 -2.78 34.21 2.76
N LEU B 571 -3.70 33.29 2.38
CA LEU B 571 -3.35 32.20 1.46
C LEU B 571 -2.95 32.78 0.09
N ASN B 572 -3.72 33.77 -0.39
CA ASN B 572 -3.44 34.45 -1.63
C ASN B 572 -2.07 35.16 -1.56
N LEU B 573 -1.77 35.82 -0.40
CA LEU B 573 -0.49 36.49 -0.16
C LEU B 573 0.65 35.48 -0.25
N LEU B 574 0.56 34.34 0.49
CA LEU B 574 1.58 33.31 0.45
C LEU B 574 1.88 32.80 -0.94
N ARG B 575 0.88 32.73 -1.80
CA ARG B 575 1.05 32.26 -3.17
C ARG B 575 1.83 33.27 -4.02
N GLU B 576 2.02 34.51 -3.49
CA GLU B 576 2.81 35.56 -4.14
C GLU B 576 4.32 35.41 -3.82
N SER B 577 4.68 34.55 -2.85
CA SER B 577 6.07 34.35 -2.44
C SER B 577 6.99 34.08 -3.60
N ARG B 578 8.14 34.80 -3.62
CA ARG B 578 9.18 34.63 -4.64
C ARG B 578 10.08 33.45 -4.26
N PHE B 579 9.95 32.95 -2.99
CA PHE B 579 10.68 31.83 -2.41
C PHE B 579 9.87 30.58 -2.74
N ASP B 580 10.34 29.80 -3.73
CA ASP B 580 9.68 28.60 -4.26
C ASP B 580 9.28 27.63 -3.18
N PHE B 581 10.12 27.45 -2.15
CA PHE B 581 9.84 26.55 -1.03
C PHE B 581 8.50 26.89 -0.38
N ILE B 582 8.25 28.19 -0.12
CA ILE B 582 7.00 28.70 0.47
C ILE B 582 5.85 28.50 -0.51
N TYR B 583 6.03 28.90 -1.78
CA TYR B 583 4.98 28.72 -2.76
C TYR B 583 4.57 27.26 -2.83
N ASP B 584 5.54 26.34 -2.91
CA ASP B 584 5.28 24.92 -3.02
C ASP B 584 4.46 24.38 -1.89
N LEU B 585 4.63 24.95 -0.67
CA LEU B 585 3.86 24.54 0.52
C LEU B 585 2.41 24.93 0.44
N PHE B 586 2.10 26.08 -0.18
CA PHE B 586 0.73 26.60 -0.26
C PHE B 586 0.06 26.50 -1.65
N GLU B 587 0.76 25.93 -2.63
CA GLU B 587 0.33 25.79 -4.00
C GLU B 587 -1.11 25.25 -4.17
N HIS B 588 -1.43 24.15 -3.47
CA HIS B 588 -2.67 23.41 -3.56
C HIS B 588 -3.45 23.32 -2.25
N VAL B 589 -3.04 24.05 -1.21
CA VAL B 589 -3.69 24.08 0.09
C VAL B 589 -5.15 24.47 -0.08
N SER B 590 -6.07 23.75 0.61
CA SER B 590 -7.51 24.02 0.55
C SER B 590 -7.81 25.24 1.38
N SER B 591 -8.77 26.06 0.92
CA SER B 591 -9.17 27.26 1.66
C SER B 591 -9.80 26.92 3.05
N ARG B 592 -9.48 27.73 4.07
CA ARG B 592 -10.01 27.56 5.43
C ARG B 592 -10.60 28.87 5.91
N ASN B 593 -11.16 29.68 5.00
CA ASN B 593 -11.76 30.96 5.33
C ASN B 593 -13.03 30.78 6.14
N ASN B 594 -13.35 31.77 6.96
CA ASN B 594 -14.58 31.80 7.74
C ASN B 594 -15.81 31.91 6.80
N GLN B 595 -16.73 30.94 6.89
CA GLN B 595 -17.95 30.95 6.08
C GLN B 595 -19.13 31.69 6.80
N ASP B 596 -19.99 32.31 5.97
CA ASP B 596 -21.20 33.08 6.33
C ASP B 596 -22.04 33.16 5.03
N THR B 597 -22.31 31.97 4.42
CA THR B 597 -23.09 31.80 3.19
C THR B 597 -24.58 31.63 3.53
N LEU B 598 -24.87 31.50 4.86
CA LEU B 598 -26.16 31.25 5.50
C LEU B 598 -26.85 29.96 4.96
N LYS B 599 -26.17 28.79 4.98
CA LYS B 599 -24.77 28.54 5.42
C LYS B 599 -24.00 27.53 4.54
N CYS B 600 -24.61 26.40 4.03
CA CYS B 600 -25.99 25.92 4.19
C CYS B 600 -26.37 25.48 5.66
N GLY B 601 -25.51 24.75 6.44
CA GLY B 601 -24.22 24.13 6.11
C GLY B 601 -24.48 22.77 5.48
N SER B 602 -25.48 22.02 6.04
CA SER B 602 -25.96 20.72 5.59
C SER B 602 -26.30 20.79 4.07
N LYS B 603 -25.73 19.91 3.19
CA LYS B 603 -24.90 18.71 3.44
C LYS B 603 -23.53 18.94 4.14
N HIS B 604 -22.52 19.55 3.44
CA HIS B 604 -21.17 19.75 3.99
C HIS B 604 -21.10 20.83 5.10
N ARG B 605 -20.78 20.37 6.34
CA ARG B 605 -20.68 21.19 7.55
C ARG B 605 -19.43 22.08 7.59
N ARG B 606 -18.26 21.57 7.05
CA ARG B 606 -16.89 22.17 7.00
C ARG B 606 -16.00 21.47 8.06
N PRO B 607 -14.82 20.94 7.70
CA PRO B 607 -14.06 20.15 8.68
C PRO B 607 -13.35 20.97 9.72
N THR B 608 -13.52 20.54 10.97
CA THR B 608 -12.96 21.15 12.18
C THR B 608 -11.73 20.34 12.62
N VAL B 609 -10.98 20.85 13.60
CA VAL B 609 -9.83 20.15 14.17
C VAL B 609 -10.29 18.81 14.76
N SER B 610 -11.37 18.85 15.57
CA SER B 610 -12.02 17.69 16.19
C SER B 610 -12.47 16.71 15.16
N SER B 611 -13.31 17.18 14.20
CA SER B 611 -13.84 16.34 13.15
C SER B 611 -12.72 15.54 12.50
N GLN B 612 -11.66 16.23 12.02
CA GLN B 612 -10.51 15.62 11.33
C GLN B 612 -9.83 14.56 12.19
N PHE B 613 -9.58 14.92 13.47
CA PHE B 613 -8.90 14.08 14.46
C PHE B 613 -9.68 12.86 14.84
N LYS B 614 -11.03 12.99 15.01
CA LYS B 614 -11.89 11.86 15.34
C LYS B 614 -11.80 10.84 14.21
N ASP B 615 -11.91 11.29 12.92
CA ASP B 615 -11.76 10.42 11.75
C ASP B 615 -10.40 9.71 11.86
N SER B 616 -9.34 10.52 11.91
CA SER B 616 -7.96 10.11 12.03
C SER B 616 -7.77 9.01 13.07
N LEU B 617 -8.32 9.17 14.30
CA LEU B 617 -8.20 8.17 15.37
C LEU B 617 -8.87 6.85 15.05
N HIS B 618 -10.09 6.92 14.49
N HIS B 618 -10.11 6.91 14.48
CA HIS B 618 -10.88 5.75 14.13
CA HIS B 618 -10.92 5.75 14.10
C HIS B 618 -10.25 4.95 13.00
C HIS B 618 -10.21 4.94 13.03
N SER B 619 -9.50 5.61 12.11
CA SER B 619 -8.78 4.94 11.02
C SER B 619 -7.64 4.13 11.63
N LEU B 620 -6.88 4.77 12.53
CA LEU B 620 -5.76 4.17 13.25
C LEU B 620 -6.26 3.01 14.06
N MET B 621 -7.37 3.19 14.79
CA MET B 621 -7.90 2.13 15.65
C MET B 621 -8.34 0.91 14.84
N ALA B 622 -8.83 1.16 13.61
CA ALA B 622 -9.27 0.11 12.70
C ALA B 622 -8.07 -0.63 12.16
N THR B 623 -7.11 0.11 11.62
CA THR B 623 -5.85 -0.41 11.09
C THR B 623 -5.17 -1.35 12.13
N LEU B 624 -5.39 -1.06 13.43
CA LEU B 624 -4.79 -1.78 14.54
C LEU B 624 -5.56 -3.00 14.88
N SER B 625 -6.90 -2.92 14.91
CA SER B 625 -7.70 -4.06 15.33
C SER B 625 -7.61 -5.26 14.35
N SER B 626 -6.79 -5.14 13.27
CA SER B 626 -6.53 -6.21 12.30
C SER B 626 -5.09 -6.79 12.50
N SER B 627 -4.29 -6.11 13.34
CA SER B 627 -2.93 -6.44 13.75
C SER B 627 -3.00 -7.15 15.10
N ASN B 628 -2.03 -8.02 15.38
CA ASN B 628 -1.92 -8.70 16.68
C ASN B 628 -1.17 -7.74 17.61
N PRO B 629 -1.76 -7.36 18.78
CA PRO B 629 -1.11 -6.37 19.64
C PRO B 629 -0.22 -6.88 20.76
N PHE B 630 0.84 -6.10 21.03
CA PHE B 630 1.74 -6.25 22.15
C PHE B 630 1.62 -4.96 22.93
N PHE B 631 1.46 -5.07 24.26
CA PHE B 631 1.24 -3.89 25.10
C PHE B 631 2.39 -3.57 26.01
N VAL B 632 2.74 -2.29 26.10
CA VAL B 632 3.78 -1.80 27.00
C VAL B 632 3.12 -0.72 27.86
N ARG B 633 3.18 -0.86 29.19
CA ARG B 633 2.57 0.09 30.12
C ARG B 633 3.68 0.85 30.82
N CYS B 634 3.85 2.14 30.48
CA CYS B 634 4.87 2.97 31.09
C CYS B 634 4.36 3.63 32.35
N ILE B 635 5.12 3.53 33.43
CA ILE B 635 4.77 4.08 34.74
C ILE B 635 5.76 5.18 35.18
N LYS B 636 5.23 6.35 35.60
CA LYS B 636 6.04 7.45 36.13
C LYS B 636 6.24 7.18 37.59
N PRO B 637 7.48 7.04 38.09
CA PRO B 637 7.65 6.77 39.52
C PRO B 637 7.36 7.99 40.41
N ASN B 638 7.49 9.21 39.86
CA ASN B 638 7.31 10.47 40.60
C ASN B 638 7.01 11.62 39.65
N MET B 639 6.60 12.77 40.18
CA MET B 639 6.24 13.93 39.36
C MET B 639 7.36 14.99 39.30
N GLN B 640 8.57 14.62 39.79
CA GLN B 640 9.76 15.46 39.95
C GLN B 640 10.84 15.24 38.90
N LYS B 641 10.65 14.27 37.95
CA LYS B 641 11.62 13.84 36.93
C LYS B 641 12.92 13.31 37.60
N MET B 642 12.79 12.73 38.81
CA MET B 642 13.90 12.26 39.61
C MET B 642 14.22 10.78 39.51
N PRO B 643 15.53 10.41 39.49
CA PRO B 643 15.91 8.99 39.56
C PRO B 643 15.84 8.53 41.02
N ASP B 644 15.81 7.19 41.26
CA ASP B 644 15.79 6.60 42.62
C ASP B 644 14.76 7.25 43.57
N GLN B 645 13.54 7.52 43.08
CA GLN B 645 12.48 8.13 43.87
C GLN B 645 11.16 7.53 43.43
N PHE B 646 10.75 6.47 44.11
CA PHE B 646 9.50 5.76 43.83
C PHE B 646 8.40 6.31 44.77
N ASP B 647 7.49 7.19 44.27
CA ASP B 647 6.38 7.71 45.10
C ASP B 647 5.28 6.68 45.03
N GLN B 648 5.11 5.91 46.11
CA GLN B 648 4.11 4.84 46.19
C GLN B 648 2.69 5.34 45.84
N ALA B 649 2.28 6.53 46.30
CA ALA B 649 0.95 7.06 45.99
C ALA B 649 0.77 7.32 44.49
N VAL B 650 1.80 7.88 43.83
CA VAL B 650 1.85 8.21 42.40
C VAL B 650 1.79 6.93 41.56
N VAL B 651 2.61 5.92 41.94
CA VAL B 651 2.67 4.63 41.26
C VAL B 651 1.35 3.87 41.42
N LEU B 652 0.85 3.75 42.67
CA LEU B 652 -0.40 3.04 42.94
C LEU B 652 -1.56 3.56 42.09
N ASN B 653 -1.65 4.89 41.95
CA ASN B 653 -2.70 5.50 41.15
C ASN B 653 -2.68 4.98 39.72
N GLN B 654 -1.49 4.92 39.10
CA GLN B 654 -1.35 4.45 37.73
C GLN B 654 -1.68 2.97 37.60
N LEU B 655 -1.25 2.16 38.56
CA LEU B 655 -1.56 0.72 38.57
C LEU B 655 -3.06 0.47 38.68
N ARG B 656 -3.75 1.28 39.50
CA ARG B 656 -5.18 1.15 39.68
C ARG B 656 -5.95 1.55 38.41
N TYR B 657 -5.79 2.81 37.95
CA TYR B 657 -6.59 3.33 36.85
C TYR B 657 -6.34 2.63 35.53
N SER B 658 -5.14 2.07 35.33
CA SER B 658 -4.81 1.38 34.10
C SER B 658 -5.29 -0.09 34.12
N GLY B 659 -5.65 -0.58 35.30
CA GLY B 659 -6.15 -1.93 35.50
C GLY B 659 -5.09 -3.00 35.55
N MET B 660 -3.92 -2.67 36.10
CA MET B 660 -2.82 -3.62 36.22
C MET B 660 -3.26 -4.84 36.99
N LEU B 661 -4.13 -4.66 37.99
CA LEU B 661 -4.56 -5.79 38.82
C LEU B 661 -5.39 -6.80 38.04
N GLU B 662 -6.41 -6.34 37.32
CA GLU B 662 -7.31 -7.20 36.54
C GLU B 662 -6.53 -7.85 35.40
N THR B 663 -5.54 -7.12 34.84
CA THR B 663 -4.68 -7.62 33.76
C THR B 663 -3.91 -8.83 34.26
N VAL B 664 -3.32 -8.73 35.48
CA VAL B 664 -2.56 -9.82 36.08
C VAL B 664 -3.47 -11.04 36.25
N ARG B 665 -4.70 -10.80 36.70
CA ARG B 665 -5.70 -11.85 36.93
C ARG B 665 -6.00 -12.62 35.67
N ILE B 666 -6.28 -11.92 34.56
CA ILE B 666 -6.61 -12.58 33.29
C ILE B 666 -5.37 -13.23 32.62
N ARG B 667 -4.17 -12.67 32.81
CA ARG B 667 -2.98 -13.30 32.23
C ARG B 667 -2.53 -14.52 33.04
N LYS B 668 -2.88 -14.57 34.33
CA LYS B 668 -2.53 -15.69 35.19
C LYS B 668 -3.45 -16.89 34.89
N ALA B 669 -4.77 -16.60 34.70
CA ALA B 669 -5.82 -17.58 34.54
C ALA B 669 -6.14 -17.95 33.12
N GLY B 670 -5.95 -16.99 32.22
CA GLY B 670 -6.30 -17.11 30.81
C GLY B 670 -5.38 -17.93 29.95
N TYR B 671 -5.75 -18.04 28.67
CA TYR B 671 -5.05 -18.83 27.66
C TYR B 671 -4.88 -17.94 26.44
N ALA B 672 -3.83 -17.10 26.45
CA ALA B 672 -3.59 -16.14 25.37
C ALA B 672 -3.27 -16.76 24.02
N VAL B 673 -2.83 -18.02 23.98
CA VAL B 673 -2.50 -18.71 22.72
C VAL B 673 -3.57 -19.74 22.35
N ARG B 674 -3.96 -19.79 21.08
CA ARG B 674 -4.93 -20.76 20.59
C ARG B 674 -4.74 -21.08 19.12
N ARG B 675 -4.93 -22.33 18.78
CA ARG B 675 -4.81 -22.81 17.41
C ARG B 675 -5.89 -23.84 17.16
N PRO B 676 -6.51 -23.86 15.97
CA PRO B 676 -7.41 -24.98 15.62
C PRO B 676 -6.72 -26.33 15.89
N PHE B 677 -7.50 -27.37 16.25
CA PHE B 677 -6.93 -28.69 16.57
C PHE B 677 -5.92 -29.19 15.55
N GLN B 678 -6.28 -29.18 14.25
CA GLN B 678 -5.36 -29.67 13.21
C GLN B 678 -4.13 -28.83 13.08
N ASP B 679 -4.26 -27.50 13.28
CA ASP B 679 -3.14 -26.56 13.19
C ASP B 679 -2.13 -26.87 14.28
N PHE B 680 -2.65 -27.07 15.51
CA PHE B 680 -1.84 -27.43 16.67
C PHE B 680 -1.14 -28.76 16.40
N TYR B 681 -1.90 -29.79 15.97
CA TYR B 681 -1.37 -31.11 15.68
C TYR B 681 -0.30 -31.07 14.60
N LYS B 682 -0.57 -30.34 13.49
CA LYS B 682 0.40 -30.23 12.38
C LYS B 682 1.70 -29.49 12.79
N ARG B 683 1.59 -28.45 13.64
CA ARG B 683 2.77 -27.73 14.13
C ARG B 683 3.60 -28.59 15.06
N TYR B 684 2.95 -29.26 16.03
CA TYR B 684 3.66 -30.02 17.06
C TYR B 684 3.71 -31.55 16.86
N LYS B 685 3.45 -32.05 15.62
CA LYS B 685 3.49 -33.46 15.27
C LYS B 685 4.84 -34.10 15.64
N VAL B 686 5.96 -33.35 15.49
CA VAL B 686 7.36 -33.76 15.80
C VAL B 686 7.48 -34.23 17.22
N LEU B 687 6.73 -33.56 18.13
CA LEU B 687 6.72 -33.80 19.57
C LEU B 687 5.85 -35.00 19.97
N MET B 688 5.15 -35.59 19.00
CA MET B 688 4.26 -36.72 19.26
C MET B 688 4.81 -38.07 18.70
N ARG B 689 6.02 -38.07 18.11
CA ARG B 689 6.68 -39.24 17.50
C ARG B 689 6.75 -40.47 18.39
N ASN B 690 6.95 -40.28 19.70
CA ASN B 690 7.11 -41.39 20.65
C ASN B 690 5.84 -41.73 21.43
N LEU B 691 4.67 -41.21 21.00
CA LEU B 691 3.38 -41.42 21.66
C LEU B 691 2.46 -42.37 20.87
N ALA B 692 1.66 -43.16 21.61
CA ALA B 692 0.63 -44.05 21.06
C ALA B 692 -0.62 -43.14 20.89
N LEU B 693 -0.83 -42.61 19.67
CA LEU B 693 -1.88 -41.62 19.42
C LEU B 693 -3.25 -42.20 19.04
N PRO B 694 -4.37 -41.55 19.51
CA PRO B 694 -5.70 -42.01 19.08
C PRO B 694 -6.02 -41.54 17.67
N GLU B 695 -7.10 -42.06 17.07
CA GLU B 695 -7.49 -41.71 15.70
C GLU B 695 -7.96 -40.24 15.55
N ASP B 696 -8.62 -39.67 16.59
CA ASP B 696 -9.16 -38.31 16.56
C ASP B 696 -8.17 -37.23 16.92
N VAL B 697 -8.23 -36.07 16.23
CA VAL B 697 -7.31 -34.95 16.44
C VAL B 697 -7.38 -34.38 17.87
N ARG B 698 -8.58 -34.27 18.46
CA ARG B 698 -8.73 -33.76 19.83
C ARG B 698 -7.90 -34.64 20.79
N GLY B 699 -7.95 -35.96 20.57
CA GLY B 699 -7.22 -36.93 21.37
C GLY B 699 -5.72 -36.81 21.19
N LYS B 700 -5.27 -36.53 19.95
CA LYS B 700 -3.86 -36.34 19.60
C LYS B 700 -3.31 -35.12 20.34
N CYS B 701 -4.08 -33.99 20.35
CA CYS B 701 -3.71 -32.78 21.08
C CYS B 701 -3.62 -33.05 22.59
N THR B 702 -4.61 -33.77 23.12
CA THR B 702 -4.67 -34.13 24.53
C THR B 702 -3.43 -34.94 24.96
N SER B 703 -3.03 -35.91 24.13
CA SER B 703 -1.88 -36.78 24.40
C SER B 703 -0.61 -35.98 24.66
N LEU B 704 -0.34 -34.96 23.81
CA LEU B 704 0.84 -34.14 23.99
C LEU B 704 0.71 -33.22 25.21
N LEU B 705 -0.45 -32.55 25.33
CA LEU B 705 -0.68 -31.59 26.38
C LEU B 705 -0.67 -32.21 27.78
N GLN B 706 -1.14 -33.46 27.90
CA GLN B 706 -1.17 -34.19 29.16
C GLN B 706 0.23 -34.44 29.69
N LEU B 707 1.22 -34.55 28.80
CA LEU B 707 2.63 -34.76 29.17
C LEU B 707 3.15 -33.48 29.82
N TYR B 708 2.73 -32.31 29.29
CA TYR B 708 3.16 -31.00 29.78
C TYR B 708 2.43 -30.53 31.05
N ASP B 709 1.16 -30.92 31.21
CA ASP B 709 0.34 -30.56 32.36
C ASP B 709 -0.84 -31.52 32.48
N ALA B 710 -0.68 -32.56 33.30
CA ALA B 710 -1.72 -33.57 33.51
C ALA B 710 -3.00 -33.02 34.19
N SER B 711 -2.86 -31.93 35.00
CA SER B 711 -3.97 -31.27 35.70
C SER B 711 -5.00 -30.63 34.77
N ASN B 712 -4.67 -30.46 33.48
CA ASN B 712 -5.55 -29.84 32.47
C ASN B 712 -5.78 -28.35 32.78
N SER B 713 -4.92 -27.72 33.61
CA SER B 713 -5.09 -26.31 33.98
C SER B 713 -4.33 -25.28 33.10
N GLU B 714 -3.23 -25.64 32.42
CA GLU B 714 -2.46 -24.71 31.57
C GLU B 714 -2.93 -24.71 30.11
N TRP B 715 -3.89 -25.59 29.79
CA TRP B 715 -4.48 -25.75 28.46
C TRP B 715 -5.91 -26.24 28.56
N GLN B 716 -6.70 -26.02 27.52
CA GLN B 716 -8.08 -26.48 27.47
C GLN B 716 -8.43 -26.71 26.01
N LEU B 717 -9.36 -27.64 25.75
CA LEU B 717 -9.85 -27.84 24.39
C LEU B 717 -11.19 -27.13 24.29
N GLY B 718 -11.32 -26.27 23.30
CA GLY B 718 -12.58 -25.58 23.03
C GLY B 718 -13.37 -26.32 21.96
N LYS B 719 -14.30 -25.62 21.31
CA LYS B 719 -15.13 -26.21 20.23
C LYS B 719 -14.32 -26.51 18.98
N THR B 720 -13.47 -25.55 18.58
CA THR B 720 -12.62 -25.68 17.38
C THR B 720 -11.10 -25.58 17.65
N LYS B 721 -10.72 -25.02 18.81
CA LYS B 721 -9.32 -24.73 19.12
C LYS B 721 -8.76 -25.28 20.41
N VAL B 722 -7.42 -25.45 20.41
CA VAL B 722 -6.58 -25.79 21.55
C VAL B 722 -6.21 -24.44 22.16
N PHE B 723 -6.52 -24.23 23.45
CA PHE B 723 -6.20 -23.00 24.15
C PHE B 723 -5.07 -23.34 25.07
N LEU B 724 -4.03 -22.48 25.16
CA LEU B 724 -2.91 -22.75 26.05
C LEU B 724 -2.25 -21.46 26.57
N ARG B 725 -1.69 -21.50 27.78
CA ARG B 725 -1.02 -20.34 28.40
C ARG B 725 0.25 -20.00 27.62
N GLU B 726 0.66 -18.70 27.60
CA GLU B 726 1.87 -18.23 26.92
C GLU B 726 3.07 -19.09 27.37
N SER B 727 3.21 -19.35 28.69
CA SER B 727 4.30 -20.15 29.27
C SER B 727 4.42 -21.55 28.66
N LEU B 728 3.26 -22.23 28.44
CA LEU B 728 3.20 -23.56 27.84
C LEU B 728 3.57 -23.49 26.36
N GLU B 729 3.06 -22.47 25.64
CA GLU B 729 3.37 -22.29 24.22
C GLU B 729 4.87 -22.04 24.05
N GLN B 730 5.48 -21.25 24.96
CA GLN B 730 6.89 -20.91 24.94
C GLN B 730 7.71 -22.19 25.14
N LYS B 731 7.21 -23.10 26.04
CA LYS B 731 7.81 -24.41 26.39
C LYS B 731 7.78 -25.35 25.21
N LEU B 732 6.60 -25.47 24.56
CA LEU B 732 6.37 -26.33 23.42
C LEU B 732 7.21 -25.90 22.23
N GLU B 733 7.20 -24.57 21.93
CA GLU B 733 7.96 -23.97 20.83
C GLU B 733 9.45 -24.22 20.94
N LYS B 734 10.05 -23.90 22.14
CA LYS B 734 11.46 -24.11 22.44
C LYS B 734 11.80 -25.57 22.11
N ARG B 735 10.96 -26.54 22.51
CA ARG B 735 11.15 -27.99 22.27
C ARG B 735 11.02 -28.40 20.79
N ARG B 736 10.09 -27.75 20.07
CA ARG B 736 9.87 -27.99 18.64
C ARG B 736 11.15 -27.59 17.88
N GLU B 737 11.70 -26.38 18.18
CA GLU B 737 12.89 -25.76 17.59
C GLU B 737 14.09 -26.70 17.70
N GLU B 738 14.25 -27.29 18.90
CA GLU B 738 15.29 -28.27 19.25
C GLU B 738 15.15 -29.59 18.47
N GLU B 739 13.90 -30.00 18.23
CA GLU B 739 13.54 -31.24 17.55
C GLU B 739 13.69 -31.15 16.03
N VAL B 740 13.32 -29.96 15.49
CA VAL B 740 13.39 -29.59 14.09
C VAL B 740 14.85 -29.51 13.67
N SER B 741 15.69 -28.87 14.52
CA SER B 741 17.13 -28.73 14.32
C SER B 741 17.84 -30.09 14.30
N HIS B 742 17.39 -31.01 15.15
CA HIS B 742 17.93 -32.35 15.28
C HIS B 742 17.62 -33.18 14.05
N ALA B 743 16.44 -32.95 13.45
CA ALA B 743 15.96 -33.61 12.23
C ALA B 743 16.74 -33.12 11.00
N ALA B 744 17.06 -31.80 10.97
CA ALA B 744 17.85 -31.17 9.92
C ALA B 744 19.27 -31.73 9.93
N MET B 745 19.77 -32.10 11.12
CA MET B 745 21.08 -32.71 11.29
C MET B 745 21.10 -34.11 10.71
N VAL B 746 19.95 -34.79 10.63
CA VAL B 746 19.88 -36.14 10.07
C VAL B 746 19.95 -36.06 8.54
N ILE B 747 19.11 -35.17 7.94
CA ILE B 747 18.98 -34.92 6.50
C ILE B 747 20.34 -34.54 5.93
N ARG B 748 20.96 -33.43 6.46
CA ARG B 748 22.31 -32.95 6.12
C ARG B 748 23.27 -34.14 5.99
N ALA B 749 23.33 -34.99 7.02
CA ALA B 749 24.19 -36.16 7.10
C ALA B 749 24.01 -37.18 5.98
N HIS B 750 22.74 -37.39 5.54
CA HIS B 750 22.38 -38.32 4.47
C HIS B 750 22.55 -37.70 3.10
N VAL B 751 22.24 -36.40 2.95
CA VAL B 751 22.40 -35.73 1.66
C VAL B 751 23.89 -35.46 1.41
N LEU B 752 24.67 -35.11 2.46
CA LEU B 752 26.10 -34.88 2.29
C LEU B 752 26.84 -36.15 1.87
N GLY B 753 26.31 -37.30 2.29
CA GLY B 753 26.82 -38.63 1.95
C GLY B 753 26.35 -39.14 0.60
N PHE B 754 25.36 -38.43 0.01
CA PHE B 754 24.81 -38.69 -1.33
C PHE B 754 25.68 -37.92 -2.33
N LEU B 755 25.87 -36.59 -2.09
CA LEU B 755 26.69 -35.67 -2.88
C LEU B 755 28.16 -36.14 -2.97
N ALA B 756 28.70 -36.62 -1.83
CA ALA B 756 30.06 -37.14 -1.70
C ALA B 756 30.22 -38.47 -2.41
N ARG B 757 29.16 -39.30 -2.41
CA ARG B 757 29.17 -40.61 -3.07
C ARG B 757 29.00 -40.45 -4.60
N LYS B 758 28.19 -39.44 -5.01
CA LYS B 758 27.96 -39.09 -6.42
C LYS B 758 29.30 -38.66 -7.06
N GLN B 759 30.03 -37.71 -6.42
CA GLN B 759 31.33 -37.25 -6.90
C GLN B 759 32.42 -38.31 -6.82
N TYR B 760 32.34 -39.29 -5.88
CA TYR B 760 33.33 -40.38 -5.84
C TYR B 760 33.09 -41.32 -7.05
N ARG B 761 31.81 -41.52 -7.41
CA ARG B 761 31.41 -42.32 -8.58
C ARG B 761 31.89 -41.61 -9.89
N LYS B 762 31.67 -40.25 -9.96
CA LYS B 762 32.06 -39.37 -11.08
C LYS B 762 33.57 -39.37 -11.36
N VAL B 763 34.40 -39.31 -10.30
CA VAL B 763 35.86 -39.39 -10.39
C VAL B 763 36.25 -40.80 -10.87
N LEU B 764 35.58 -41.84 -10.36
CA LEU B 764 35.80 -43.23 -10.76
C LEU B 764 35.39 -43.47 -12.23
N TYR B 765 34.48 -42.63 -12.78
CA TYR B 765 34.04 -42.67 -14.19
C TYR B 765 35.00 -41.87 -15.08
N CYS B 766 35.39 -40.63 -14.64
CA CYS B 766 36.31 -39.75 -15.38
C CYS B 766 37.69 -40.40 -15.61
N VAL B 767 38.14 -41.26 -14.67
CA VAL B 767 39.42 -41.97 -14.75
C VAL B 767 39.33 -43.19 -15.66
N VAL B 768 38.23 -43.96 -15.60
CA VAL B 768 38.04 -45.15 -16.43
C VAL B 768 37.88 -44.75 -17.92
N ILE B 769 37.47 -43.48 -18.22
CA ILE B 769 37.37 -43.02 -19.61
C ILE B 769 38.76 -42.58 -20.12
N ILE B 770 39.64 -42.01 -19.26
CA ILE B 770 40.99 -41.65 -19.72
C ILE B 770 41.91 -42.88 -19.69
N GLN B 771 41.68 -43.85 -18.77
CA GLN B 771 42.45 -45.10 -18.69
C GLN B 771 42.17 -46.02 -19.89
N LYS B 772 40.91 -46.03 -20.40
CA LYS B 772 40.50 -46.82 -21.57
C LYS B 772 41.10 -46.20 -22.84
N ASN B 773 41.09 -44.84 -22.94
CA ASN B 773 41.63 -44.06 -24.05
C ASN B 773 43.16 -44.18 -24.15
N TYR B 774 43.85 -44.17 -22.98
CA TYR B 774 45.31 -44.33 -22.90
C TYR B 774 45.70 -45.80 -23.18
N ARG B 775 44.85 -46.78 -22.77
CA ARG B 775 45.07 -48.22 -23.01
C ARG B 775 45.00 -48.52 -24.53
N ALA B 776 44.29 -47.66 -25.28
CA ALA B 776 44.13 -47.74 -26.73
C ALA B 776 45.28 -46.99 -27.44
N PHE B 777 45.52 -45.70 -27.05
CA PHE B 777 46.56 -44.82 -27.59
C PHE B 777 47.98 -45.39 -27.44
N LEU B 778 48.23 -46.13 -26.34
CA LEU B 778 49.52 -46.77 -26.09
C LEU B 778 49.63 -48.14 -26.78
N LEU B 779 48.49 -48.81 -27.06
CA LEU B 779 48.47 -50.11 -27.76
C LEU B 779 48.81 -49.92 -29.25
N ARG B 780 48.36 -48.78 -29.84
CA ARG B 780 48.62 -48.40 -31.23
C ARG B 780 50.06 -47.90 -31.41
N ARG B 781 50.60 -47.20 -30.37
CA ARG B 781 51.98 -46.69 -30.31
C ARG B 781 53.00 -47.82 -30.06
N ARG B 782 52.55 -48.97 -29.48
CA ARG B 782 53.37 -50.16 -29.22
C ARG B 782 53.61 -50.90 -30.55
N PHE B 783 52.61 -50.85 -31.46
CA PHE B 783 52.63 -51.44 -32.80
C PHE B 783 53.46 -50.57 -33.77
N LEU B 784 53.50 -49.23 -33.52
CA LEU B 784 54.17 -48.14 -34.25
C LEU B 784 53.84 -48.18 -35.75
N ASP C 1 22.96 38.77 -47.25
CA ASP C 1 22.99 38.78 -48.71
C ASP C 1 24.19 37.94 -49.27
N GLN C 2 25.15 38.60 -49.98
CA GLN C 2 26.34 38.03 -50.62
C GLN C 2 27.23 37.25 -49.67
N LEU C 3 27.78 36.13 -50.16
CA LEU C 3 28.70 35.30 -49.40
C LEU C 3 30.10 35.55 -49.94
N THR C 4 31.01 35.99 -49.06
CA THR C 4 32.41 36.29 -49.36
C THR C 4 33.13 35.04 -49.80
N GLU C 5 34.18 35.16 -50.63
CA GLU C 5 34.92 33.98 -51.08
C GLU C 5 35.39 33.09 -49.90
N GLU C 6 35.88 33.71 -48.81
CA GLU C 6 36.31 33.03 -47.58
C GLU C 6 35.17 32.22 -46.97
N GLN C 7 33.92 32.73 -47.04
CA GLN C 7 32.71 32.06 -46.54
C GLN C 7 32.40 30.83 -47.38
N ILE C 8 32.39 30.99 -48.73
CA ILE C 8 32.09 29.91 -49.68
C ILE C 8 33.08 28.78 -49.51
N ALA C 9 34.38 29.13 -49.42
CA ALA C 9 35.48 28.18 -49.24
C ALA C 9 35.35 27.37 -47.94
N GLU C 10 34.93 28.06 -46.85
CA GLU C 10 34.69 27.50 -45.50
C GLU C 10 33.57 26.49 -45.54
N PHE C 11 32.55 26.73 -46.39
CA PHE C 11 31.40 25.85 -46.55
C PHE C 11 31.73 24.63 -47.40
N LYS C 12 32.52 24.82 -48.49
CA LYS C 12 32.93 23.70 -49.35
C LYS C 12 33.77 22.71 -48.57
N GLU C 13 34.51 23.20 -47.54
CA GLU C 13 35.33 22.42 -46.61
C GLU C 13 34.42 21.42 -45.89
N ALA C 14 33.41 21.94 -45.17
CA ALA C 14 32.41 21.14 -44.44
C ALA C 14 31.59 20.24 -45.34
N PHE C 15 31.35 20.68 -46.58
CA PHE C 15 30.61 19.89 -47.54
C PHE C 15 31.44 18.68 -47.93
N SER C 16 32.67 18.91 -48.41
CA SER C 16 33.59 17.87 -48.85
C SER C 16 33.89 16.79 -47.79
N LEU C 17 33.82 17.15 -46.47
CA LEU C 17 34.04 16.23 -45.35
C LEU C 17 32.98 15.13 -45.35
N PHE C 18 31.71 15.52 -45.57
CA PHE C 18 30.56 14.62 -45.61
C PHE C 18 30.36 13.98 -46.99
N ASP C 19 30.94 14.59 -48.03
CA ASP C 19 30.90 14.09 -49.39
C ASP C 19 32.06 13.06 -49.54
N LYS C 20 31.89 11.90 -48.87
CA LYS C 20 32.82 10.76 -48.86
C LYS C 20 32.93 10.20 -50.30
N ASP C 21 31.76 10.02 -50.95
CA ASP C 21 31.55 9.57 -52.34
C ASP C 21 32.38 10.35 -53.42
N GLY C 22 32.85 11.57 -53.08
CA GLY C 22 33.64 12.44 -53.94
C GLY C 22 32.96 12.89 -55.22
N ASP C 23 31.60 12.77 -55.27
CA ASP C 23 30.76 13.12 -56.43
C ASP C 23 30.19 14.53 -56.40
N GLY C 24 30.35 15.21 -55.26
CA GLY C 24 29.84 16.56 -55.02
C GLY C 24 28.40 16.58 -54.58
N THR C 25 27.98 15.46 -53.94
CA THR C 25 26.63 15.20 -53.44
C THR C 25 26.61 14.49 -52.07
N ILE C 26 25.88 15.11 -51.14
CA ILE C 26 25.69 14.61 -49.77
C ILE C 26 24.24 14.17 -49.62
N THR C 27 23.97 13.22 -48.71
CA THR C 27 22.59 12.77 -48.53
C THR C 27 21.72 13.83 -47.83
N THR C 28 20.40 13.69 -47.94
CA THR C 28 19.42 14.57 -47.30
C THR C 28 19.62 14.56 -45.79
N LYS C 29 19.85 13.36 -45.20
CA LYS C 29 20.08 13.18 -43.77
C LYS C 29 21.32 14.01 -43.32
N GLU C 30 22.35 14.04 -44.19
CA GLU C 30 23.60 14.77 -43.96
C GLU C 30 23.42 16.29 -44.03
N LEU C 31 22.38 16.82 -44.75
CA LEU C 31 22.14 18.27 -44.87
C LEU C 31 22.05 18.95 -43.50
N GLY C 32 21.32 18.32 -42.58
CA GLY C 32 21.16 18.77 -41.21
C GLY C 32 22.51 18.87 -40.54
N THR C 33 23.21 17.72 -40.49
CA THR C 33 24.54 17.54 -39.91
C THR C 33 25.55 18.57 -40.43
N VAL C 34 25.55 18.85 -41.76
CA VAL C 34 26.49 19.79 -42.40
C VAL C 34 26.18 21.23 -42.02
N MET C 35 24.90 21.64 -42.15
CA MET C 35 24.46 23.00 -41.81
C MET C 35 24.81 23.31 -40.37
N ARG C 36 24.47 22.35 -39.47
CA ARG C 36 24.72 22.42 -38.04
C ARG C 36 26.20 22.57 -37.75
N SER C 37 27.06 21.84 -38.50
CA SER C 37 28.52 21.87 -38.40
C SER C 37 29.11 23.26 -38.68
N LEU C 38 28.41 24.06 -39.50
CA LEU C 38 28.85 25.38 -39.92
C LEU C 38 28.26 26.57 -39.15
N GLY C 39 27.46 26.28 -38.13
CA GLY C 39 26.85 27.32 -37.33
C GLY C 39 25.36 27.15 -37.25
N GLN C 40 24.67 27.46 -38.36
CA GLN C 40 23.21 27.38 -38.57
C GLN C 40 22.52 26.19 -37.88
N ASN C 41 21.48 26.46 -37.08
CA ASN C 41 20.72 25.43 -36.36
C ASN C 41 19.28 25.34 -36.93
N PRO C 42 19.07 24.69 -38.10
CA PRO C 42 17.70 24.60 -38.63
C PRO C 42 16.85 23.63 -37.82
N THR C 43 15.53 23.83 -37.84
CA THR C 43 14.57 22.98 -37.17
C THR C 43 14.25 21.83 -38.11
N GLU C 44 13.87 20.65 -37.57
CA GLU C 44 13.49 19.45 -38.34
C GLU C 44 12.54 19.83 -39.50
N ALA C 45 11.59 20.75 -39.19
CA ALA C 45 10.61 21.31 -40.12
C ALA C 45 11.31 22.09 -41.23
N GLU C 46 12.18 23.06 -40.86
CA GLU C 46 12.94 23.90 -41.79
C GLU C 46 13.72 23.04 -42.76
N LEU C 47 14.32 21.95 -42.25
CA LEU C 47 15.07 20.98 -43.03
C LEU C 47 14.20 20.24 -44.00
N GLN C 48 13.00 19.81 -43.57
CA GLN C 48 12.12 19.12 -44.48
C GLN C 48 11.70 20.00 -45.65
N ASP C 49 11.27 21.26 -45.36
CA ASP C 49 10.85 22.28 -46.35
C ASP C 49 11.94 22.57 -47.40
N MET C 50 13.22 22.48 -46.97
CA MET C 50 14.40 22.66 -47.81
C MET C 50 14.53 21.49 -48.77
N ILE C 51 14.41 20.24 -48.23
CA ILE C 51 14.50 18.98 -48.97
C ILE C 51 13.41 18.90 -50.04
N ASN C 52 12.14 19.15 -49.64
CA ASN C 52 10.97 19.09 -50.52
C ASN C 52 11.12 19.96 -51.78
N GLU C 53 11.95 21.01 -51.69
CA GLU C 53 12.24 21.98 -52.76
C GLU C 53 13.29 21.41 -53.73
N VAL C 54 14.47 21.09 -53.18
CA VAL C 54 15.64 20.56 -53.86
C VAL C 54 15.38 19.15 -54.43
N ASP C 55 14.93 18.23 -53.55
CA ASP C 55 14.67 16.81 -53.80
C ASP C 55 13.19 16.48 -53.83
N ALA C 56 12.54 16.80 -54.95
CA ALA C 56 11.14 16.49 -55.16
C ALA C 56 11.03 15.03 -55.59
N ASP C 57 11.89 14.64 -56.58
CA ASP C 57 12.01 13.31 -57.22
C ASP C 57 12.22 12.16 -56.21
N GLY C 58 12.98 12.41 -55.13
CA GLY C 58 13.26 11.42 -54.10
C GLY C 58 14.62 10.75 -54.18
N ASN C 59 15.58 11.40 -54.90
CA ASN C 59 16.96 10.95 -55.11
C ASN C 59 17.79 10.88 -53.82
N GLY C 60 17.43 11.70 -52.83
CA GLY C 60 18.08 11.78 -51.53
C GLY C 60 19.44 12.44 -51.50
N THR C 61 19.75 13.25 -52.53
CA THR C 61 21.05 13.93 -52.66
C THR C 61 20.93 15.46 -52.73
N ILE C 62 22.02 16.15 -52.37
CA ILE C 62 22.13 17.61 -52.37
C ILE C 62 23.49 17.99 -52.92
N ASP C 63 23.51 18.75 -54.04
CA ASP C 63 24.77 19.23 -54.58
C ASP C 63 25.23 20.47 -53.80
N PHE C 64 26.53 20.81 -53.89
CA PHE C 64 27.11 21.98 -53.21
C PHE C 64 26.35 23.28 -53.54
N PRO C 65 26.01 23.60 -54.83
CA PRO C 65 25.24 24.82 -55.11
C PRO C 65 23.90 24.86 -54.40
N GLU C 66 23.13 23.74 -54.36
CA GLU C 66 21.82 23.77 -53.69
C GLU C 66 21.98 23.84 -52.17
N PHE C 67 23.11 23.33 -51.61
CA PHE C 67 23.43 23.45 -50.18
C PHE C 67 23.70 24.91 -49.79
N LEU C 68 24.58 25.57 -50.57
CA LEU C 68 24.99 26.97 -50.44
C LEU C 68 23.76 27.89 -50.33
N THR C 69 22.71 27.56 -51.10
CA THR C 69 21.47 28.30 -51.15
C THR C 69 20.73 28.13 -49.86
N MET C 70 20.68 26.89 -49.34
CA MET C 70 20.03 26.55 -48.08
C MET C 70 20.70 27.32 -46.94
N MET C 71 22.04 27.40 -46.98
CA MET C 71 22.86 28.11 -46.03
C MET C 71 22.55 29.61 -46.01
N ALA C 72 22.64 30.29 -47.17
CA ALA C 72 22.41 31.71 -47.32
C ALA C 72 20.99 32.13 -46.93
N ARG C 73 20.06 31.17 -47.01
CA ARG C 73 18.65 31.31 -46.68
C ARG C 73 18.50 31.33 -45.16
N LYS C 74 19.02 30.31 -44.48
CA LYS C 74 18.96 30.19 -43.02
C LYS C 74 19.75 31.30 -42.35
N MET C 75 20.78 31.82 -43.03
CA MET C 75 21.64 32.89 -42.55
C MET C 75 20.86 34.18 -42.35
N LYS C 76 19.86 34.43 -43.22
CA LYS C 76 18.99 35.61 -43.21
C LYS C 76 18.23 35.74 -41.90
N ASP C 77 17.89 34.61 -41.23
CA ASP C 77 17.21 34.57 -39.92
C ASP C 77 18.20 33.96 -38.85
N THR C 78 18.85 34.72 -37.89
CA THR C 78 18.84 36.12 -37.35
C THR C 78 18.24 36.11 -35.93
N ASP C 79 17.35 35.12 -35.70
CA ASP C 79 16.62 34.91 -34.46
C ASP C 79 17.26 33.79 -33.60
N SER C 80 17.82 34.11 -32.41
CA SER C 80 17.99 35.40 -31.71
C SER C 80 18.50 35.06 -30.31
N GLU C 81 19.28 35.98 -29.70
CA GLU C 81 19.84 35.83 -28.34
C GLU C 81 18.75 35.50 -27.32
N GLU C 82 17.58 36.18 -27.41
CA GLU C 82 16.44 35.97 -26.53
C GLU C 82 15.35 35.06 -27.13
N GLU C 83 15.66 34.32 -28.21
CA GLU C 83 14.69 33.40 -28.80
C GLU C 83 14.84 31.97 -28.26
N ILE C 84 16.09 31.50 -28.10
CA ILE C 84 16.38 30.18 -27.53
C ILE C 84 16.10 30.29 -26.04
N ARG C 85 16.48 31.45 -25.48
CA ARG C 85 16.27 31.82 -24.11
C ARG C 85 14.77 31.79 -23.83
N GLU C 86 13.94 32.28 -24.76
CA GLU C 86 12.48 32.24 -24.57
C GLU C 86 11.95 30.79 -24.62
N ALA C 87 12.48 29.94 -25.53
CA ALA C 87 12.03 28.54 -25.63
C ALA C 87 12.37 27.74 -24.37
N PHE C 88 13.53 28.02 -23.77
CA PHE C 88 13.90 27.35 -22.54
C PHE C 88 13.06 27.86 -21.39
N ARG C 89 12.70 29.17 -21.39
CA ARG C 89 11.94 29.76 -20.30
C ARG C 89 10.50 29.18 -20.16
N VAL C 90 9.96 28.51 -21.24
CA VAL C 90 8.63 27.89 -21.15
C VAL C 90 8.72 26.69 -20.21
N PHE C 91 9.92 26.10 -20.10
CA PHE C 91 10.26 24.99 -19.22
C PHE C 91 10.63 25.53 -17.82
N ASP C 92 9.64 26.22 -17.20
CA ASP C 92 9.53 26.93 -15.90
C ASP C 92 8.13 27.63 -15.93
N LYS C 93 7.31 27.71 -14.85
CA LYS C 93 7.47 27.41 -13.42
C LYS C 93 8.14 28.61 -12.74
N ASP C 94 9.00 28.35 -11.74
CA ASP C 94 9.78 29.34 -11.03
C ASP C 94 10.83 29.95 -11.99
N GLY C 95 10.82 31.27 -12.15
CA GLY C 95 11.71 31.99 -13.08
C GLY C 95 13.20 31.98 -12.76
N ASN C 96 13.64 31.02 -11.92
CA ASN C 96 15.01 30.80 -11.44
C ASN C 96 16.06 30.57 -12.55
N GLY C 97 15.61 30.24 -13.76
CA GLY C 97 16.50 29.95 -14.87
C GLY C 97 17.02 28.54 -14.85
N TYR C 98 16.26 27.62 -14.21
CA TYR C 98 16.62 26.20 -14.06
C TYR C 98 15.60 25.22 -14.65
N ILE C 99 16.11 24.36 -15.54
CA ILE C 99 15.40 23.27 -16.20
C ILE C 99 16.10 21.97 -15.77
N SER C 100 15.34 20.93 -15.40
CA SER C 100 15.98 19.70 -14.97
C SER C 100 16.40 18.84 -16.15
N ALA C 101 17.48 18.07 -15.95
CA ALA C 101 18.05 17.13 -16.91
C ALA C 101 17.02 16.10 -17.36
N ALA C 102 16.08 15.73 -16.45
CA ALA C 102 15.01 14.76 -16.70
C ALA C 102 14.11 15.19 -17.84
N GLU C 103 13.56 16.42 -17.79
CA GLU C 103 12.69 16.96 -18.85
C GLU C 103 13.49 17.35 -20.08
N LEU C 104 14.77 17.78 -19.89
CA LEU C 104 15.67 18.14 -20.98
C LEU C 104 16.06 16.90 -21.80
N ARG C 105 16.17 15.73 -21.12
CA ARG C 105 16.42 14.43 -21.73
C ARG C 105 15.15 14.01 -22.49
N HIS C 106 13.95 14.30 -21.92
CA HIS C 106 12.62 14.02 -22.49
C HIS C 106 12.47 14.85 -23.79
N VAL C 107 12.94 16.11 -23.77
CA VAL C 107 12.88 17.00 -24.93
C VAL C 107 13.77 16.41 -26.04
N MET C 108 14.97 15.96 -25.67
CA MET C 108 15.96 15.40 -26.59
C MET C 108 15.60 14.02 -27.18
N THR C 109 14.91 13.17 -26.39
CA THR C 109 14.56 11.82 -26.83
C THR C 109 13.23 11.82 -27.59
N ASN C 110 12.10 11.98 -26.84
CA ASN C 110 10.72 11.99 -27.33
C ASN C 110 10.48 13.10 -28.37
N LEU C 111 10.52 14.37 -27.90
CA LEU C 111 10.29 15.58 -28.68
C LEU C 111 11.43 15.89 -29.67
N GLY C 112 11.21 16.86 -30.57
CA GLY C 112 12.15 17.26 -31.60
C GLY C 112 12.44 16.14 -32.59
N GLU C 113 13.44 15.29 -32.24
CA GLU C 113 13.90 14.12 -33.00
C GLU C 113 14.37 13.02 -32.05
N LYS C 114 14.13 11.73 -32.40
CA LYS C 114 14.60 10.59 -31.59
C LYS C 114 16.10 10.39 -31.84
N LEU C 115 16.93 10.63 -30.80
CA LEU C 115 18.39 10.53 -30.89
C LEU C 115 19.00 9.61 -29.85
N THR C 116 20.21 9.07 -30.17
CA THR C 116 21.05 8.14 -29.40
C THR C 116 21.29 8.61 -27.94
N ASP C 117 20.89 7.75 -26.97
CA ASP C 117 21.01 8.02 -25.52
C ASP C 117 22.45 8.25 -25.08
N GLU C 118 23.42 7.48 -25.63
CA GLU C 118 24.85 7.58 -25.30
C GLU C 118 25.44 8.95 -25.71
N GLU C 119 24.85 9.61 -26.72
CA GLU C 119 25.29 10.93 -27.16
C GLU C 119 24.59 12.02 -26.35
N VAL C 120 23.32 11.78 -25.95
CA VAL C 120 22.52 12.75 -25.19
C VAL C 120 22.87 12.74 -23.69
N ASP C 121 23.34 11.60 -23.15
CA ASP C 121 23.75 11.52 -21.76
C ASP C 121 25.08 12.26 -21.58
N GLU C 122 25.95 12.26 -22.63
CA GLU C 122 27.23 12.97 -22.65
C GLU C 122 26.96 14.46 -22.86
N MET C 123 25.88 14.80 -23.62
CA MET C 123 25.40 16.16 -23.87
C MET C 123 24.82 16.79 -22.59
N ILE C 124 24.50 15.95 -21.58
CA ILE C 124 23.97 16.35 -20.29
C ILE C 124 25.09 16.27 -19.24
N ARG C 125 25.60 15.05 -18.90
CA ARG C 125 26.65 14.77 -17.89
C ARG C 125 27.88 15.70 -17.98
N GLU C 126 28.24 16.15 -19.21
CA GLU C 126 29.33 17.08 -19.46
C GLU C 126 28.76 18.51 -19.53
N ALA C 127 27.75 18.75 -20.40
CA ALA C 127 27.11 20.05 -20.52
C ALA C 127 25.92 20.22 -19.55
N ASP C 128 26.26 20.48 -18.26
CA ASP C 128 25.32 20.70 -17.14
C ASP C 128 25.94 21.52 -15.99
N ILE C 129 25.10 22.33 -15.34
CA ILE C 129 25.43 23.18 -14.20
C ILE C 129 25.36 22.35 -12.88
N ASP C 130 25.97 22.86 -11.77
CA ASP C 130 26.07 22.21 -10.44
C ASP C 130 26.84 20.86 -10.51
N GLY C 131 27.45 20.59 -11.67
CA GLY C 131 28.19 19.36 -11.95
C GLY C 131 27.28 18.16 -12.18
N ASP C 132 26.23 18.04 -11.32
CA ASP C 132 25.24 16.96 -11.34
C ASP C 132 23.81 17.50 -11.13
N GLY C 133 23.56 18.06 -9.94
CA GLY C 133 22.27 18.59 -9.51
C GLY C 133 21.65 19.74 -10.28
N GLN C 134 21.10 19.44 -11.50
CA GLN C 134 20.36 20.30 -12.45
C GLN C 134 21.20 21.29 -13.28
N VAL C 135 20.60 21.80 -14.42
CA VAL C 135 21.19 22.73 -15.42
C VAL C 135 20.49 24.12 -15.48
N ASN C 136 21.32 25.19 -15.59
CA ASN C 136 20.93 26.59 -15.75
C ASN C 136 20.79 26.80 -17.26
N TYR C 137 19.67 27.39 -17.70
CA TYR C 137 19.50 27.57 -19.13
C TYR C 137 20.18 28.83 -19.66
N GLU C 138 20.16 29.97 -18.94
CA GLU C 138 20.77 31.20 -19.46
C GLU C 138 22.28 31.10 -19.69
N GLU C 139 22.95 30.24 -18.89
CA GLU C 139 24.38 29.94 -18.96
C GLU C 139 24.63 29.06 -20.21
N PHE C 140 23.81 28.00 -20.36
CA PHE C 140 23.80 27.03 -21.46
C PHE C 140 23.54 27.72 -22.79
N VAL C 141 22.63 28.71 -22.84
CA VAL C 141 22.27 29.53 -24.01
C VAL C 141 23.54 30.31 -24.44
N GLN C 142 24.22 30.94 -23.45
CA GLN C 142 25.46 31.72 -23.61
C GLN C 142 26.60 30.81 -24.13
N MET C 143 26.66 29.57 -23.60
CA MET C 143 27.61 28.52 -23.98
C MET C 143 27.27 27.98 -25.38
N MET C 144 25.99 28.08 -25.80
CA MET C 144 25.54 27.63 -27.11
C MET C 144 25.81 28.68 -28.22
N THR C 145 26.86 29.50 -28.01
CA THR C 145 27.31 30.54 -28.94
C THR C 145 28.87 30.57 -28.96
N ASP D 1 30.88 -56.52 13.36
CA ASP D 1 32.08 -57.18 13.88
C ASP D 1 33.23 -57.17 12.85
N GLN D 2 33.73 -58.37 12.46
CA GLN D 2 34.82 -58.62 11.52
C GLN D 2 34.65 -57.95 10.15
N LEU D 3 35.74 -57.35 9.65
CA LEU D 3 35.82 -56.74 8.34
C LEU D 3 36.67 -57.67 7.49
N THR D 4 36.05 -58.19 6.40
CA THR D 4 36.67 -59.12 5.46
C THR D 4 37.85 -58.46 4.76
N GLU D 5 38.83 -59.24 4.29
CA GLU D 5 39.99 -58.66 3.61
C GLU D 5 39.57 -57.76 2.42
N GLU D 6 38.58 -58.20 1.63
CA GLU D 6 38.03 -57.44 0.51
C GLU D 6 37.45 -56.08 0.98
N GLN D 7 36.82 -56.03 2.19
CA GLN D 7 36.28 -54.80 2.80
C GLN D 7 37.41 -53.84 3.19
N ILE D 8 38.47 -54.36 3.88
CA ILE D 8 39.61 -53.56 4.34
C ILE D 8 40.31 -52.96 3.14
N ALA D 9 40.53 -53.78 2.08
CA ALA D 9 41.18 -53.34 0.84
C ALA D 9 40.39 -52.23 0.13
N GLU D 10 39.04 -52.35 0.12
CA GLU D 10 38.09 -51.39 -0.46
C GLU D 10 38.17 -50.03 0.27
N PHE D 11 38.44 -50.08 1.59
CA PHE D 11 38.56 -48.89 2.42
C PHE D 11 39.91 -48.23 2.24
N LYS D 12 41.01 -49.02 2.15
CA LYS D 12 42.37 -48.49 1.96
C LYS D 12 42.46 -47.76 0.64
N GLU D 13 41.64 -48.19 -0.35
CA GLU D 13 41.55 -47.59 -1.68
C GLU D 13 41.05 -46.14 -1.53
N ALA D 14 39.86 -45.96 -0.92
CA ALA D 14 39.25 -44.65 -0.67
C ALA D 14 40.10 -43.79 0.26
N PHE D 15 40.84 -44.43 1.18
CA PHE D 15 41.71 -43.73 2.10
C PHE D 15 42.86 -43.13 1.30
N SER D 16 43.62 -43.98 0.57
CA SER D 16 44.77 -43.58 -0.24
C SER D 16 44.48 -42.45 -1.24
N LEU D 17 43.22 -42.38 -1.78
CA LEU D 17 42.79 -41.35 -2.74
C LEU D 17 42.85 -39.96 -2.11
N ALA D 18 42.36 -39.84 -0.86
CA ALA D 18 42.38 -38.57 -0.12
C ALA D 18 43.76 -38.33 0.56
N ASP D 19 44.12 -37.03 0.69
CA ASP D 19 45.36 -36.41 1.22
C ASP D 19 45.89 -35.22 0.28
N LYS D 20 46.29 -35.44 -1.04
CA LYS D 20 46.26 -36.62 -1.94
C LYS D 20 47.12 -37.84 -1.49
N ASP D 21 48.43 -37.65 -1.22
CA ASP D 21 49.42 -38.66 -0.80
C ASP D 21 48.96 -39.63 0.44
N GLY D 22 49.88 -40.34 1.15
CA GLY D 22 51.34 -40.37 1.06
C GLY D 22 51.89 -40.59 2.45
N ASP D 23 51.66 -39.57 3.32
CA ASP D 23 52.00 -39.49 4.76
C ASP D 23 51.37 -40.64 5.55
N GLY D 24 50.23 -41.13 5.06
CA GLY D 24 49.46 -42.20 5.69
C GLY D 24 48.41 -41.64 6.64
N THR D 25 48.28 -40.30 6.64
CA THR D 25 47.35 -39.53 7.47
C THR D 25 46.54 -38.50 6.66
N ILE D 26 45.21 -38.67 6.66
CA ILE D 26 44.26 -37.76 6.01
C ILE D 26 43.82 -36.70 7.04
N THR D 27 43.36 -35.53 6.58
CA THR D 27 42.95 -34.51 7.53
C THR D 27 41.59 -34.85 8.17
N THR D 28 41.28 -34.20 9.29
CA THR D 28 40.03 -34.37 10.03
C THR D 28 38.84 -34.03 9.13
N LYS D 29 38.95 -32.92 8.35
CA LYS D 29 37.94 -32.45 7.41
C LYS D 29 37.64 -33.54 6.37
N GLU D 30 38.71 -34.25 5.92
CA GLU D 30 38.63 -35.36 4.94
C GLU D 30 37.97 -36.62 5.51
N LEU D 31 37.96 -36.84 6.87
CA LEU D 31 37.34 -38.02 7.50
C LEU D 31 35.88 -38.17 7.09
N GLY D 32 35.15 -37.05 7.10
CA GLY D 32 33.76 -36.98 6.69
C GLY D 32 33.62 -37.41 5.26
N THR D 33 34.34 -36.71 4.36
CA THR D 33 34.41 -36.95 2.92
C THR D 33 34.71 -38.40 2.57
N VAL D 34 35.69 -39.04 3.28
CA VAL D 34 36.10 -40.43 3.02
C VAL D 34 35.03 -41.42 3.46
N MET D 35 34.52 -41.28 4.71
CA MET D 35 33.51 -42.15 5.25
C MET D 35 32.29 -42.13 4.35
N ARG D 36 31.85 -40.91 3.98
CA ARG D 36 30.72 -40.65 3.09
C ARG D 36 30.90 -41.31 1.74
N SER D 37 32.13 -41.26 1.18
CA SER D 37 32.50 -41.87 -0.10
C SER D 37 32.34 -43.38 -0.12
N LEU D 38 32.44 -44.01 1.05
CA LEU D 38 32.37 -45.47 1.22
C LEU D 38 31.00 -46.02 1.62
N GLY D 39 30.02 -45.14 1.77
CA GLY D 39 28.69 -45.53 2.15
C GLY D 39 28.21 -44.76 3.34
N GLN D 40 28.77 -45.08 4.53
CA GLN D 40 28.47 -44.48 5.84
C GLN D 40 28.20 -42.96 5.81
N ASN D 41 27.04 -42.53 6.39
CA ASN D 41 26.64 -41.11 6.41
C ASN D 41 26.65 -40.60 7.87
N PRO D 42 27.84 -40.30 8.46
CA PRO D 42 27.84 -39.79 9.83
C PRO D 42 27.33 -38.35 9.91
N THR D 43 26.84 -37.98 11.11
CA THR D 43 26.35 -36.63 11.38
C THR D 43 27.55 -35.81 11.81
N GLU D 44 27.50 -34.48 11.61
CA GLU D 44 28.58 -33.55 11.99
C GLU D 44 29.01 -33.80 13.44
N ALA D 45 28.02 -34.10 14.32
CA ALA D 45 28.21 -34.44 15.72
C ALA D 45 28.99 -35.75 15.85
N GLU D 46 28.54 -36.84 15.19
CA GLU D 46 29.19 -38.15 15.21
C GLU D 46 30.63 -38.02 14.81
N LEU D 47 30.91 -37.18 13.78
CA LEU D 47 32.26 -36.90 13.28
C LEU D 47 33.08 -36.16 14.30
N GLN D 48 32.51 -35.15 14.99
CA GLN D 48 33.27 -34.45 16.02
C GLN D 48 33.68 -35.40 17.15
N ASP D 49 32.73 -36.20 17.68
CA ASP D 49 32.95 -37.19 18.75
C ASP D 49 34.08 -38.20 18.41
N MET D 50 34.20 -38.53 17.10
CA MET D 50 35.21 -39.44 16.57
C MET D 50 36.58 -38.77 16.62
N ILE D 51 36.65 -37.51 16.16
CA ILE D 51 37.85 -36.68 16.14
C ILE D 51 38.37 -36.46 17.58
N ASN D 52 37.50 -36.03 18.51
CA ASN D 52 37.85 -35.75 19.90
C ASN D 52 38.52 -36.91 20.60
N GLU D 53 38.28 -38.15 20.11
CA GLU D 53 38.83 -39.41 20.62
C GLU D 53 40.26 -39.64 20.10
N VAL D 54 40.37 -39.70 18.77
CA VAL D 54 41.58 -39.91 17.98
C VAL D 54 42.57 -38.72 18.11
N ASP D 55 42.09 -37.50 17.81
CA ASP D 55 42.83 -36.24 17.79
C ASP D 55 42.48 -35.34 18.96
N ALA D 56 43.06 -35.64 20.12
CA ALA D 56 42.86 -34.86 21.34
C ALA D 56 43.71 -33.59 21.26
N ASP D 57 45.02 -33.78 20.92
CA ASP D 57 46.08 -32.76 20.79
C ASP D 57 45.72 -31.59 19.82
N GLY D 58 45.05 -31.90 18.72
CA GLY D 58 44.64 -30.93 17.71
C GLY D 58 45.48 -30.90 16.44
N ASN D 59 46.22 -32.02 16.17
CA ASN D 59 47.10 -32.26 15.02
C ASN D 59 46.38 -32.25 13.67
N GLY D 60 45.09 -32.57 13.69
CA GLY D 60 44.22 -32.60 12.52
C GLY D 60 44.42 -33.74 11.54
N THR D 61 45.02 -34.85 11.99
CA THR D 61 45.31 -36.00 11.15
C THR D 61 44.64 -37.29 11.64
N ILE D 62 44.44 -38.26 10.72
CA ILE D 62 43.86 -39.57 11.01
C ILE D 62 44.62 -40.64 10.24
N ASP D 63 45.17 -41.63 10.96
CA ASP D 63 45.83 -42.75 10.27
C ASP D 63 44.79 -43.77 9.82
N PHE D 64 45.16 -44.63 8.83
CA PHE D 64 44.27 -45.69 8.33
C PHE D 64 43.71 -46.61 9.45
N PRO D 65 44.51 -47.10 10.43
CA PRO D 65 43.95 -47.91 11.50
C PRO D 65 42.89 -47.17 12.31
N GLU D 66 43.11 -45.88 12.66
CA GLU D 66 42.09 -45.16 13.44
C GLU D 66 40.85 -44.86 12.60
N PHE D 67 40.98 -44.72 11.25
CA PHE D 67 39.86 -44.54 10.33
C PHE D 67 39.01 -45.81 10.30
N LEU D 68 39.66 -46.97 10.07
CA LEU D 68 39.07 -48.31 10.02
C LEU D 68 38.16 -48.58 11.21
N THR D 69 38.56 -48.09 12.38
CA THR D 69 37.85 -48.23 13.63
C THR D 69 36.59 -47.40 13.59
N MET D 70 36.71 -46.14 13.09
CA MET D 70 35.59 -45.22 12.95
C MET D 70 34.55 -45.81 12.03
N MET D 71 35.01 -46.43 10.94
CA MET D 71 34.18 -47.12 9.94
C MET D 71 33.39 -48.28 10.55
N ALA D 72 34.08 -49.24 11.17
CA ALA D 72 33.49 -50.42 11.77
C ALA D 72 32.50 -50.08 12.87
N ARG D 73 32.68 -48.89 13.47
CA ARG D 73 31.86 -48.34 14.54
C ARG D 73 30.54 -47.85 13.95
N LYS D 74 30.61 -46.99 12.91
CA LYS D 74 29.44 -46.44 12.23
C LYS D 74 28.65 -47.53 11.51
N MET D 75 29.35 -48.60 11.09
CA MET D 75 28.76 -49.75 10.41
C MET D 75 27.77 -50.48 11.29
N LYS D 76 28.09 -50.61 12.61
CA LYS D 76 27.27 -51.25 13.65
C LYS D 76 25.94 -50.51 13.78
N ASP D 77 26.01 -49.16 13.70
CA ASP D 77 24.87 -48.25 13.72
C ASP D 77 24.20 -48.32 12.31
N THR D 78 23.42 -49.41 12.07
CA THR D 78 22.73 -49.72 10.81
C THR D 78 21.66 -48.65 10.46
N ASP D 79 22.14 -47.50 9.90
CA ASP D 79 21.30 -46.36 9.52
C ASP D 79 21.52 -45.86 8.09
N SER D 80 18.71 -47.10 9.36
CA SER D 80 17.71 -47.62 8.46
C SER D 80 17.24 -46.57 7.41
N GLU D 81 16.42 -47.02 6.43
CA GLU D 81 15.78 -46.21 5.40
C GLU D 81 14.41 -45.74 5.96
N GLU D 82 14.30 -45.74 7.32
CA GLU D 82 13.16 -45.35 8.13
C GLU D 82 13.50 -44.07 8.90
N GLU D 83 14.76 -43.95 9.41
CA GLU D 83 15.21 -42.78 10.14
C GLU D 83 15.47 -41.54 9.25
N ILE D 84 15.65 -41.73 7.93
CA ILE D 84 15.83 -40.62 6.96
C ILE D 84 14.42 -40.15 6.61
N ARG D 85 13.54 -41.12 6.28
CA ARG D 85 12.15 -40.92 5.96
C ARG D 85 11.52 -40.17 7.15
N GLU D 86 11.79 -40.62 8.41
CA GLU D 86 11.32 -39.97 9.65
C GLU D 86 11.76 -38.50 9.73
N ALA D 87 13.08 -38.23 9.57
CA ALA D 87 13.66 -36.89 9.59
C ALA D 87 13.00 -35.98 8.57
N PHE D 88 12.72 -36.50 7.37
CA PHE D 88 12.05 -35.75 6.31
C PHE D 88 10.60 -35.50 6.68
N ARG D 89 9.95 -36.47 7.34
CA ARG D 89 8.55 -36.37 7.72
C ARG D 89 8.26 -35.17 8.66
N VAL D 90 9.29 -34.68 9.42
CA VAL D 90 9.09 -33.53 10.32
C VAL D 90 8.86 -32.26 9.48
N PHE D 91 9.44 -32.25 8.28
CA PHE D 91 9.34 -31.17 7.32
C PHE D 91 8.13 -31.35 6.42
N ASP D 92 7.22 -32.25 6.81
CA ASP D 92 5.98 -32.44 6.08
C ASP D 92 4.79 -32.12 6.96
N LYS D 93 4.29 -30.86 6.81
CA LYS D 93 3.17 -30.26 7.53
C LYS D 93 1.98 -31.23 7.64
N ASP D 94 1.35 -31.54 6.50
CA ASP D 94 0.25 -32.50 6.39
C ASP D 94 0.70 -33.61 5.48
N GLY D 95 1.21 -34.68 6.11
CA GLY D 95 1.79 -35.91 5.54
C GLY D 95 1.42 -36.38 4.14
N ASN D 96 1.83 -35.60 3.13
CA ASN D 96 1.59 -35.84 1.70
C ASN D 96 2.78 -36.56 1.04
N GLY D 97 3.96 -36.48 1.67
CA GLY D 97 5.19 -37.09 1.18
C GLY D 97 6.07 -36.15 0.38
N TYR D 98 5.82 -34.82 0.50
CA TYR D 98 6.55 -33.75 -0.20
C TYR D 98 7.12 -32.72 0.79
N ILE D 99 8.24 -32.03 0.49
CA ILE D 99 8.85 -31.14 1.50
C ILE D 99 8.38 -29.63 1.38
N SER D 100 8.90 -28.76 0.47
CA SER D 100 9.88 -29.00 -0.58
C SER D 100 10.92 -27.90 -0.63
N ALA D 101 11.82 -28.02 -1.63
CA ALA D 101 12.93 -27.16 -2.08
C ALA D 101 13.40 -26.11 -1.09
N ALA D 102 12.56 -25.08 -0.82
CA ALA D 102 12.84 -23.98 0.11
C ALA D 102 13.30 -24.51 1.47
N GLU D 103 12.59 -25.51 2.02
CA GLU D 103 12.92 -26.13 3.31
C GLU D 103 14.23 -26.96 3.25
N LEU D 104 14.43 -27.75 2.14
CA LEU D 104 15.66 -28.54 1.92
C LEU D 104 16.88 -27.63 1.73
N ARG D 105 16.71 -26.44 1.12
CA ARG D 105 17.77 -25.45 0.92
C ARG D 105 18.16 -24.84 2.28
N HIS D 106 17.14 -24.59 3.14
CA HIS D 106 17.31 -24.03 4.50
C HIS D 106 18.02 -25.03 5.43
N VAL D 107 17.92 -26.34 5.13
CA VAL D 107 18.58 -27.41 5.89
C VAL D 107 20.10 -27.41 5.56
N MET D 108 20.47 -27.24 4.27
CA MET D 108 21.87 -27.27 3.78
C MET D 108 22.68 -25.96 3.94
N THR D 109 22.07 -24.79 3.65
CA THR D 109 22.72 -23.47 3.72
C THR D 109 22.95 -23.02 5.18
N ASN D 110 21.84 -22.83 5.94
CA ASN D 110 21.81 -22.39 7.34
C ASN D 110 22.47 -23.42 8.28
N LEU D 111 23.54 -22.98 8.96
CA LEU D 111 24.34 -23.81 9.87
C LEU D 111 23.64 -24.13 11.21
N GLY D 112 23.44 -25.40 11.56
CA GLY D 112 23.76 -26.61 10.79
C GLY D 112 25.19 -26.68 10.28
N GLU D 113 25.32 -26.90 8.97
CA GLU D 113 26.60 -26.94 8.27
C GLU D 113 26.64 -25.82 7.22
N LYS D 114 27.73 -25.03 7.21
CA LYS D 114 27.91 -23.94 6.23
C LYS D 114 28.49 -24.62 4.98
N LEU D 115 27.69 -24.65 3.88
CA LEU D 115 28.08 -25.36 2.65
C LEU D 115 27.85 -24.57 1.36
N THR D 116 28.82 -24.71 0.42
CA THR D 116 28.96 -24.06 -0.89
C THR D 116 27.67 -23.94 -1.71
N ASP D 117 27.48 -22.76 -2.33
CA ASP D 117 26.32 -22.45 -3.18
C ASP D 117 26.29 -23.26 -4.48
N GLU D 118 27.48 -23.59 -5.05
CA GLU D 118 27.64 -24.36 -6.29
C GLU D 118 27.08 -25.79 -6.19
N GLU D 119 27.20 -26.41 -5.01
CA GLU D 119 26.68 -27.74 -4.72
C GLU D 119 25.22 -27.63 -4.25
N VAL D 120 24.88 -26.51 -3.56
CA VAL D 120 23.55 -26.17 -3.04
C VAL D 120 22.53 -26.11 -4.18
N ASP D 121 22.79 -25.28 -5.22
CA ASP D 121 21.90 -25.10 -6.37
C ASP D 121 21.67 -26.40 -7.15
N GLU D 122 22.76 -27.16 -7.38
CA GLU D 122 22.76 -28.41 -8.13
C GLU D 122 22.00 -29.55 -7.45
N MET D 123 22.07 -29.63 -6.11
CA MET D 123 21.43 -30.71 -5.35
C MET D 123 19.88 -30.64 -5.39
N ILE D 124 19.29 -29.42 -5.49
CA ILE D 124 17.82 -29.22 -5.54
C ILE D 124 17.28 -29.69 -6.90
N ARG D 125 18.05 -29.43 -7.99
CA ARG D 125 17.75 -29.88 -9.34
C ARG D 125 18.00 -31.39 -9.38
N GLU D 126 19.00 -31.87 -8.61
CA GLU D 126 19.36 -33.29 -8.46
C GLU D 126 18.31 -34.08 -7.66
N ALA D 127 17.25 -33.41 -7.14
CA ALA D 127 16.17 -34.08 -6.42
C ALA D 127 15.29 -34.87 -7.41
N ASP D 128 15.79 -35.04 -8.67
CA ASP D 128 15.25 -35.74 -9.85
C ASP D 128 13.72 -35.47 -10.11
N ILE D 129 13.25 -34.32 -9.60
CA ILE D 129 11.89 -33.83 -9.72
C ILE D 129 11.72 -32.97 -10.96
N ASP D 130 10.47 -32.68 -11.30
CA ASP D 130 10.07 -31.74 -12.33
C ASP D 130 10.17 -30.37 -11.63
N GLY D 131 10.59 -29.34 -12.38
CA GLY D 131 10.80 -27.98 -11.88
C GLY D 131 9.83 -27.50 -10.81
N ASP D 132 8.55 -27.45 -11.17
CA ASP D 132 7.43 -27.02 -10.33
C ASP D 132 7.15 -28.00 -9.17
N GLY D 133 7.03 -29.27 -9.53
CA GLY D 133 6.73 -30.38 -8.63
C GLY D 133 7.74 -30.58 -7.55
N GLN D 134 7.32 -30.14 -6.33
CA GLN D 134 7.95 -30.20 -5.00
C GLN D 134 8.62 -31.55 -4.76
N VAL D 135 9.66 -31.56 -3.92
CA VAL D 135 10.44 -32.76 -3.63
C VAL D 135 9.62 -33.82 -2.89
N ASN D 136 9.46 -35.00 -3.52
CA ASN D 136 8.83 -36.16 -2.92
C ASN D 136 9.92 -36.74 -2.03
N TYR D 137 9.68 -36.83 -0.71
CA TYR D 137 10.76 -37.33 0.11
C TYR D 137 10.90 -38.86 0.02
N GLU D 138 9.81 -39.64 -0.22
CA GLU D 138 10.05 -41.08 -0.36
C GLU D 138 10.71 -41.43 -1.70
N GLU D 139 10.47 -40.61 -2.75
CA GLU D 139 11.11 -40.79 -4.07
C GLU D 139 12.61 -40.43 -4.03
N PHE D 140 13.04 -39.50 -3.14
CA PHE D 140 14.45 -39.09 -2.97
C PHE D 140 15.20 -39.96 -1.99
N VAL D 141 14.52 -40.45 -0.92
CA VAL D 141 15.09 -41.36 0.08
C VAL D 141 15.39 -42.71 -0.61
N GLN D 142 14.37 -43.26 -1.34
CA GLN D 142 14.48 -44.51 -2.11
C GLN D 142 15.61 -44.37 -3.12
N MET D 143 15.67 -43.21 -3.79
CA MET D 143 16.67 -42.82 -4.78
C MET D 143 18.09 -42.87 -4.24
N MET D 144 18.30 -42.51 -2.96
CA MET D 144 19.67 -42.50 -2.41
C MET D 144 20.14 -43.86 -1.87
N THR D 145 19.36 -44.50 -0.98
CA THR D 145 19.67 -45.81 -0.38
C THR D 145 19.80 -46.94 -1.45
N GLU E 1 54.58 13.48 -28.12
CA GLU E 1 53.37 13.25 -27.35
C GLU E 1 52.15 13.96 -27.94
N GLU E 2 52.36 15.14 -28.57
CA GLU E 2 51.29 15.98 -29.13
C GLU E 2 50.57 15.39 -30.40
N ILE E 3 50.54 14.05 -30.56
CA ILE E 3 49.88 13.33 -31.67
C ILE E 3 48.79 12.36 -31.16
N ARG E 4 49.12 11.56 -30.10
CA ARG E 4 48.24 10.57 -29.46
C ARG E 4 46.89 11.16 -29.00
N GLU E 5 46.85 12.49 -28.74
CA GLU E 5 45.65 13.25 -28.32
C GLU E 5 44.65 13.37 -29.47
N ALA E 6 45.17 13.63 -30.70
CA ALA E 6 44.39 13.83 -31.93
C ALA E 6 44.07 12.54 -32.71
N PHE E 7 44.55 11.38 -32.24
CA PHE E 7 44.28 10.07 -32.86
C PHE E 7 43.33 9.23 -32.00
N ARG E 8 43.20 9.58 -30.70
CA ARG E 8 42.30 8.95 -29.73
C ARG E 8 40.86 9.48 -29.93
N VAL E 9 40.72 10.56 -30.74
CA VAL E 9 39.46 11.23 -31.10
C VAL E 9 39.17 11.16 -32.63
N PHE E 10 40.11 10.58 -33.42
CA PHE E 10 39.99 10.45 -34.89
C PHE E 10 39.30 9.16 -35.36
N ASP E 11 38.81 8.30 -34.43
CA ASP E 11 38.10 7.06 -34.80
C ASP E 11 36.77 6.84 -34.05
N LYS E 12 35.83 6.14 -34.73
CA LYS E 12 34.53 5.72 -34.22
C LYS E 12 34.65 4.26 -33.76
N ASP E 13 35.81 3.64 -34.08
CA ASP E 13 36.22 2.27 -33.75
C ASP E 13 36.30 2.07 -32.22
N GLY E 14 36.93 3.04 -31.53
CA GLY E 14 37.11 3.03 -30.09
C GLY E 14 37.99 1.88 -29.62
N ASN E 15 38.90 1.42 -30.50
CA ASN E 15 39.81 0.30 -30.28
C ASN E 15 41.25 0.61 -30.75
N GLY E 16 41.57 1.90 -30.86
CA GLY E 16 42.89 2.39 -31.25
C GLY E 16 43.30 2.17 -32.71
N TYR E 17 42.30 1.99 -33.61
CA TYR E 17 42.56 1.79 -35.04
C TYR E 17 41.67 2.71 -35.92
N ILE E 18 42.35 3.67 -36.61
CA ILE E 18 41.79 4.70 -37.51
C ILE E 18 41.76 4.23 -39.00
N SER E 19 40.83 3.28 -39.31
CA SER E 19 40.58 2.64 -40.62
C SER E 19 41.20 3.39 -41.83
N ALA E 20 42.47 3.03 -42.15
CA ALA E 20 43.38 3.54 -43.20
C ALA E 20 42.78 4.55 -44.22
N ALA E 21 41.99 4.06 -45.20
CA ALA E 21 41.31 4.79 -46.27
C ALA E 21 40.56 6.04 -45.78
N GLU E 22 40.00 5.99 -44.55
CA GLU E 22 39.28 7.09 -43.94
C GLU E 22 40.23 8.26 -43.61
N LEU E 23 41.49 7.98 -43.18
CA LEU E 23 42.52 8.99 -42.89
C LEU E 23 42.93 9.75 -44.17
N ARG E 24 43.03 9.02 -45.30
CA ARG E 24 43.34 9.57 -46.63
C ARG E 24 42.22 10.50 -47.09
N HIS E 25 40.95 10.10 -46.83
CA HIS E 25 39.72 10.86 -47.15
C HIS E 25 39.60 12.14 -46.31
N VAL E 26 40.25 12.17 -45.12
CA VAL E 26 40.30 13.33 -44.21
C VAL E 26 41.21 14.40 -44.84
N MET E 27 42.43 14.02 -45.27
CA MET E 27 43.40 14.94 -45.87
C MET E 27 43.02 15.29 -47.31
N THR E 28 43.49 16.48 -47.78
CA THR E 28 43.27 17.17 -49.08
C THR E 28 41.92 17.94 -49.08
N ASN E 29 40.85 17.38 -48.45
CA ASN E 29 39.49 17.95 -48.33
C ASN E 29 39.38 18.89 -47.10
N LEU E 30 40.42 18.86 -46.26
CA LEU E 30 40.64 19.52 -44.97
C LEU E 30 40.93 21.03 -44.95
N GLY E 31 41.27 21.55 -43.75
CA GLY E 31 41.61 22.94 -43.49
C GLY E 31 42.94 23.35 -44.07
N GLU E 32 43.88 22.40 -44.17
CA GLU E 32 45.23 22.58 -44.72
C GLU E 32 45.56 21.48 -45.74
N LYS E 33 44.93 21.53 -46.94
CA LYS E 33 45.13 20.57 -48.04
C LYS E 33 46.62 20.23 -48.26
N LEU E 34 46.95 18.93 -48.37
CA LEU E 34 48.34 18.49 -48.47
C LEU E 34 48.77 17.91 -49.85
N THR E 35 48.23 18.48 -50.97
CA THR E 35 48.56 18.14 -52.38
C THR E 35 48.65 16.61 -52.72
N ASP E 36 48.12 15.74 -51.83
CA ASP E 36 48.13 14.26 -51.85
C ASP E 36 49.55 13.63 -51.89
N GLU E 37 50.61 14.43 -52.21
CA GLU E 37 52.02 14.01 -52.26
C GLU E 37 52.57 13.71 -50.86
N GLU E 38 52.08 14.46 -49.84
CA GLU E 38 52.42 14.27 -48.43
C GLU E 38 51.63 13.05 -47.95
N VAL E 39 50.39 12.90 -48.49
CA VAL E 39 49.41 11.84 -48.21
C VAL E 39 49.92 10.49 -48.74
N ASP E 40 50.68 10.50 -49.85
CA ASP E 40 51.29 9.31 -50.43
C ASP E 40 52.43 8.77 -49.53
N GLU E 41 53.03 9.66 -48.70
CA GLU E 41 54.11 9.31 -47.77
C GLU E 41 53.60 8.86 -46.38
N MET E 42 52.38 9.30 -45.99
CA MET E 42 51.80 8.90 -44.70
C MET E 42 51.12 7.50 -44.77
N ILE E 43 51.29 6.78 -45.90
CA ILE E 43 50.76 5.43 -46.13
C ILE E 43 51.74 4.40 -45.52
N GLU F 1 36.58 -34.94 -27.87
CA GLU F 1 36.06 -33.78 -27.15
C GLU F 1 35.86 -34.04 -25.64
N GLU F 2 35.29 -35.22 -25.27
CA GLU F 2 35.05 -35.65 -23.86
C GLU F 2 36.37 -35.83 -23.07
N ILE F 3 37.51 -35.59 -23.78
CA ILE F 3 38.91 -35.60 -23.37
C ILE F 3 39.22 -34.23 -22.68
N ARG F 4 38.43 -33.18 -23.05
CA ARG F 4 38.47 -31.82 -22.51
C ARG F 4 37.36 -31.67 -21.46
N GLU F 5 36.31 -32.53 -21.52
CA GLU F 5 35.17 -32.54 -20.59
C GLU F 5 35.47 -33.28 -19.28
N ALA F 6 36.31 -34.36 -19.33
CA ALA F 6 36.71 -35.17 -18.18
C ALA F 6 37.93 -34.60 -17.46
N PHE F 7 38.89 -34.02 -18.22
CA PHE F 7 40.11 -33.40 -17.68
C PHE F 7 39.83 -32.02 -17.05
N ARG F 8 38.65 -31.40 -17.35
CA ARG F 8 38.20 -30.11 -16.80
C ARG F 8 37.48 -30.27 -15.45
N VAL F 9 37.05 -31.52 -15.13
CA VAL F 9 36.40 -31.88 -13.85
C VAL F 9 37.48 -31.90 -12.77
N PHE F 10 38.67 -32.47 -13.09
CA PHE F 10 39.85 -32.53 -12.20
C PHE F 10 40.46 -31.12 -11.99
N ASP F 11 39.90 -30.10 -12.68
CA ASP F 11 40.26 -28.67 -12.63
C ASP F 11 39.13 -27.87 -11.94
N LYS F 12 39.20 -27.81 -10.59
CA LYS F 12 38.23 -27.10 -9.73
C LYS F 12 38.48 -25.59 -9.65
N ASP F 13 39.60 -25.12 -10.28
CA ASP F 13 39.99 -23.70 -10.35
C ASP F 13 39.38 -22.94 -11.55
N GLY F 14 39.06 -23.67 -12.63
CA GLY F 14 38.47 -23.10 -13.84
C GLY F 14 39.45 -22.47 -14.80
N ASN F 15 40.75 -22.36 -14.40
CA ASN F 15 41.85 -21.78 -15.17
C ASN F 15 42.13 -22.54 -16.47
N GLY F 16 42.21 -23.86 -16.36
CA GLY F 16 42.52 -24.76 -17.46
C GLY F 16 43.76 -25.59 -17.19
N TYR F 17 44.38 -25.36 -16.00
CA TYR F 17 45.60 -26.04 -15.55
C TYR F 17 45.36 -27.02 -14.40
N ILE F 18 45.46 -28.34 -14.75
CA ILE F 18 45.34 -29.51 -13.87
C ILE F 18 46.77 -29.93 -13.47
N SER F 19 47.05 -29.96 -12.15
CA SER F 19 48.37 -30.32 -11.61
C SER F 19 48.82 -31.72 -12.00
N ALA F 20 50.06 -31.82 -12.51
CA ALA F 20 50.67 -33.09 -12.93
C ALA F 20 50.75 -34.07 -11.76
N ALA F 21 51.09 -33.57 -10.54
CA ALA F 21 51.18 -34.35 -9.30
C ALA F 21 49.83 -34.97 -8.95
N GLU F 22 48.75 -34.14 -9.00
CA GLU F 22 47.36 -34.55 -8.74
C GLU F 22 46.88 -35.51 -9.84
N LEU F 23 47.28 -35.25 -11.10
CA LEU F 23 46.95 -36.10 -12.26
C LEU F 23 47.54 -37.48 -12.09
N ARG F 24 48.85 -37.57 -11.73
CA ARG F 24 49.60 -38.80 -11.49
C ARG F 24 48.95 -39.63 -10.35
N HIS F 25 48.41 -38.94 -9.33
CA HIS F 25 47.77 -39.55 -8.16
C HIS F 25 46.55 -40.43 -8.47
N VAL F 26 45.55 -39.88 -9.17
CA VAL F 26 44.30 -40.58 -9.53
C VAL F 26 44.54 -41.75 -10.50
N MET F 27 45.56 -41.61 -11.40
CA MET F 27 45.98 -42.61 -12.40
C MET F 27 46.45 -43.91 -11.72
N THR F 28 47.19 -43.79 -10.61
CA THR F 28 47.73 -44.91 -9.84
C THR F 28 46.77 -45.47 -8.79
N ASN F 29 45.88 -44.63 -8.22
CA ASN F 29 44.93 -45.04 -7.16
C ASN F 29 43.46 -44.98 -7.61
N THR F 35 50.69 -49.87 -12.86
CA THR F 35 51.91 -49.45 -12.17
C THR F 35 52.46 -48.12 -12.70
N ASP F 36 53.45 -47.53 -11.97
CA ASP F 36 54.12 -46.26 -12.28
C ASP F 36 54.74 -46.21 -13.67
N GLU F 37 55.14 -47.38 -14.22
CA GLU F 37 55.77 -47.53 -15.54
C GLU F 37 55.02 -46.81 -16.67
N GLU F 38 53.69 -47.04 -16.79
CA GLU F 38 52.83 -46.44 -17.81
C GLU F 38 52.51 -44.98 -17.49
N VAL F 39 52.29 -44.68 -16.18
CA VAL F 39 51.94 -43.36 -15.65
C VAL F 39 53.03 -42.32 -15.98
N ASP F 40 54.30 -42.67 -15.70
CA ASP F 40 55.46 -41.81 -15.98
C ASP F 40 55.73 -41.64 -17.47
N GLU F 41 55.14 -42.52 -18.32
CA GLU F 41 55.23 -42.43 -19.78
C GLU F 41 54.31 -41.30 -20.24
N MET F 42 53.18 -41.10 -19.52
CA MET F 42 52.23 -40.02 -19.77
C MET F 42 52.77 -38.70 -19.23
N ILE F 43 53.51 -38.73 -18.09
CA ILE F 43 54.12 -37.56 -17.44
C ILE F 43 55.21 -36.97 -18.36
N ARG F 44 56.11 -37.83 -18.89
CA ARG F 44 57.21 -37.49 -19.81
C ARG F 44 56.69 -36.90 -21.12
N GLU F 45 55.47 -37.31 -21.51
CA GLU F 45 54.77 -36.86 -22.71
C GLU F 45 53.49 -36.06 -22.34
N ALA F 46 53.71 -34.92 -21.63
CA ALA F 46 52.77 -33.89 -21.15
C ALA F 46 53.60 -32.79 -20.47
N ASP F 47 53.88 -31.70 -21.23
CA ASP F 47 54.73 -30.55 -20.86
C ASP F 47 54.40 -29.87 -19.52
N ILE F 48 55.47 -29.62 -18.72
CA ILE F 48 55.44 -28.93 -17.42
C ILE F 48 56.02 -27.51 -17.66
N ASP F 49 55.18 -26.47 -17.49
CA ASP F 49 55.55 -25.07 -17.70
C ASP F 49 56.11 -24.39 -16.42
N GLY F 50 55.95 -23.07 -16.30
CA GLY F 50 56.40 -22.26 -15.17
C GLY F 50 55.75 -22.61 -13.86
N ASP F 51 54.41 -22.77 -13.85
CA ASP F 51 53.62 -23.12 -12.67
C ASP F 51 53.87 -24.56 -12.19
N GLY F 52 54.09 -25.47 -13.15
CA GLY F 52 54.34 -26.89 -12.91
C GLY F 52 53.23 -27.80 -13.43
N GLN F 53 51.99 -27.28 -13.44
CA GLN F 53 50.77 -27.95 -13.88
C GLN F 53 50.77 -28.16 -15.41
N VAL F 54 49.98 -29.14 -15.91
CA VAL F 54 49.90 -29.46 -17.34
C VAL F 54 48.47 -29.10 -17.84
N ASN F 55 48.37 -28.19 -18.85
CA ASN F 55 47.11 -27.73 -19.45
C ASN F 55 46.35 -28.88 -20.12
N TYR F 56 45.00 -28.94 -19.95
CA TYR F 56 44.22 -30.02 -20.55
C TYR F 56 44.00 -29.85 -22.07
N GLU F 57 44.14 -28.62 -22.62
CA GLU F 57 44.00 -28.38 -24.07
C GLU F 57 45.23 -28.94 -24.84
N GLU F 58 46.36 -29.18 -24.12
CA GLU F 58 47.59 -29.76 -24.66
C GLU F 58 47.37 -31.23 -25.07
N PHE F 59 46.92 -32.08 -24.09
CA PHE F 59 46.69 -33.52 -24.22
C PHE F 59 45.44 -33.91 -25.06
N VAL F 60 44.52 -32.95 -25.34
CA VAL F 60 43.33 -33.17 -26.18
C VAL F 60 43.77 -33.29 -27.66
N GLN F 61 44.62 -32.35 -28.11
CA GLN F 61 45.17 -32.27 -29.46
C GLN F 61 46.34 -33.23 -29.73
N MET F 62 46.76 -34.05 -28.74
CA MET F 62 47.87 -34.99 -28.94
C MET F 62 47.58 -36.47 -28.53
N MET F 63 46.51 -36.75 -27.74
CA MET F 63 46.20 -38.14 -27.34
C MET F 63 45.31 -38.88 -28.38
N THR F 64 45.36 -38.44 -29.66
CA THR F 64 44.65 -39.00 -30.83
C THR F 64 45.32 -38.59 -32.15
#